data_8IMH
#
_entry.id   8IMH
#
_entity_poly.entity_id   1
_entity_poly.type   'polypeptide(L)'
_entity_poly.pdbx_seq_one_letter_code
;SGSMKLSVSLSDDDVAILDAYVKRAGLPSRSAGLQHAIRVLRY
;
_entity_poly.pdbx_strand_id   A,B
#
# COMPACT_ATOMS: atom_id res chain seq x y z
N SER A 1 -5.12 9.09 14.58
CA SER A 1 -5.84 7.89 15.04
C SER A 1 -7.02 7.58 14.12
N GLY A 2 -6.71 7.23 12.88
CA GLY A 2 -7.74 6.92 11.92
C GLY A 2 -7.35 5.76 11.05
N SER A 3 -8.33 5.03 10.57
CA SER A 3 -8.08 3.88 9.73
C SER A 3 -9.10 3.79 8.62
N MET A 4 -8.65 3.37 7.45
CA MET A 4 -9.51 3.21 6.31
C MET A 4 -9.37 1.80 5.77
N LYS A 5 -10.46 1.06 5.78
CA LYS A 5 -10.42 -0.24 5.17
C LYS A 5 -10.52 -0.01 3.68
N LEU A 6 -9.47 -0.35 2.98
CA LEU A 6 -9.36 0.00 1.59
C LEU A 6 -9.18 -1.24 0.73
N SER A 7 -9.38 -1.07 -0.56
CA SER A 7 -9.20 -2.14 -1.52
C SER A 7 -8.15 -1.72 -2.54
N VAL A 8 -7.21 -2.59 -2.81
CA VAL A 8 -6.15 -2.29 -3.74
C VAL A 8 -5.96 -3.45 -4.68
N SER A 9 -5.67 -3.18 -5.93
CA SER A 9 -5.46 -4.23 -6.89
C SER A 9 -3.98 -4.34 -7.23
N LEU A 10 -3.38 -5.43 -6.83
CA LEU A 10 -1.97 -5.69 -7.08
C LEU A 10 -1.84 -6.85 -8.03
N SER A 11 -0.77 -6.85 -8.80
CA SER A 11 -0.51 -7.96 -9.71
C SER A 11 -0.33 -9.22 -8.90
N ASP A 12 -0.45 -10.35 -9.57
CA ASP A 12 -0.17 -11.62 -8.94
C ASP A 12 1.27 -11.58 -8.43
N ASP A 13 2.10 -10.86 -9.19
CA ASP A 13 3.50 -10.70 -8.87
C ASP A 13 3.71 -9.79 -7.65
N ASP A 14 2.96 -8.68 -7.61
CA ASP A 14 3.10 -7.67 -6.54
C ASP A 14 2.75 -8.25 -5.18
N VAL A 15 1.58 -8.86 -5.08
CA VAL A 15 1.14 -9.42 -3.81
C VAL A 15 2.07 -10.53 -3.35
N ALA A 16 2.61 -11.30 -4.29
CA ALA A 16 3.54 -12.36 -3.97
C ALA A 16 4.80 -11.78 -3.33
N ILE A 17 5.23 -10.62 -3.81
CA ILE A 17 6.39 -9.93 -3.25
C ILE A 17 6.04 -9.36 -1.88
N LEU A 18 4.89 -8.72 -1.80
CA LEU A 18 4.43 -8.13 -0.55
C LEU A 18 4.32 -9.20 0.54
N ASP A 19 3.70 -10.33 0.20
CA ASP A 19 3.55 -11.44 1.13
C ASP A 19 4.91 -11.95 1.58
N ALA A 20 5.82 -12.10 0.63
CA ALA A 20 7.16 -12.57 0.92
C ALA A 20 7.87 -11.60 1.85
N TYR A 21 7.75 -10.31 1.55
CA TYR A 21 8.36 -9.28 2.38
C TYR A 21 7.77 -9.27 3.78
N VAL A 22 6.45 -9.33 3.85
CA VAL A 22 5.74 -9.32 5.13
C VAL A 22 6.17 -10.49 6.02
N LYS A 23 6.14 -11.69 5.48
CA LYS A 23 6.52 -12.87 6.25
C LYS A 23 8.03 -12.89 6.54
N ARG A 24 8.82 -12.36 5.62
CA ARG A 24 10.27 -12.36 5.75
C ARG A 24 10.72 -11.39 6.86
N ALA A 25 10.12 -10.22 6.89
CA ALA A 25 10.48 -9.20 7.88
C ALA A 25 9.75 -9.45 9.20
N GLY A 26 8.79 -10.35 9.19
CA GLY A 26 8.05 -10.66 10.39
C GLY A 26 7.03 -9.61 10.70
N LEU A 27 6.34 -9.13 9.69
CA LEU A 27 5.32 -8.12 9.86
C LEU A 27 3.99 -8.77 10.20
N PRO A 28 3.18 -8.13 11.08
CA PRO A 28 1.88 -8.68 11.51
C PRO A 28 0.89 -8.88 10.38
N SER A 29 0.94 -8.00 9.39
CA SER A 29 0.01 -8.06 8.28
C SER A 29 0.52 -7.21 7.13
N ARG A 30 -0.21 -7.24 6.01
CA ARG A 30 0.13 -6.47 4.83
C ARG A 30 0.10 -4.97 5.14
N SER A 31 -0.72 -4.58 6.11
CA SER A 31 -0.81 -3.18 6.54
C SER A 31 0.56 -2.69 7.01
N ALA A 32 1.22 -3.47 7.85
CA ALA A 32 2.54 -3.12 8.37
C ALA A 32 3.53 -2.98 7.23
N GLY A 33 3.36 -3.80 6.20
CA GLY A 33 4.20 -3.71 5.03
C GLY A 33 3.99 -2.40 4.31
N LEU A 34 2.73 -1.98 4.27
CA LEU A 34 2.36 -0.72 3.65
C LEU A 34 2.90 0.45 4.45
N GLN A 35 2.99 0.29 5.77
CA GLN A 35 3.58 1.33 6.62
C GLN A 35 5.02 1.63 6.18
N HIS A 36 5.78 0.58 5.94
CA HIS A 36 7.16 0.73 5.47
C HIS A 36 7.17 1.32 4.05
N ALA A 37 6.23 0.84 3.24
CA ALA A 37 6.10 1.25 1.84
C ALA A 37 5.76 2.75 1.73
N ILE A 38 4.80 3.19 2.51
CA ILE A 38 4.39 4.60 2.51
C ILE A 38 5.54 5.50 2.98
N ARG A 39 6.27 5.03 3.98
CA ARG A 39 7.40 5.78 4.55
C ARG A 39 8.44 6.14 3.47
N VAL A 40 8.80 5.16 2.65
CA VAL A 40 9.83 5.36 1.63
C VAL A 40 9.30 6.20 0.45
N LEU A 41 7.99 6.25 0.31
CA LEU A 41 7.37 7.03 -0.75
C LEU A 41 7.18 8.48 -0.33
N ARG A 42 7.07 8.70 0.98
CA ARG A 42 6.88 10.04 1.51
C ARG A 42 8.16 10.84 1.39
N TYR A 43 9.26 10.27 1.83
CA TYR A 43 10.53 10.94 1.79
C TYR A 43 11.39 10.37 0.68
N SER B 1 -5.98 -5.14 -16.00
CA SER B 1 -5.63 -6.24 -16.93
C SER B 1 -6.02 -7.61 -16.36
N GLY B 2 -6.08 -7.70 -15.04
CA GLY B 2 -6.42 -8.95 -14.40
C GLY B 2 -5.50 -9.26 -13.26
N SER B 3 -5.67 -8.54 -12.17
CA SER B 3 -4.84 -8.71 -11.01
C SER B 3 -5.68 -9.11 -9.79
N MET B 4 -5.08 -9.06 -8.62
CA MET B 4 -5.75 -9.44 -7.38
C MET B 4 -6.36 -8.23 -6.71
N LYS B 5 -7.29 -8.47 -5.81
CA LYS B 5 -7.89 -7.41 -5.03
C LYS B 5 -7.66 -7.69 -3.55
N LEU B 6 -6.92 -6.84 -2.92
CA LEU B 6 -6.61 -6.99 -1.52
C LEU B 6 -7.41 -6.00 -0.70
N SER B 7 -7.96 -6.47 0.39
CA SER B 7 -8.63 -5.59 1.31
C SER B 7 -7.74 -5.41 2.52
N VAL B 8 -7.25 -4.21 2.68
CA VAL B 8 -6.31 -3.93 3.74
C VAL B 8 -6.81 -2.76 4.55
N SER B 9 -6.52 -2.77 5.82
CA SER B 9 -6.86 -1.66 6.65
C SER B 9 -5.63 -0.79 6.80
N LEU B 10 -5.68 0.37 6.21
CA LEU B 10 -4.55 1.26 6.22
C LEU B 10 -4.86 2.48 7.07
N SER B 11 -3.84 3.04 7.69
CA SER B 11 -4.02 4.19 8.56
C SER B 11 -4.39 5.43 7.75
N ASP B 12 -5.00 6.40 8.43
CA ASP B 12 -5.46 7.64 7.81
C ASP B 12 -4.30 8.44 7.20
N ASP B 13 -3.20 8.52 7.92
CA ASP B 13 -2.03 9.24 7.43
C ASP B 13 -1.42 8.52 6.24
N ASP B 14 -1.33 7.21 6.35
CA ASP B 14 -0.71 6.39 5.32
C ASP B 14 -1.43 6.53 3.98
N VAL B 15 -2.76 6.41 3.99
CA VAL B 15 -3.52 6.54 2.75
C VAL B 15 -3.38 7.95 2.17
N ALA B 16 -3.32 8.95 3.05
CA ALA B 16 -3.15 10.34 2.63
C ALA B 16 -1.79 10.53 1.97
N ILE B 17 -0.77 9.84 2.48
CA ILE B 17 0.56 9.90 1.91
C ILE B 17 0.59 9.20 0.56
N LEU B 18 -0.04 8.03 0.50
CA LEU B 18 -0.12 7.28 -0.73
C LEU B 18 -0.80 8.10 -1.81
N ASP B 19 -1.93 8.71 -1.45
CA ASP B 19 -2.70 9.55 -2.36
C ASP B 19 -1.84 10.72 -2.87
N ALA B 20 -0.97 11.21 -2.00
CA ALA B 20 -0.06 12.29 -2.35
C ALA B 20 0.92 11.84 -3.42
N TYR B 21 1.45 10.64 -3.27
CA TYR B 21 2.39 10.08 -4.22
C TYR B 21 1.68 9.75 -5.54
N VAL B 22 0.48 9.20 -5.44
CA VAL B 22 -0.31 8.84 -6.61
C VAL B 22 -0.51 10.03 -7.54
N LYS B 23 -0.98 11.14 -6.98
CA LYS B 23 -1.20 12.35 -7.77
C LYS B 23 0.13 12.94 -8.25
N ARG B 24 1.18 12.79 -7.44
CA ARG B 24 2.50 13.33 -7.75
C ARG B 24 3.08 12.70 -9.02
N ALA B 25 2.95 11.39 -9.12
CA ALA B 25 3.49 10.67 -10.25
C ALA B 25 2.47 10.52 -11.38
N GLY B 26 1.29 11.11 -11.19
CA GLY B 26 0.25 11.02 -12.20
C GLY B 26 -0.22 9.60 -12.42
N LEU B 27 -0.38 8.86 -11.34
CA LEU B 27 -0.79 7.49 -11.41
C LEU B 27 -2.30 7.37 -11.57
N PRO B 28 -2.80 6.27 -12.16
CA PRO B 28 -4.22 6.08 -12.41
C PRO B 28 -5.02 5.74 -11.15
N SER B 29 -4.41 5.03 -10.23
CA SER B 29 -5.10 4.61 -9.03
C SER B 29 -4.14 4.41 -7.88
N ARG B 30 -4.68 4.10 -6.70
CA ARG B 30 -3.88 3.85 -5.51
C ARG B 30 -3.05 2.59 -5.70
N SER B 31 -3.57 1.68 -6.50
CA SER B 31 -2.91 0.42 -6.78
C SER B 31 -1.53 0.63 -7.41
N ALA B 32 -1.47 1.49 -8.43
CA ALA B 32 -0.22 1.78 -9.11
C ALA B 32 0.80 2.38 -8.15
N GLY B 33 0.31 3.10 -7.15
CA GLY B 33 1.18 3.68 -6.16
C GLY B 33 1.83 2.63 -5.29
N LEU B 34 1.04 1.68 -4.83
CA LEU B 34 1.55 0.61 -3.99
C LEU B 34 2.40 -0.38 -4.77
N GLN B 35 2.12 -0.53 -6.06
CA GLN B 35 2.92 -1.41 -6.90
C GLN B 35 4.35 -0.88 -7.00
N HIS B 36 4.47 0.45 -7.03
CA HIS B 36 5.77 1.10 -7.02
C HIS B 36 6.47 0.86 -5.70
N ALA B 37 5.70 0.96 -4.63
CA ALA B 37 6.22 0.78 -3.29
C ALA B 37 6.67 -0.66 -3.05
N ILE B 38 5.84 -1.62 -3.44
CA ILE B 38 6.19 -3.02 -3.32
C ILE B 38 7.46 -3.32 -4.13
N ARG B 39 7.53 -2.72 -5.30
CA ARG B 39 8.69 -2.88 -6.18
C ARG B 39 9.93 -2.21 -5.62
N VAL B 40 9.79 -1.08 -4.93
CA VAL B 40 10.98 -0.41 -4.38
C VAL B 40 11.50 -1.15 -3.15
N LEU B 41 10.67 -2.02 -2.59
CA LEU B 41 11.06 -2.84 -1.45
C LEU B 41 11.89 -4.03 -1.90
N ARG B 42 11.62 -4.51 -3.11
CA ARG B 42 12.34 -5.64 -3.66
C ARG B 42 13.38 -5.19 -4.67
N TYR B 43 13.13 -4.01 -5.27
CA TYR B 43 13.98 -3.40 -6.30
C TYR B 43 13.69 -4.01 -7.67
N SER A 1 6.07 1.98 13.01
CA SER A 1 5.14 2.95 12.42
C SER A 1 4.37 3.70 13.50
N GLY A 2 3.48 4.60 13.10
CA GLY A 2 2.71 5.36 14.06
C GLY A 2 3.09 6.83 14.06
N SER A 3 4.36 7.08 13.77
CA SER A 3 4.90 8.43 13.78
C SER A 3 4.26 9.30 12.70
N MET A 4 4.43 8.93 11.45
CA MET A 4 3.91 9.70 10.35
C MET A 4 2.52 9.22 9.93
N LYS A 5 1.62 10.15 9.73
CA LYS A 5 0.27 9.83 9.31
C LYS A 5 -0.04 10.53 7.99
N LEU A 6 -0.56 9.78 7.05
CA LEU A 6 -0.91 10.33 5.74
C LEU A 6 -2.26 9.82 5.28
N SER A 7 -2.92 10.59 4.43
CA SER A 7 -4.21 10.21 3.90
C SER A 7 -4.08 9.80 2.44
N VAL A 8 -4.74 8.73 2.07
CA VAL A 8 -4.69 8.22 0.71
C VAL A 8 -6.09 7.90 0.22
N SER A 9 -6.29 8.08 -1.07
CA SER A 9 -7.54 7.72 -1.68
C SER A 9 -7.37 6.37 -2.33
N LEU A 10 -8.04 5.40 -1.78
CA LEU A 10 -7.91 4.03 -2.20
C LEU A 10 -9.21 3.55 -2.81
N SER A 11 -9.15 2.47 -3.56
CA SER A 11 -10.34 1.94 -4.18
C SER A 11 -11.13 1.11 -3.15
N ASP A 12 -12.43 0.96 -3.37
CA ASP A 12 -13.28 0.22 -2.43
C ASP A 12 -12.92 -1.26 -2.42
N ASP A 13 -12.69 -1.82 -3.60
CA ASP A 13 -12.27 -3.21 -3.71
C ASP A 13 -10.85 -3.39 -3.20
N ASP A 14 -9.99 -2.45 -3.54
CA ASP A 14 -8.58 -2.48 -3.18
C ASP A 14 -8.38 -2.46 -1.67
N VAL A 15 -9.04 -1.52 -0.99
CA VAL A 15 -8.95 -1.43 0.46
C VAL A 15 -9.44 -2.74 1.11
N ALA A 16 -10.43 -3.37 0.49
CA ALA A 16 -10.98 -4.62 0.98
C ALA A 16 -9.96 -5.75 0.81
N ILE A 17 -9.10 -5.65 -0.20
CA ILE A 17 -8.06 -6.64 -0.42
C ILE A 17 -7.05 -6.54 0.72
N LEU A 18 -6.66 -5.32 1.03
CA LEU A 18 -5.76 -5.06 2.14
C LEU A 18 -6.40 -5.52 3.44
N ASP A 19 -7.68 -5.20 3.59
CA ASP A 19 -8.45 -5.58 4.78
C ASP A 19 -8.43 -7.08 4.99
N ALA A 20 -8.57 -7.82 3.90
CA ALA A 20 -8.57 -9.28 3.95
C ALA A 20 -7.24 -9.80 4.50
N TYR A 21 -6.14 -9.21 4.05
CA TYR A 21 -4.83 -9.60 4.53
C TYR A 21 -4.65 -9.18 5.98
N VAL A 22 -5.02 -7.95 6.28
CA VAL A 22 -4.90 -7.39 7.62
C VAL A 22 -5.62 -8.25 8.66
N LYS A 23 -6.88 -8.57 8.38
CA LYS A 23 -7.67 -9.36 9.30
C LYS A 23 -7.16 -10.80 9.39
N ARG A 24 -6.64 -11.32 8.28
CA ARG A 24 -6.13 -12.68 8.22
C ARG A 24 -4.83 -12.83 9.01
N ALA A 25 -3.93 -11.86 8.84
CA ALA A 25 -2.63 -11.89 9.49
C ALA A 25 -2.72 -11.50 10.96
N GLY A 26 -3.88 -11.01 11.36
CA GLY A 26 -4.07 -10.62 12.74
C GLY A 26 -3.46 -9.27 13.04
N LEU A 27 -3.61 -8.35 12.11
CA LEU A 27 -3.07 -7.01 12.25
C LEU A 27 -4.16 -6.06 12.77
N PRO A 28 -3.83 -5.24 13.78
CA PRO A 28 -4.80 -4.34 14.42
C PRO A 28 -5.28 -3.17 13.54
N SER A 29 -4.50 -2.81 12.54
CA SER A 29 -4.86 -1.67 11.70
C SER A 29 -4.36 -1.87 10.28
N ARG A 30 -4.99 -1.15 9.34
CA ARG A 30 -4.59 -1.20 7.93
C ARG A 30 -3.16 -0.72 7.77
N SER A 31 -2.73 0.15 8.69
CA SER A 31 -1.39 0.69 8.69
C SER A 31 -0.36 -0.44 8.75
N ALA A 32 -0.58 -1.37 9.67
CA ALA A 32 0.32 -2.51 9.84
C ALA A 32 0.34 -3.37 8.57
N GLY A 33 -0.78 -3.39 7.87
CA GLY A 33 -0.87 -4.11 6.63
C GLY A 33 0.03 -3.48 5.58
N LEU A 34 0.10 -2.15 5.60
CA LEU A 34 0.93 -1.41 4.68
C LEU A 34 2.40 -1.63 4.96
N GLN A 35 2.74 -1.88 6.23
CA GLN A 35 4.12 -2.17 6.59
C GLN A 35 4.59 -3.40 5.82
N HIS A 36 3.74 -4.42 5.77
CA HIS A 36 4.04 -5.65 5.03
C HIS A 36 4.09 -5.36 3.54
N ALA A 37 3.08 -4.66 3.06
CA ALA A 37 2.96 -4.32 1.63
C ALA A 37 4.16 -3.52 1.15
N ILE A 38 4.58 -2.57 1.95
CA ILE A 38 5.72 -1.73 1.62
C ILE A 38 7.02 -2.53 1.68
N ARG A 39 7.13 -3.41 2.65
CA ARG A 39 8.33 -4.24 2.80
C ARG A 39 8.53 -5.12 1.56
N VAL A 40 7.46 -5.73 1.08
CA VAL A 40 7.55 -6.58 -0.09
C VAL A 40 7.64 -5.71 -1.36
N LEU A 41 7.29 -4.44 -1.21
CA LEU A 41 7.34 -3.50 -2.30
C LEU A 41 8.75 -2.93 -2.45
N ARG A 42 9.48 -2.89 -1.32
CA ARG A 42 10.86 -2.42 -1.30
C ARG A 42 11.71 -3.25 -2.22
N TYR A 43 11.50 -4.55 -2.16
CA TYR A 43 12.25 -5.51 -2.94
C TYR A 43 12.29 -5.13 -4.42
N SER B 1 -8.42 3.97 -7.64
CA SER B 1 -8.39 4.95 -6.55
C SER B 1 -9.53 5.95 -6.72
N GLY B 2 -9.83 6.70 -5.67
CA GLY B 2 -10.91 7.67 -5.74
C GLY B 2 -12.22 7.14 -5.20
N SER B 3 -12.14 6.11 -4.38
CA SER B 3 -13.34 5.51 -3.82
C SER B 3 -13.44 5.81 -2.34
N MET B 4 -12.50 5.29 -1.57
CA MET B 4 -12.50 5.44 -0.14
C MET B 4 -11.23 6.15 0.30
N LYS B 5 -11.40 7.22 1.05
CA LYS B 5 -10.28 7.96 1.58
C LYS B 5 -9.98 7.50 2.98
N LEU B 6 -8.75 7.13 3.24
CA LEU B 6 -8.37 6.68 4.56
C LEU B 6 -7.02 7.23 4.97
N SER B 7 -6.73 7.17 6.25
CA SER B 7 -5.47 7.62 6.77
C SER B 7 -4.75 6.46 7.41
N VAL B 8 -3.46 6.38 7.18
CA VAL B 8 -2.65 5.31 7.71
C VAL B 8 -1.45 5.84 8.45
N SER B 9 -1.00 5.09 9.42
CA SER B 9 0.14 5.47 10.20
C SER B 9 1.37 4.70 9.73
N LEU B 10 2.29 5.40 9.15
CA LEU B 10 3.49 4.81 8.58
C LEU B 10 4.74 5.39 9.23
N SER B 11 5.83 4.69 9.10
CA SER B 11 7.09 5.19 9.59
C SER B 11 7.72 6.02 8.49
N ASP B 12 8.72 6.82 8.83
CA ASP B 12 9.40 7.62 7.81
C ASP B 12 10.08 6.69 6.81
N ASP B 13 10.53 5.52 7.29
CA ASP B 13 11.12 4.50 6.43
C ASP B 13 10.08 3.98 5.43
N ASP B 14 8.88 3.73 5.93
CA ASP B 14 7.79 3.18 5.10
C ASP B 14 7.44 4.12 3.97
N VAL B 15 7.18 5.38 4.31
CA VAL B 15 6.79 6.36 3.32
C VAL B 15 7.91 6.59 2.30
N ALA B 16 9.16 6.53 2.78
CA ALA B 16 10.32 6.70 1.92
C ALA B 16 10.36 5.60 0.85
N ILE B 17 10.10 4.36 1.27
CA ILE B 17 10.10 3.24 0.36
C ILE B 17 8.96 3.38 -0.64
N LEU B 18 7.77 3.75 -0.14
CA LEU B 18 6.61 3.92 -1.00
C LEU B 18 6.87 5.01 -2.02
N ASP B 19 7.36 6.15 -1.54
CA ASP B 19 7.64 7.29 -2.41
C ASP B 19 8.71 6.93 -3.42
N ALA B 20 9.64 6.09 -3.00
CA ALA B 20 10.68 5.60 -3.89
C ALA B 20 10.08 4.70 -4.94
N TYR B 21 9.17 3.82 -4.52
CA TYR B 21 8.51 2.90 -5.44
C TYR B 21 7.60 3.64 -6.40
N VAL B 22 6.96 4.70 -5.92
CA VAL B 22 6.07 5.49 -6.75
C VAL B 22 6.80 5.97 -8.02
N LYS B 23 7.95 6.61 -7.83
CA LYS B 23 8.76 7.02 -8.97
C LYS B 23 9.41 5.82 -9.67
N ARG B 24 9.73 4.79 -8.89
CA ARG B 24 10.38 3.57 -9.38
C ARG B 24 9.54 2.87 -10.46
N ALA B 25 8.24 2.77 -10.22
CA ALA B 25 7.35 2.09 -11.15
C ALA B 25 6.66 3.06 -12.11
N GLY B 26 7.05 4.32 -12.05
CA GLY B 26 6.46 5.32 -12.93
C GLY B 26 5.01 5.63 -12.56
N LEU B 27 4.76 5.74 -11.27
CA LEU B 27 3.44 6.03 -10.78
C LEU B 27 3.34 7.51 -10.41
N PRO B 28 2.18 8.12 -10.62
CA PRO B 28 1.98 9.54 -10.32
C PRO B 28 1.57 9.83 -8.88
N SER B 29 1.04 8.84 -8.17
CA SER B 29 0.55 9.06 -6.82
C SER B 29 0.89 7.91 -5.89
N ARG B 30 0.86 8.19 -4.59
CA ARG B 30 1.08 7.17 -3.58
C ARG B 30 -0.08 6.19 -3.57
N SER B 31 -1.25 6.67 -3.96
CA SER B 31 -2.44 5.84 -4.10
C SER B 31 -2.17 4.73 -5.11
N ALA B 32 -1.54 5.09 -6.23
CA ALA B 32 -1.17 4.12 -7.25
C ALA B 32 -0.10 3.19 -6.72
N GLY B 33 0.75 3.72 -5.85
CA GLY B 33 1.80 2.92 -5.24
C GLY B 33 1.22 1.85 -4.34
N LEU B 34 0.28 2.23 -3.48
CA LEU B 34 -0.38 1.29 -2.59
C LEU B 34 -1.25 0.33 -3.37
N GLN B 35 -1.77 0.79 -4.49
CA GLN B 35 -2.59 -0.04 -5.37
C GLN B 35 -1.77 -1.26 -5.80
N HIS B 36 -0.52 -1.00 -6.20
CA HIS B 36 0.41 -2.06 -6.57
C HIS B 36 0.77 -2.90 -5.35
N ALA B 37 1.04 -2.23 -4.24
CA ALA B 37 1.43 -2.87 -2.99
C ALA B 37 0.39 -3.88 -2.50
N ILE B 38 -0.87 -3.47 -2.54
CA ILE B 38 -1.95 -4.33 -2.12
C ILE B 38 -2.13 -5.48 -3.09
N ARG B 39 -1.99 -5.20 -4.39
CA ARG B 39 -2.12 -6.22 -5.40
C ARG B 39 -1.06 -7.32 -5.24
N VAL B 40 0.19 -6.91 -5.01
CA VAL B 40 1.28 -7.87 -4.86
C VAL B 40 1.18 -8.61 -3.52
N LEU B 41 0.48 -8.01 -2.57
CA LEU B 41 0.27 -8.60 -1.26
C LEU B 41 -0.72 -9.74 -1.39
N ARG B 42 -1.63 -9.59 -2.31
CA ARG B 42 -2.64 -10.57 -2.57
C ARG B 42 -2.12 -11.62 -3.54
N TYR B 43 -1.86 -11.18 -4.76
CA TYR B 43 -1.44 -12.08 -5.84
C TYR B 43 -0.68 -11.30 -6.91
N SER A 1 9.35 -5.06 12.03
CA SER A 1 8.02 -4.61 11.63
C SER A 1 7.35 -3.83 12.75
N GLY A 2 7.43 -2.52 12.69
CA GLY A 2 6.83 -1.69 13.71
C GLY A 2 7.52 -0.36 13.85
N SER A 3 7.93 0.21 12.74
CA SER A 3 8.61 1.49 12.75
C SER A 3 7.62 2.64 12.75
N MET A 4 6.89 2.78 11.67
CA MET A 4 5.94 3.86 11.53
C MET A 4 4.54 3.33 11.27
N LYS A 5 3.69 3.41 12.27
CA LYS A 5 2.30 3.03 12.11
C LYS A 5 1.50 4.25 11.70
N LEU A 6 0.92 4.19 10.53
CA LEU A 6 0.18 5.30 9.99
C LEU A 6 -1.19 4.86 9.50
N SER A 7 -2.06 5.81 9.25
CA SER A 7 -3.39 5.51 8.78
C SER A 7 -3.54 5.95 7.33
N VAL A 8 -4.23 5.15 6.55
CA VAL A 8 -4.44 5.45 5.14
C VAL A 8 -5.92 5.51 4.83
N SER A 9 -6.29 6.31 3.86
CA SER A 9 -7.66 6.40 3.44
C SER A 9 -7.84 5.58 2.17
N LEU A 10 -8.57 4.49 2.30
CA LEU A 10 -8.80 3.58 1.19
C LEU A 10 -10.28 3.44 0.90
N SER A 11 -10.61 3.00 -0.29
CA SER A 11 -11.99 2.75 -0.64
C SER A 11 -12.30 1.26 -0.45
N ASP A 12 -13.55 0.89 -0.57
CA ASP A 12 -13.95 -0.51 -0.41
C ASP A 12 -13.30 -1.36 -1.50
N ASP A 13 -13.12 -0.76 -2.67
CA ASP A 13 -12.49 -1.44 -3.79
C ASP A 13 -11.01 -1.71 -3.53
N ASP A 14 -10.33 -0.71 -2.99
CA ASP A 14 -8.89 -0.79 -2.75
C ASP A 14 -8.55 -1.89 -1.75
N VAL A 15 -9.21 -1.86 -0.60
CA VAL A 15 -8.98 -2.86 0.45
C VAL A 15 -9.31 -4.26 -0.07
N ALA A 16 -10.34 -4.37 -0.90
CA ALA A 16 -10.77 -5.66 -1.44
C ALA A 16 -9.72 -6.22 -2.41
N ILE A 17 -9.19 -5.34 -3.26
CA ILE A 17 -8.17 -5.74 -4.23
C ILE A 17 -6.88 -6.13 -3.52
N LEU A 18 -6.47 -5.32 -2.56
CA LEU A 18 -5.26 -5.58 -1.79
C LEU A 18 -5.41 -6.87 -0.99
N ASP A 19 -6.59 -7.06 -0.39
CA ASP A 19 -6.88 -8.26 0.40
C ASP A 19 -6.73 -9.51 -0.45
N ALA A 20 -7.11 -9.42 -1.72
CA ALA A 20 -7.00 -10.53 -2.65
C ALA A 20 -5.54 -10.95 -2.80
N TYR A 21 -4.65 -9.98 -2.88
CA TYR A 21 -3.23 -10.25 -2.98
C TYR A 21 -2.68 -10.77 -1.65
N VAL A 22 -3.10 -10.13 -0.56
CA VAL A 22 -2.64 -10.49 0.78
C VAL A 22 -2.91 -11.97 1.07
N LYS A 23 -4.14 -12.41 0.84
CA LYS A 23 -4.50 -13.80 1.07
C LYS A 23 -3.78 -14.74 0.09
N ARG A 24 -3.58 -14.26 -1.15
CA ARG A 24 -2.95 -15.06 -2.19
C ARG A 24 -1.48 -15.35 -1.86
N ALA A 25 -0.77 -14.33 -1.42
CA ALA A 25 0.64 -14.46 -1.10
C ALA A 25 0.84 -14.96 0.33
N GLY A 26 -0.27 -15.18 1.02
CA GLY A 26 -0.23 -15.67 2.39
C GLY A 26 0.42 -14.69 3.32
N LEU A 27 0.15 -13.41 3.13
CA LEU A 27 0.72 -12.37 3.95
C LEU A 27 -0.01 -12.29 5.29
N PRO A 28 0.76 -12.13 6.39
CA PRO A 28 0.20 -12.11 7.74
C PRO A 28 -0.72 -10.91 8.01
N SER A 29 -0.50 -9.81 7.32
CA SER A 29 -1.28 -8.60 7.55
C SER A 29 -1.36 -7.77 6.28
N ARG A 30 -2.34 -6.88 6.22
CA ARG A 30 -2.55 -6.02 5.08
C ARG A 30 -1.37 -5.04 4.93
N SER A 31 -0.73 -4.71 6.06
CA SER A 31 0.45 -3.84 6.04
C SER A 31 1.54 -4.46 5.15
N ALA A 32 1.70 -5.78 5.22
CA ALA A 32 2.68 -6.48 4.42
C ALA A 32 2.34 -6.36 2.94
N GLY A 33 1.04 -6.23 2.66
CA GLY A 33 0.60 -6.05 1.30
C GLY A 33 1.04 -4.72 0.75
N LEU A 34 1.00 -3.69 1.60
CA LEU A 34 1.43 -2.35 1.21
C LEU A 34 2.91 -2.33 0.92
N GLN A 35 3.67 -3.06 1.72
CA GLN A 35 5.11 -3.17 1.52
C GLN A 35 5.41 -3.72 0.13
N HIS A 36 4.65 -4.74 -0.25
CA HIS A 36 4.79 -5.35 -1.57
C HIS A 36 4.34 -4.36 -2.66
N ALA A 37 3.23 -3.68 -2.40
CA ALA A 37 2.69 -2.70 -3.32
C ALA A 37 3.68 -1.56 -3.55
N ILE A 38 4.36 -1.16 -2.50
CA ILE A 38 5.37 -0.13 -2.57
C ILE A 38 6.57 -0.62 -3.39
N ARG A 39 6.95 -1.88 -3.20
CA ARG A 39 8.07 -2.47 -3.92
C ARG A 39 7.81 -2.48 -5.43
N VAL A 40 6.61 -2.89 -5.82
CA VAL A 40 6.25 -2.96 -7.24
C VAL A 40 5.99 -1.55 -7.78
N LEU A 41 5.76 -0.61 -6.88
CA LEU A 41 5.51 0.77 -7.25
C LEU A 41 6.83 1.48 -7.54
N ARG A 42 7.87 1.05 -6.85
CA ARG A 42 9.18 1.64 -6.98
C ARG A 42 9.85 1.19 -8.27
N TYR A 43 9.71 -0.08 -8.58
CA TYR A 43 10.37 -0.64 -9.74
C TYR A 43 9.38 -0.90 -10.85
N SER B 1 -12.44 7.14 -2.05
CA SER B 1 -11.40 7.01 -1.02
C SER B 1 -11.84 7.66 0.27
N GLY B 2 -11.35 7.13 1.40
CA GLY B 2 -11.73 7.68 2.68
C GLY B 2 -12.85 6.90 3.31
N SER B 3 -13.37 5.95 2.56
CA SER B 3 -14.46 5.11 3.00
C SER B 3 -14.02 4.25 4.17
N MET B 4 -12.89 3.58 3.98
CA MET B 4 -12.35 2.70 4.99
C MET B 4 -10.97 3.17 5.41
N LYS B 5 -10.83 3.48 6.67
CA LYS B 5 -9.55 3.90 7.23
C LYS B 5 -8.91 2.73 7.95
N LEU B 6 -7.62 2.56 7.75
CA LEU B 6 -6.89 1.49 8.39
C LEU B 6 -5.54 1.94 8.91
N SER B 7 -5.03 1.23 9.89
CA SER B 7 -3.73 1.53 10.46
C SER B 7 -2.73 0.48 10.00
N VAL B 8 -1.71 0.92 9.34
CA VAL B 8 -0.71 0.03 8.80
C VAL B 8 0.66 0.32 9.36
N SER B 9 1.48 -0.69 9.42
CA SER B 9 2.83 -0.54 9.91
C SER B 9 3.81 -0.55 8.74
N LEU B 10 4.42 0.59 8.51
CA LEU B 10 5.38 0.75 7.43
C LEU B 10 6.74 1.09 7.99
N SER B 11 7.77 0.70 7.29
CA SER B 11 9.12 1.02 7.72
C SER B 11 9.53 2.38 7.16
N ASP B 12 10.55 2.98 7.74
CA ASP B 12 11.00 4.32 7.34
C ASP B 12 11.39 4.38 5.88
N ASP B 13 12.09 3.37 5.41
CA ASP B 13 12.50 3.32 4.01
C ASP B 13 11.29 3.09 3.11
N ASP B 14 10.43 2.18 3.53
CA ASP B 14 9.23 1.82 2.75
C ASP B 14 8.31 3.02 2.56
N VAL B 15 8.03 3.73 3.64
CA VAL B 15 7.16 4.90 3.58
C VAL B 15 7.81 6.01 2.73
N ALA B 16 9.13 6.10 2.81
CA ALA B 16 9.88 7.08 2.03
C ALA B 16 9.76 6.79 0.54
N ILE B 17 9.69 5.50 0.19
CA ILE B 17 9.53 5.09 -1.20
C ILE B 17 8.15 5.50 -1.71
N LEU B 18 7.14 5.29 -0.87
CA LEU B 18 5.79 5.70 -1.20
C LEU B 18 5.77 7.21 -1.40
N ASP B 19 6.40 7.92 -0.48
CA ASP B 19 6.52 9.38 -0.55
C ASP B 19 7.19 9.79 -1.85
N ALA B 20 8.22 9.05 -2.24
CA ALA B 20 8.96 9.32 -3.46
C ALA B 20 8.04 9.23 -4.68
N TYR B 21 7.17 8.24 -4.69
CA TYR B 21 6.22 8.07 -5.78
C TYR B 21 5.17 9.16 -5.74
N VAL B 22 4.67 9.46 -4.54
CA VAL B 22 3.66 10.48 -4.35
C VAL B 22 4.14 11.83 -4.91
N LYS B 23 5.33 12.24 -4.51
CA LYS B 23 5.90 13.51 -4.96
C LYS B 23 6.23 13.46 -6.46
N ARG B 24 6.63 12.28 -6.94
CA ARG B 24 6.97 12.11 -8.36
C ARG B 24 5.74 12.23 -9.26
N ALA B 25 4.65 11.60 -8.84
CA ALA B 25 3.42 11.60 -9.62
C ALA B 25 2.60 12.84 -9.37
N GLY B 26 3.00 13.63 -8.40
CA GLY B 26 2.27 14.86 -8.08
C GLY B 26 0.96 14.56 -7.38
N LEU B 27 1.00 13.62 -6.46
CA LEU B 27 -0.19 13.21 -5.74
C LEU B 27 -0.34 14.02 -4.44
N PRO B 28 -1.58 14.23 -3.99
CA PRO B 28 -1.87 15.04 -2.79
C PRO B 28 -1.49 14.36 -1.47
N SER B 29 -1.56 13.02 -1.42
CA SER B 29 -1.27 12.31 -0.17
C SER B 29 -0.85 10.86 -0.44
N ARG B 30 -0.36 10.19 0.63
CA ARG B 30 0.09 8.79 0.56
C ARG B 30 -1.04 7.87 0.10
N SER B 31 -2.26 8.16 0.53
CA SER B 31 -3.42 7.37 0.15
C SER B 31 -3.56 7.28 -1.36
N ALA B 32 -3.33 8.39 -2.04
CA ALA B 32 -3.43 8.42 -3.49
C ALA B 32 -2.38 7.51 -4.12
N GLY B 33 -1.21 7.45 -3.49
CA GLY B 33 -0.15 6.60 -3.97
C GLY B 33 -0.47 5.13 -3.81
N LEU B 34 -1.02 4.77 -2.65
CA LEU B 34 -1.38 3.40 -2.35
C LEU B 34 -2.51 2.90 -3.24
N GLN B 35 -3.42 3.79 -3.59
CA GLN B 35 -4.51 3.44 -4.49
C GLN B 35 -3.94 2.94 -5.82
N HIS B 36 -2.95 3.68 -6.34
CA HIS B 36 -2.30 3.30 -7.59
C HIS B 36 -1.49 2.03 -7.41
N ALA B 37 -0.85 1.90 -6.24
CA ALA B 37 -0.04 0.73 -5.92
C ALA B 37 -0.89 -0.53 -5.92
N ILE B 38 -2.06 -0.42 -5.32
CA ILE B 38 -3.00 -1.52 -5.27
C ILE B 38 -3.47 -1.87 -6.69
N ARG B 39 -3.70 -0.84 -7.49
CA ARG B 39 -4.15 -1.01 -8.87
C ARG B 39 -3.16 -1.86 -9.69
N VAL B 40 -1.87 -1.57 -9.55
CA VAL B 40 -0.85 -2.30 -10.30
C VAL B 40 -0.61 -3.68 -9.70
N LEU B 41 -0.89 -3.81 -8.42
CA LEU B 41 -0.72 -5.07 -7.71
C LEU B 41 -1.77 -6.09 -8.16
N ARG B 42 -2.93 -5.58 -8.57
CA ARG B 42 -4.03 -6.42 -9.04
C ARG B 42 -3.65 -7.13 -10.33
N TYR B 43 -2.93 -6.43 -11.18
CA TYR B 43 -2.54 -6.97 -12.47
C TYR B 43 -1.22 -7.72 -12.35
N SER A 1 11.50 -10.03 6.70
CA SER A 1 12.19 -9.79 7.98
C SER A 1 12.58 -8.31 8.12
N GLY A 2 13.52 -7.87 7.29
CA GLY A 2 13.95 -6.48 7.34
C GLY A 2 13.11 -5.60 6.45
N SER A 3 12.30 -4.75 7.06
CA SER A 3 11.42 -3.86 6.32
C SER A 3 10.79 -2.83 7.24
N MET A 4 10.07 -1.90 6.64
CA MET A 4 9.36 -0.89 7.37
C MET A 4 7.95 -1.38 7.64
N LYS A 5 7.66 -1.66 8.89
CA LYS A 5 6.37 -2.18 9.26
C LYS A 5 5.46 -1.04 9.71
N LEU A 6 4.36 -0.85 9.01
CA LEU A 6 3.42 0.20 9.36
C LEU A 6 1.97 -0.27 9.28
N SER A 7 1.07 0.57 9.73
CA SER A 7 -0.33 0.29 9.67
C SER A 7 -1.05 1.39 8.91
N VAL A 8 -1.89 1.00 7.97
CA VAL A 8 -2.60 1.96 7.15
C VAL A 8 -4.10 1.77 7.32
N SER A 9 -4.84 2.84 7.15
CA SER A 9 -6.28 2.78 7.23
C SER A 9 -6.82 2.70 5.81
N LEU A 10 -7.41 1.57 5.47
CA LEU A 10 -7.86 1.33 4.11
C LEU A 10 -9.33 0.90 4.11
N SER A 11 -10.03 1.22 3.04
CA SER A 11 -11.43 0.89 2.93
C SER A 11 -11.61 -0.61 2.62
N ASP A 12 -12.79 -1.14 2.92
CA ASP A 12 -13.07 -2.56 2.71
C ASP A 12 -13.06 -2.90 1.22
N ASP A 13 -13.66 -2.04 0.42
CA ASP A 13 -13.73 -2.27 -1.02
C ASP A 13 -12.33 -2.27 -1.64
N ASP A 14 -11.50 -1.34 -1.21
CA ASP A 14 -10.15 -1.20 -1.73
C ASP A 14 -9.28 -2.39 -1.31
N VAL A 15 -9.35 -2.78 -0.04
CA VAL A 15 -8.57 -3.90 0.44
C VAL A 15 -9.01 -5.19 -0.27
N ALA A 16 -10.30 -5.30 -0.57
CA ALA A 16 -10.84 -6.44 -1.28
C ALA A 16 -10.21 -6.56 -2.67
N ILE A 17 -9.99 -5.42 -3.31
CA ILE A 17 -9.36 -5.37 -4.62
C ILE A 17 -7.91 -5.86 -4.52
N LEU A 18 -7.22 -5.39 -3.48
CA LEU A 18 -5.86 -5.81 -3.23
C LEU A 18 -5.81 -7.30 -2.96
N ASP A 19 -6.71 -7.75 -2.09
CA ASP A 19 -6.80 -9.15 -1.70
C ASP A 19 -7.10 -10.01 -2.92
N ALA A 20 -7.92 -9.47 -3.82
CA ALA A 20 -8.27 -10.16 -5.05
C ALA A 20 -7.04 -10.35 -5.92
N TYR A 21 -6.21 -9.31 -6.04
CA TYR A 21 -4.99 -9.40 -6.81
C TYR A 21 -4.02 -10.37 -6.17
N VAL A 22 -3.93 -10.32 -4.84
CA VAL A 22 -3.05 -11.20 -4.10
C VAL A 22 -3.38 -12.65 -4.41
N LYS A 23 -4.65 -13.01 -4.29
CA LYS A 23 -5.10 -14.36 -4.61
C LYS A 23 -5.02 -14.65 -6.11
N ARG A 24 -5.23 -13.62 -6.93
CA ARG A 24 -5.18 -13.74 -8.40
C ARG A 24 -3.81 -14.20 -8.86
N ALA A 25 -2.77 -13.59 -8.30
CA ALA A 25 -1.40 -13.91 -8.68
C ALA A 25 -0.82 -14.99 -7.78
N GLY A 26 -1.57 -15.38 -6.77
CA GLY A 26 -1.10 -16.40 -5.85
C GLY A 26 0.05 -15.91 -5.00
N LEU A 27 -0.06 -14.68 -4.53
CA LEU A 27 0.96 -14.07 -3.70
C LEU A 27 0.89 -14.60 -2.27
N PRO A 28 1.99 -14.52 -1.51
CA PRO A 28 2.03 -15.05 -0.14
C PRO A 28 1.18 -14.26 0.84
N SER A 29 1.11 -12.95 0.66
CA SER A 29 0.37 -12.09 1.56
C SER A 29 0.02 -10.76 0.89
N ARG A 30 -0.74 -9.93 1.59
CA ARG A 30 -1.13 -8.60 1.12
C ARG A 30 0.10 -7.71 0.93
N SER A 31 1.15 -8.00 1.71
CA SER A 31 2.41 -7.26 1.60
C SER A 31 2.96 -7.33 0.18
N ALA A 32 3.00 -8.53 -0.40
CA ALA A 32 3.47 -8.70 -1.76
C ALA A 32 2.58 -7.93 -2.73
N GLY A 33 1.30 -7.83 -2.39
CA GLY A 33 0.37 -7.09 -3.20
C GLY A 33 0.69 -5.61 -3.22
N LEU A 34 0.93 -5.05 -2.04
CA LEU A 34 1.28 -3.63 -1.91
C LEU A 34 2.59 -3.35 -2.62
N GLN A 35 3.57 -4.23 -2.44
CA GLN A 35 4.87 -4.07 -3.09
C GLN A 35 4.70 -4.01 -4.60
N HIS A 36 3.85 -4.88 -5.14
CA HIS A 36 3.59 -4.90 -6.58
C HIS A 36 2.87 -3.63 -7.01
N ALA A 37 1.88 -3.22 -6.24
CA ALA A 37 1.10 -2.02 -6.54
C ALA A 37 1.99 -0.78 -6.55
N ILE A 38 2.87 -0.69 -5.58
CA ILE A 38 3.79 0.43 -5.47
C ILE A 38 4.79 0.41 -6.63
N ARG A 39 5.29 -0.78 -6.97
CA ARG A 39 6.27 -0.91 -8.03
C ARG A 39 5.67 -0.53 -9.39
N VAL A 40 4.46 -1.01 -9.68
CA VAL A 40 3.83 -0.70 -10.96
C VAL A 40 3.41 0.77 -11.03
N LEU A 41 3.26 1.38 -9.86
CA LEU A 41 2.89 2.78 -9.74
C LEU A 41 4.08 3.65 -10.10
N ARG A 42 5.25 3.14 -9.81
CA ARG A 42 6.49 3.83 -10.12
C ARG A 42 6.91 3.50 -11.54
N TYR A 43 7.19 2.23 -11.76
CA TYR A 43 7.67 1.73 -13.05
C TYR A 43 7.46 0.23 -13.14
N SER B 1 -11.86 8.83 7.11
CA SER B 1 -11.62 8.66 8.55
C SER B 1 -12.02 7.26 9.01
N GLY B 2 -13.21 6.84 8.61
CA GLY B 2 -13.69 5.53 8.99
C GLY B 2 -13.31 4.47 7.98
N SER B 3 -12.29 3.71 8.29
CA SER B 3 -11.84 2.65 7.42
C SER B 3 -11.13 1.56 8.23
N MET B 4 -10.81 0.45 7.59
CA MET B 4 -10.18 -0.67 8.25
C MET B 4 -8.66 -0.53 8.25
N LYS B 5 -8.08 -0.59 9.42
CA LYS B 5 -6.64 -0.48 9.55
C LYS B 5 -5.97 -1.85 9.51
N LEU B 6 -4.95 -1.97 8.69
CA LEU B 6 -4.18 -3.20 8.59
C LEU B 6 -2.69 -2.92 8.74
N SER B 7 -1.97 -3.90 9.24
CA SER B 7 -0.55 -3.76 9.44
C SER B 7 0.21 -4.58 8.41
N VAL B 8 1.00 -3.90 7.60
CA VAL B 8 1.75 -4.55 6.55
C VAL B 8 3.20 -4.09 6.58
N SER B 9 4.09 -4.96 6.14
CA SER B 9 5.49 -4.64 6.07
C SER B 9 5.88 -4.25 4.65
N LEU B 10 6.39 -3.05 4.50
CA LEU B 10 6.81 -2.52 3.22
C LEU B 10 8.31 -2.34 3.20
N SER B 11 8.93 -2.57 2.06
CA SER B 11 10.36 -2.42 1.96
C SER B 11 10.75 -0.94 2.07
N ASP B 12 11.99 -0.67 2.45
CA ASP B 12 12.47 0.70 2.62
C ASP B 12 12.36 1.47 1.32
N ASP B 13 12.74 0.82 0.24
CA ASP B 13 12.67 1.42 -1.09
C ASP B 13 11.23 1.62 -1.52
N ASP B 14 10.39 0.62 -1.28
CA ASP B 14 8.98 0.65 -1.70
C ASP B 14 8.18 1.69 -0.93
N VAL B 15 8.34 1.73 0.39
CA VAL B 15 7.62 2.70 1.20
C VAL B 15 8.00 4.12 0.79
N ALA B 16 9.26 4.31 0.39
CA ALA B 16 9.74 5.60 -0.07
C ALA B 16 9.09 5.96 -1.40
N ILE B 17 8.90 4.95 -2.26
CA ILE B 17 8.24 5.16 -3.55
C ILE B 17 6.82 5.63 -3.33
N LEU B 18 6.13 4.98 -2.40
CA LEU B 18 4.77 5.34 -2.06
C LEU B 18 4.72 6.79 -1.57
N ASP B 19 5.64 7.14 -0.68
CA ASP B 19 5.72 8.50 -0.14
C ASP B 19 5.94 9.49 -1.26
N ALA B 20 6.84 9.13 -2.17
CA ALA B 20 7.17 9.97 -3.30
C ALA B 20 5.94 10.21 -4.17
N TYR B 21 5.18 9.16 -4.42
CA TYR B 21 3.97 9.26 -5.20
C TYR B 21 2.93 10.13 -4.47
N VAL B 22 2.77 9.86 -3.18
CA VAL B 22 1.82 10.59 -2.36
C VAL B 22 2.11 12.09 -2.35
N LYS B 23 3.37 12.45 -2.07
CA LYS B 23 3.77 13.84 -2.04
C LYS B 23 3.74 14.48 -3.44
N ARG B 24 4.01 13.67 -4.46
CA ARG B 24 4.01 14.13 -5.85
C ARG B 24 2.59 14.42 -6.32
N ALA B 25 1.68 13.52 -6.00
CA ALA B 25 0.29 13.64 -6.43
C ALA B 25 -0.51 14.56 -5.51
N GLY B 26 0.15 15.12 -4.52
CA GLY B 26 -0.51 16.03 -3.60
C GLY B 26 -1.55 15.32 -2.75
N LEU B 27 -1.21 14.15 -2.28
CA LEU B 27 -2.11 13.37 -1.46
C LEU B 27 -1.79 13.59 0.03
N PRO B 28 -2.82 13.61 0.88
CA PRO B 28 -2.66 13.90 2.32
C PRO B 28 -2.22 12.69 3.16
N SER B 29 -2.27 11.50 2.60
CA SER B 29 -1.91 10.30 3.36
C SER B 29 -1.54 9.16 2.43
N ARG B 30 -0.86 8.15 2.99
CA ARG B 30 -0.48 6.96 2.23
C ARG B 30 -1.72 6.21 1.78
N SER B 31 -2.79 6.35 2.57
CA SER B 31 -4.07 5.70 2.26
C SER B 31 -4.55 6.15 0.87
N ALA B 32 -4.55 7.45 0.64
CA ALA B 32 -4.94 8.00 -0.65
C ALA B 32 -4.03 7.49 -1.76
N GLY B 33 -2.75 7.31 -1.42
CA GLY B 33 -1.80 6.78 -2.37
C GLY B 33 -2.11 5.35 -2.72
N LEU B 34 -2.48 4.57 -1.69
CA LEU B 34 -2.84 3.18 -1.88
C LEU B 34 -4.10 3.05 -2.70
N GLN B 35 -5.03 4.00 -2.53
CA GLN B 35 -6.27 3.99 -3.31
C GLN B 35 -5.95 4.00 -4.80
N HIS B 36 -5.02 4.88 -5.18
CA HIS B 36 -4.59 4.99 -6.56
C HIS B 36 -3.87 3.71 -7.00
N ALA B 37 -2.95 3.22 -6.14
CA ALA B 37 -2.18 2.01 -6.43
C ALA B 37 -3.11 0.81 -6.59
N ILE B 38 -4.10 0.72 -5.74
CA ILE B 38 -5.07 -0.34 -5.79
C ILE B 38 -5.97 -0.18 -7.00
N ARG B 39 -6.32 1.06 -7.33
CA ARG B 39 -7.17 1.35 -8.48
C ARG B 39 -6.47 1.00 -9.80
N VAL B 40 -5.18 1.24 -9.89
CA VAL B 40 -4.46 0.89 -11.11
C VAL B 40 -4.24 -0.63 -11.20
N LEU B 41 -4.28 -1.28 -10.05
CA LEU B 41 -4.11 -2.72 -9.95
C LEU B 41 -5.48 -3.40 -9.81
N ARG B 42 -6.52 -2.59 -9.89
CA ARG B 42 -7.89 -3.02 -9.76
C ARG B 42 -8.35 -3.74 -11.00
N TYR B 43 -7.74 -3.38 -12.09
CA TYR B 43 -8.07 -3.92 -13.37
C TYR B 43 -7.35 -5.25 -13.60
N SER A 1 3.77 2.98 13.14
CA SER A 1 2.38 3.36 12.90
C SER A 1 1.99 4.53 13.78
N GLY A 2 1.13 5.41 13.26
CA GLY A 2 0.65 6.53 14.05
C GLY A 2 1.47 7.79 13.86
N SER A 3 2.56 7.69 13.14
CA SER A 3 3.42 8.84 12.89
C SER A 3 2.73 9.82 11.97
N MET A 4 2.21 9.30 10.87
CA MET A 4 1.51 10.09 9.89
C MET A 4 0.22 9.39 9.51
N LYS A 5 -0.89 10.07 9.72
CA LYS A 5 -2.18 9.52 9.37
C LYS A 5 -2.66 10.14 8.08
N LEU A 6 -2.81 9.32 7.07
CA LEU A 6 -3.24 9.81 5.78
C LEU A 6 -4.48 9.06 5.28
N SER A 7 -5.25 9.74 4.46
CA SER A 7 -6.42 9.16 3.86
C SER A 7 -6.18 8.96 2.38
N VAL A 8 -6.49 7.79 1.89
CA VAL A 8 -6.27 7.47 0.50
C VAL A 8 -7.55 6.93 -0.12
N SER A 9 -7.72 7.14 -1.40
CA SER A 9 -8.86 6.62 -2.11
C SER A 9 -8.42 5.35 -2.80
N LEU A 10 -8.96 4.24 -2.36
CA LEU A 10 -8.58 2.95 -2.87
C LEU A 10 -9.81 2.24 -3.43
N SER A 11 -9.61 1.27 -4.28
CA SER A 11 -10.73 0.55 -4.85
C SER A 11 -11.29 -0.43 -3.83
N ASP A 12 -12.56 -0.79 -3.99
CA ASP A 12 -13.19 -1.75 -3.10
C ASP A 12 -12.54 -3.11 -3.24
N ASP A 13 -12.13 -3.42 -4.46
CA ASP A 13 -11.45 -4.66 -4.76
C ASP A 13 -10.07 -4.71 -4.12
N ASP A 14 -9.35 -3.59 -4.24
CA ASP A 14 -7.98 -3.52 -3.71
C ASP A 14 -7.97 -3.61 -2.19
N VAL A 15 -8.84 -2.84 -1.55
CA VAL A 15 -8.91 -2.84 -0.09
C VAL A 15 -9.28 -4.23 0.44
N ALA A 16 -10.15 -4.92 -0.29
CA ALA A 16 -10.58 -6.26 0.08
C ALA A 16 -9.40 -7.23 0.02
N ILE A 17 -8.59 -7.09 -1.03
CA ILE A 17 -7.42 -7.94 -1.21
C ILE A 17 -6.38 -7.64 -0.11
N LEU A 18 -6.22 -6.36 0.20
CA LEU A 18 -5.29 -5.96 1.25
C LEU A 18 -5.75 -6.54 2.58
N ASP A 19 -7.03 -6.39 2.88
CA ASP A 19 -7.60 -6.92 4.12
C ASP A 19 -7.45 -8.43 4.18
N ALA A 20 -7.56 -9.07 3.01
CA ALA A 20 -7.40 -10.51 2.89
C ALA A 20 -5.98 -10.93 3.27
N TYR A 21 -5.00 -10.19 2.77
CA TYR A 21 -3.61 -10.43 3.11
C TYR A 21 -3.37 -10.19 4.59
N VAL A 22 -3.94 -9.11 5.08
CA VAL A 22 -3.83 -8.73 6.48
C VAL A 22 -4.36 -9.84 7.40
N LYS A 23 -5.57 -10.34 7.12
CA LYS A 23 -6.17 -11.40 7.93
C LYS A 23 -5.40 -12.71 7.79
N ARG A 24 -4.88 -12.98 6.59
CA ARG A 24 -4.13 -14.19 6.32
C ARG A 24 -2.84 -14.22 7.14
N ALA A 25 -2.14 -13.08 7.16
CA ALA A 25 -0.88 -12.99 7.87
C ALA A 25 -1.09 -12.73 9.36
N GLY A 26 -2.34 -12.47 9.75
CA GLY A 26 -2.66 -12.21 11.13
C GLY A 26 -2.15 -10.86 11.58
N LEU A 27 -2.16 -9.91 10.66
CA LEU A 27 -1.67 -8.58 10.94
C LEU A 27 -2.74 -7.75 11.65
N PRO A 28 -2.33 -6.88 12.58
CA PRO A 28 -3.25 -6.08 13.41
C PRO A 28 -4.15 -5.12 12.61
N SER A 29 -3.64 -4.57 11.52
CA SER A 29 -4.39 -3.61 10.72
C SER A 29 -3.81 -3.45 9.31
N ARG A 30 -4.46 -2.62 8.49
CA ARG A 30 -4.02 -2.35 7.13
C ARG A 30 -2.63 -1.75 7.10
N SER A 31 -2.29 -0.98 8.13
CA SER A 31 -0.98 -0.39 8.23
C SER A 31 0.10 -1.46 8.21
N ALA A 32 -0.09 -2.50 9.01
CA ALA A 32 0.86 -3.61 9.08
C ALA A 32 0.95 -4.31 7.74
N GLY A 33 -0.16 -4.35 7.02
CA GLY A 33 -0.16 -4.93 5.69
C GLY A 33 0.66 -4.10 4.74
N LEU A 34 0.52 -2.78 4.88
CA LEU A 34 1.28 -1.84 4.07
C LEU A 34 2.74 -1.89 4.44
N GLN A 35 3.04 -2.21 5.70
CA GLN A 35 4.42 -2.34 6.14
C GLN A 35 5.15 -3.38 5.31
N HIS A 36 4.48 -4.50 5.08
CA HIS A 36 5.05 -5.60 4.29
C HIS A 36 5.23 -5.19 2.83
N ALA A 37 4.25 -4.46 2.31
CA ALA A 37 4.27 -4.02 0.92
C ALA A 37 5.34 -2.96 0.71
N ILE A 38 5.37 -1.98 1.58
CA ILE A 38 6.34 -0.91 1.51
C ILE A 38 7.77 -1.44 1.63
N ARG A 39 7.94 -2.43 2.50
CA ARG A 39 9.23 -3.07 2.71
C ARG A 39 9.76 -3.68 1.40
N VAL A 40 8.88 -4.35 0.66
CA VAL A 40 9.28 -4.99 -0.59
C VAL A 40 9.33 -3.95 -1.73
N LEU A 41 8.58 -2.86 -1.57
CA LEU A 41 8.57 -1.77 -2.56
C LEU A 41 9.85 -0.94 -2.47
N ARG A 42 10.48 -0.97 -1.31
CA ARG A 42 11.75 -0.29 -1.10
C ARG A 42 12.80 -0.83 -2.05
N TYR A 43 12.78 -2.13 -2.22
CA TYR A 43 13.71 -2.82 -3.08
C TYR A 43 13.29 -2.65 -4.55
N SER B 1 -6.68 3.94 -9.30
CA SER B 1 -7.09 5.00 -8.38
C SER B 1 -7.92 4.42 -7.22
N GLY B 2 -9.23 4.35 -7.39
CA GLY B 2 -10.08 3.85 -6.34
C GLY B 2 -11.11 4.88 -5.92
N SER B 3 -12.13 4.45 -5.21
CA SER B 3 -13.20 5.35 -4.78
C SER B 3 -13.46 5.27 -3.28
N MET B 4 -13.07 4.17 -2.67
CA MET B 4 -13.28 3.99 -1.25
C MET B 4 -12.16 4.65 -0.48
N LYS B 5 -12.48 5.70 0.23
CA LYS B 5 -11.50 6.42 1.01
C LYS B 5 -11.42 5.87 2.41
N LEU B 6 -10.22 5.58 2.85
CA LEU B 6 -9.99 5.09 4.20
C LEU B 6 -8.79 5.78 4.81
N SER B 7 -8.64 5.66 6.11
CA SER B 7 -7.55 6.28 6.82
C SER B 7 -6.53 5.23 7.23
N VAL B 8 -5.27 5.59 7.16
CA VAL B 8 -4.20 4.70 7.53
C VAL B 8 -3.21 5.44 8.41
N SER B 9 -2.80 4.81 9.49
CA SER B 9 -1.77 5.36 10.33
C SER B 9 -0.47 4.70 9.96
N LEU B 10 0.41 5.46 9.37
CA LEU B 10 1.66 4.92 8.87
C LEU B 10 2.82 5.68 9.47
N SER B 11 3.99 5.08 9.44
CA SER B 11 5.17 5.76 9.94
C SER B 11 5.74 6.68 8.87
N ASP B 12 6.52 7.66 9.28
CA ASP B 12 7.12 8.61 8.35
C ASP B 12 8.13 7.92 7.44
N ASP B 13 8.79 6.89 7.96
CA ASP B 13 9.74 6.12 7.17
C ASP B 13 9.02 5.35 6.07
N ASP B 14 7.90 4.75 6.42
CA ASP B 14 7.11 3.95 5.49
C ASP B 14 6.52 4.80 4.37
N VAL B 15 5.84 5.88 4.74
CA VAL B 15 5.22 6.76 3.75
C VAL B 15 6.26 7.32 2.78
N ALA B 16 7.46 7.59 3.30
CA ALA B 16 8.55 8.10 2.48
C ALA B 16 8.97 7.08 1.44
N ILE B 17 9.04 5.81 1.85
CA ILE B 17 9.39 4.74 0.93
C ILE B 17 8.30 4.53 -0.10
N LEU B 18 7.04 4.57 0.34
CA LEU B 18 5.91 4.46 -0.56
C LEU B 18 5.97 5.57 -1.59
N ASP B 19 6.20 6.79 -1.11
CA ASP B 19 6.33 7.96 -1.96
C ASP B 19 7.50 7.80 -2.92
N ALA B 20 8.60 7.25 -2.41
CA ALA B 20 9.79 7.00 -3.20
C ALA B 20 9.48 6.04 -4.35
N TYR B 21 8.66 5.03 -4.06
CA TYR B 21 8.24 4.08 -5.08
C TYR B 21 7.28 4.75 -6.06
N VAL B 22 6.36 5.52 -5.52
CA VAL B 22 5.37 6.24 -6.32
C VAL B 22 6.06 7.12 -7.37
N LYS B 23 7.01 7.93 -6.93
CA LYS B 23 7.76 8.79 -7.83
C LYS B 23 8.68 7.96 -8.75
N ARG B 24 9.18 6.84 -8.23
CA ARG B 24 10.08 5.96 -8.98
C ARG B 24 9.35 5.34 -10.18
N ALA B 25 8.14 4.88 -9.94
CA ALA B 25 7.35 4.22 -10.98
C ALA B 25 6.56 5.23 -11.81
N GLY B 26 6.76 6.51 -11.53
CA GLY B 26 6.08 7.56 -12.26
C GLY B 26 4.59 7.58 -11.98
N LEU B 27 4.23 7.27 -10.77
CA LEU B 27 2.85 7.24 -10.36
C LEU B 27 2.44 8.61 -9.81
N PRO B 28 1.24 9.09 -10.14
CA PRO B 28 0.77 10.42 -9.72
C PRO B 28 0.32 10.48 -8.26
N SER B 29 -0.24 9.39 -7.75
CA SER B 29 -0.78 9.40 -6.40
C SER B 29 -0.42 8.14 -5.63
N ARG B 30 -0.68 8.15 -4.34
CA ARG B 30 -0.40 7.03 -3.46
C ARG B 30 -1.35 5.88 -3.74
N SER B 31 -2.55 6.21 -4.24
CA SER B 31 -3.51 5.20 -4.63
C SER B 31 -2.90 4.27 -5.67
N ALA B 32 -2.27 4.86 -6.68
CA ALA B 32 -1.61 4.10 -7.72
C ALA B 32 -0.51 3.23 -7.13
N GLY B 33 0.15 3.76 -6.10
CA GLY B 33 1.17 3.02 -5.41
C GLY B 33 0.58 1.82 -4.70
N LEU B 34 -0.57 2.04 -4.07
CA LEU B 34 -1.27 0.98 -3.34
C LEU B 34 -1.80 -0.06 -4.31
N GLN B 35 -2.17 0.36 -5.53
CA GLN B 35 -2.63 -0.58 -6.56
C GLN B 35 -1.54 -1.62 -6.80
N HIS B 36 -0.32 -1.14 -6.99
CA HIS B 36 0.84 -2.00 -7.20
C HIS B 36 1.15 -2.81 -5.94
N ALA B 37 1.19 -2.12 -4.80
CA ALA B 37 1.53 -2.73 -3.51
C ALA B 37 0.61 -3.90 -3.16
N ILE B 38 -0.68 -3.68 -3.32
CA ILE B 38 -1.65 -4.71 -3.00
C ILE B 38 -1.61 -5.85 -4.02
N ARG B 39 -1.44 -5.49 -5.29
CA ARG B 39 -1.38 -6.48 -6.36
C ARG B 39 -0.17 -7.41 -6.19
N VAL B 40 0.99 -6.83 -5.88
CA VAL B 40 2.22 -7.62 -5.74
C VAL B 40 2.19 -8.50 -4.48
N LEU B 41 1.29 -8.18 -3.56
CA LEU B 41 1.10 -8.98 -2.37
C LEU B 41 0.16 -10.14 -2.65
N ARG B 42 -0.56 -10.02 -3.74
CA ARG B 42 -1.50 -11.05 -4.15
C ARG B 42 -0.84 -11.99 -5.13
N TYR B 43 -0.47 -11.46 -6.29
CA TYR B 43 0.17 -12.23 -7.35
C TYR B 43 1.09 -11.34 -8.18
N SER A 1 14.00 -7.49 1.74
CA SER A 1 13.47 -6.44 2.61
C SER A 1 13.30 -6.97 4.03
N GLY A 2 12.80 -6.14 4.93
CA GLY A 2 12.64 -6.56 6.31
C GLY A 2 12.89 -5.42 7.27
N SER A 3 13.41 -4.33 6.75
CA SER A 3 13.71 -3.16 7.56
C SER A 3 12.44 -2.40 7.93
N MET A 4 11.76 -1.86 6.93
CA MET A 4 10.58 -1.07 7.19
C MET A 4 9.33 -1.88 7.05
N LYS A 5 8.75 -2.23 8.18
CA LYS A 5 7.49 -2.93 8.21
C LYS A 5 6.42 -1.97 8.63
N LEU A 6 5.39 -1.85 7.83
CA LEU A 6 4.35 -0.89 8.10
C LEU A 6 2.98 -1.51 8.25
N SER A 7 2.15 -0.87 9.03
CA SER A 7 0.78 -1.30 9.24
C SER A 7 -0.13 -0.36 8.47
N VAL A 8 -0.80 -0.88 7.47
CA VAL A 8 -1.66 -0.07 6.63
C VAL A 8 -3.07 -0.65 6.60
N SER A 9 -4.04 0.21 6.48
CA SER A 9 -5.43 -0.19 6.45
C SER A 9 -5.98 -0.14 5.03
N LEU A 10 -6.32 -1.29 4.48
CA LEU A 10 -6.86 -1.39 3.13
C LEU A 10 -8.31 -1.83 3.16
N SER A 11 -9.13 -1.21 2.34
CA SER A 11 -10.53 -1.58 2.26
C SER A 11 -10.66 -2.95 1.59
N ASP A 12 -11.79 -3.61 1.83
CA ASP A 12 -12.02 -4.95 1.29
C ASP A 12 -11.96 -4.95 -0.23
N ASP A 13 -12.51 -3.92 -0.83
CA ASP A 13 -12.50 -3.80 -2.28
C ASP A 13 -11.09 -3.51 -2.79
N ASP A 14 -10.40 -2.61 -2.10
CA ASP A 14 -9.06 -2.21 -2.50
C ASP A 14 -8.07 -3.37 -2.39
N VAL A 15 -8.12 -4.09 -1.27
CA VAL A 15 -7.21 -5.22 -1.08
C VAL A 15 -7.49 -6.32 -2.12
N ALA A 16 -8.77 -6.49 -2.47
CA ALA A 16 -9.17 -7.46 -3.48
C ALA A 16 -8.60 -7.06 -4.84
N ILE A 17 -8.49 -5.76 -5.08
CA ILE A 17 -7.91 -5.25 -6.31
C ILE A 17 -6.41 -5.53 -6.33
N LEU A 18 -5.76 -5.31 -5.20
CA LEU A 18 -4.34 -5.58 -5.07
C LEU A 18 -4.06 -7.06 -5.32
N ASP A 19 -4.86 -7.91 -4.67
CA ASP A 19 -4.71 -9.36 -4.83
C ASP A 19 -4.97 -9.76 -6.26
N ALA A 20 -5.91 -9.07 -6.90
CA ALA A 20 -6.25 -9.31 -8.29
C ALA A 20 -5.04 -9.05 -9.18
N TYR A 21 -4.34 -7.96 -8.90
CA TYR A 21 -3.13 -7.63 -9.65
C TYR A 21 -2.02 -8.62 -9.34
N VAL A 22 -1.92 -8.98 -8.06
CA VAL A 22 -0.92 -9.94 -7.61
C VAL A 22 -1.07 -11.26 -8.38
N LYS A 23 -2.28 -11.79 -8.42
CA LYS A 23 -2.54 -13.03 -9.16
C LYS A 23 -2.41 -12.81 -10.67
N ARG A 24 -2.76 -11.61 -11.13
CA ARG A 24 -2.70 -11.25 -12.55
C ARG A 24 -1.27 -11.36 -13.09
N ALA A 25 -0.33 -10.83 -12.34
CA ALA A 25 1.07 -10.81 -12.76
C ALA A 25 1.83 -12.03 -12.26
N GLY A 26 1.16 -12.86 -11.47
CA GLY A 26 1.81 -14.05 -10.94
C GLY A 26 2.78 -13.71 -9.83
N LEU A 27 2.40 -12.78 -8.98
CA LEU A 27 3.23 -12.37 -7.88
C LEU A 27 2.98 -13.27 -6.66
N PRO A 28 4.00 -13.44 -5.80
CA PRO A 28 3.90 -14.35 -4.65
C PRO A 28 3.08 -13.79 -3.49
N SER A 29 3.11 -12.48 -3.30
CA SER A 29 2.40 -11.87 -2.18
C SER A 29 2.06 -10.42 -2.45
N ARG A 30 1.33 -9.80 -1.53
CA ARG A 30 0.92 -8.40 -1.62
C ARG A 30 2.14 -7.48 -1.66
N SER A 31 3.22 -7.92 -1.03
CA SER A 31 4.46 -7.16 -0.98
C SER A 31 4.99 -6.87 -2.38
N ALA A 32 5.05 -7.89 -3.23
CA ALA A 32 5.50 -7.72 -4.60
C ALA A 32 4.56 -6.77 -5.34
N GLY A 33 3.29 -6.81 -4.98
CA GLY A 33 2.32 -5.92 -5.57
C GLY A 33 2.55 -4.48 -5.16
N LEU A 34 2.85 -4.28 -3.88
CA LEU A 34 3.11 -2.96 -3.34
C LEU A 34 4.35 -2.34 -3.96
N GLN A 35 5.39 -3.14 -4.11
CA GLN A 35 6.63 -2.68 -4.73
C GLN A 35 6.36 -2.18 -6.16
N HIS A 36 5.49 -2.88 -6.87
CA HIS A 36 5.10 -2.48 -8.21
C HIS A 36 4.32 -1.17 -8.17
N ALA A 37 3.42 -1.07 -7.20
CA ALA A 37 2.59 0.11 -7.03
C ALA A 37 3.42 1.34 -6.65
N ILE A 38 4.32 1.16 -5.69
CA ILE A 38 5.17 2.25 -5.25
C ILE A 38 6.02 2.78 -6.39
N ARG A 39 6.53 1.88 -7.22
CA ARG A 39 7.35 2.26 -8.34
C ARG A 39 6.55 3.02 -9.41
N VAL A 40 5.36 2.52 -9.75
CA VAL A 40 4.54 3.14 -10.80
C VAL A 40 4.04 4.52 -10.37
N LEU A 41 3.85 4.71 -9.06
CA LEU A 41 3.43 6.00 -8.52
C LEU A 41 4.50 7.05 -8.74
N ARG A 42 5.74 6.61 -8.77
CA ARG A 42 6.86 7.49 -8.97
C ARG A 42 7.21 7.60 -10.44
N TYR A 43 7.84 6.55 -10.97
CA TYR A 43 8.28 6.52 -12.36
C TYR A 43 8.18 5.10 -12.90
N SER B 1 -16.69 3.19 7.44
CA SER B 1 -15.36 3.44 7.99
C SER B 1 -14.71 2.14 8.44
N GLY B 2 -13.42 2.18 8.70
CA GLY B 2 -12.73 0.98 9.11
C GLY B 2 -12.29 0.15 7.92
N SER B 3 -11.12 -0.42 8.01
CA SER B 3 -10.58 -1.21 6.93
C SER B 3 -9.68 -2.32 7.45
N MET B 4 -9.37 -3.28 6.59
CA MET B 4 -8.51 -4.39 6.95
C MET B 4 -7.08 -3.89 7.14
N LYS B 5 -6.58 -4.03 8.34
CA LYS B 5 -5.26 -3.56 8.66
C LYS B 5 -4.27 -4.72 8.67
N LEU B 6 -3.20 -4.57 7.91
CA LEU B 6 -2.17 -5.58 7.84
C LEU B 6 -0.79 -4.95 7.91
N SER B 7 0.22 -5.78 8.12
CA SER B 7 1.58 -5.31 8.19
C SER B 7 2.43 -5.95 7.09
N VAL B 8 3.02 -5.12 6.26
CA VAL B 8 3.83 -5.61 5.15
C VAL B 8 5.27 -5.14 5.30
N SER B 9 6.19 -5.89 4.75
CA SER B 9 7.59 -5.57 4.81
C SER B 9 8.03 -4.91 3.50
N LEU B 10 8.55 -3.70 3.62
CA LEU B 10 8.99 -2.94 2.45
C LEU B 10 10.41 -2.46 2.64
N SER B 11 11.06 -2.10 1.56
CA SER B 11 12.41 -1.60 1.64
C SER B 11 12.38 -0.12 2.01
N ASP B 12 13.49 0.38 2.52
CA ASP B 12 13.60 1.78 2.93
C ASP B 12 13.31 2.70 1.77
N ASP B 13 13.77 2.33 0.60
CA ASP B 13 13.58 3.12 -0.61
C ASP B 13 12.11 3.15 -1.00
N ASP B 14 11.47 1.98 -0.95
CA ASP B 14 10.07 1.85 -1.36
C ASP B 14 9.15 2.67 -0.47
N VAL B 15 9.31 2.52 0.85
CA VAL B 15 8.49 3.26 1.78
C VAL B 15 8.71 4.77 1.64
N ALA B 16 9.95 5.16 1.34
CA ALA B 16 10.30 6.57 1.16
C ALA B 16 9.56 7.14 -0.03
N ILE B 17 9.44 6.35 -1.09
CA ILE B 17 8.72 6.76 -2.29
C ILE B 17 7.24 6.95 -1.98
N LEU B 18 6.68 6.00 -1.23
CA LEU B 18 5.28 6.07 -0.82
C LEU B 18 5.07 7.29 0.07
N ASP B 19 5.95 7.44 1.05
CA ASP B 19 5.87 8.56 1.99
C ASP B 19 5.98 9.88 1.26
N ALA B 20 6.83 9.92 0.23
CA ALA B 20 6.99 11.10 -0.59
C ALA B 20 5.68 11.44 -1.29
N TYR B 21 5.00 10.42 -1.78
CA TYR B 21 3.71 10.60 -2.43
C TYR B 21 2.67 11.06 -1.41
N VAL B 22 2.71 10.45 -0.24
CA VAL B 22 1.78 10.77 0.84
C VAL B 22 1.88 12.26 1.23
N LYS B 23 3.10 12.74 1.47
CA LYS B 23 3.31 14.13 1.83
C LYS B 23 3.01 15.07 0.65
N ARG B 24 3.38 14.64 -0.55
CA ARG B 24 3.19 15.43 -1.76
C ARG B 24 1.71 15.68 -2.05
N ALA B 25 0.92 14.63 -1.89
CA ALA B 25 -0.52 14.74 -2.16
C ALA B 25 -1.27 15.26 -0.94
N GLY B 26 -0.56 15.41 0.17
CA GLY B 26 -1.19 15.90 1.38
C GLY B 26 -2.13 14.87 1.99
N LEU B 27 -1.69 13.63 1.99
CA LEU B 27 -2.48 12.55 2.53
C LEU B 27 -2.22 12.39 4.02
N PRO B 28 -3.27 12.12 4.81
CA PRO B 28 -3.16 12.01 6.26
C PRO B 28 -2.61 10.66 6.74
N SER B 29 -2.40 9.74 5.82
CA SER B 29 -1.91 8.42 6.20
C SER B 29 -1.35 7.67 4.99
N ARG B 30 -0.54 6.67 5.27
CA ARG B 30 0.03 5.82 4.23
C ARG B 30 -1.06 4.99 3.58
N SER B 31 -2.11 4.70 4.36
CA SER B 31 -3.26 3.95 3.87
C SER B 31 -3.89 4.67 2.69
N ALA B 32 -4.00 5.99 2.78
CA ALA B 32 -4.56 6.79 1.71
C ALA B 32 -3.67 6.68 0.47
N GLY B 33 -2.37 6.51 0.70
CA GLY B 33 -1.43 6.36 -0.38
C GLY B 33 -1.63 5.06 -1.12
N LEU B 34 -1.75 3.96 -0.38
CA LEU B 34 -1.95 2.65 -1.00
C LEU B 34 -3.30 2.55 -1.67
N GLN B 35 -4.31 3.18 -1.08
CA GLN B 35 -5.64 3.21 -1.69
C GLN B 35 -5.58 3.85 -3.07
N HIS B 36 -4.82 4.94 -3.18
CA HIS B 36 -4.62 5.60 -4.46
C HIS B 36 -3.81 4.71 -5.40
N ALA B 37 -2.83 4.01 -4.82
CA ALA B 37 -1.98 3.11 -5.56
C ALA B 37 -2.78 1.96 -6.16
N ILE B 38 -3.69 1.41 -5.37
CA ILE B 38 -4.55 0.33 -5.82
C ILE B 38 -5.39 0.77 -7.01
N ARG B 39 -5.89 2.00 -6.96
CA ARG B 39 -6.70 2.55 -8.04
C ARG B 39 -5.94 2.58 -9.37
N VAL B 40 -4.70 3.03 -9.34
CA VAL B 40 -3.90 3.14 -10.55
C VAL B 40 -3.30 1.78 -10.94
N LEU B 41 -3.10 0.92 -9.96
CA LEU B 41 -2.54 -0.40 -10.20
C LEU B 41 -3.57 -1.30 -10.86
N ARG B 42 -4.83 -0.93 -10.72
CA ARG B 42 -5.94 -1.69 -11.29
C ARG B 42 -5.81 -1.75 -12.81
N TYR B 43 -5.33 -0.66 -13.38
CA TYR B 43 -5.16 -0.57 -14.82
C TYR B 43 -3.73 -0.91 -15.21
N SER A 1 1.05 -5.17 12.21
CA SER A 1 0.93 -6.23 13.23
C SER A 1 -0.26 -5.95 14.13
N GLY A 2 -1.27 -6.82 14.06
CA GLY A 2 -2.47 -6.65 14.84
C GLY A 2 -3.27 -5.45 14.39
N SER A 3 -3.14 -5.11 13.13
CA SER A 3 -3.81 -3.95 12.57
C SER A 3 -4.85 -4.38 11.54
N MET A 4 -5.30 -3.42 10.73
CA MET A 4 -6.29 -3.68 9.71
C MET A 4 -5.68 -4.45 8.54
N LYS A 5 -6.21 -5.64 8.31
CA LYS A 5 -5.77 -6.45 7.20
C LYS A 5 -6.62 -6.16 5.98
N LEU A 6 -6.03 -5.64 4.96
CA LEU A 6 -6.74 -5.34 3.73
C LEU A 6 -6.13 -6.12 2.58
N SER A 7 -6.98 -6.57 1.70
CA SER A 7 -6.53 -7.33 0.55
C SER A 7 -6.61 -6.47 -0.69
N VAL A 8 -5.49 -6.31 -1.35
CA VAL A 8 -5.39 -5.48 -2.51
C VAL A 8 -4.81 -6.25 -3.69
N SER A 9 -5.07 -5.77 -4.88
CA SER A 9 -4.56 -6.42 -6.07
C SER A 9 -3.45 -5.60 -6.70
N LEU A 10 -2.26 -6.13 -6.66
CA LEU A 10 -1.12 -5.50 -7.28
C LEU A 10 -0.67 -6.31 -8.46
N SER A 11 -0.06 -5.68 -9.43
CA SER A 11 0.43 -6.39 -10.58
C SER A 11 1.68 -7.17 -10.20
N ASP A 12 2.04 -8.16 -11.01
CA ASP A 12 3.22 -8.97 -10.75
C ASP A 12 4.47 -8.12 -10.68
N ASP A 13 4.59 -7.19 -11.60
CA ASP A 13 5.73 -6.29 -11.63
C ASP A 13 5.70 -5.31 -10.45
N ASP A 14 4.51 -4.83 -10.12
CA ASP A 14 4.34 -3.86 -9.04
C ASP A 14 4.72 -4.44 -7.69
N VAL A 15 4.15 -5.59 -7.35
CA VAL A 15 4.45 -6.22 -6.06
C VAL A 15 5.92 -6.59 -5.97
N ALA A 16 6.51 -6.99 -7.10
CA ALA A 16 7.93 -7.32 -7.16
C ALA A 16 8.77 -6.12 -6.75
N ILE A 17 8.36 -4.94 -7.21
CA ILE A 17 9.03 -3.70 -6.85
C ILE A 17 8.91 -3.45 -5.35
N LEU A 18 7.73 -3.71 -4.81
CA LEU A 18 7.50 -3.58 -3.38
C LEU A 18 8.40 -4.55 -2.63
N ASP A 19 8.49 -5.77 -3.14
CA ASP A 19 9.34 -6.80 -2.56
C ASP A 19 10.78 -6.33 -2.53
N ALA A 20 11.23 -5.82 -3.64
CA ALA A 20 12.58 -5.30 -3.77
C ALA A 20 12.83 -4.17 -2.79
N TYR A 21 11.82 -3.33 -2.60
CA TYR A 21 11.93 -2.18 -1.70
C TYR A 21 11.96 -2.63 -0.26
N VAL A 22 11.07 -3.54 0.10
CA VAL A 22 10.99 -4.08 1.44
C VAL A 22 12.34 -4.65 1.86
N LYS A 23 12.91 -5.48 1.01
CA LYS A 23 14.21 -6.10 1.29
C LYS A 23 15.33 -5.05 1.27
N ARG A 24 15.24 -4.13 0.31
CA ARG A 24 16.25 -3.09 0.12
C ARG A 24 16.33 -2.16 1.34
N ALA A 25 15.18 -1.79 1.86
CA ALA A 25 15.13 -0.89 3.01
C ALA A 25 15.22 -1.65 4.32
N GLY A 26 15.11 -2.98 4.26
CA GLY A 26 15.20 -3.78 5.45
C GLY A 26 13.94 -3.69 6.29
N LEU A 27 12.80 -3.73 5.62
CA LEU A 27 11.52 -3.61 6.28
C LEU A 27 10.99 -4.98 6.67
N PRO A 28 10.31 -5.08 7.83
CA PRO A 28 9.79 -6.35 8.36
C PRO A 28 8.72 -7.00 7.48
N SER A 29 7.91 -6.20 6.81
CA SER A 29 6.81 -6.73 6.01
C SER A 29 6.48 -5.83 4.84
N ARG A 30 5.65 -6.34 3.92
CA ARG A 30 5.17 -5.57 2.77
C ARG A 30 4.40 -4.36 3.26
N SER A 31 3.74 -4.55 4.40
CA SER A 31 2.94 -3.51 5.03
C SER A 31 3.78 -2.27 5.34
N ALA A 32 4.95 -2.46 5.94
CA ALA A 32 5.86 -1.37 6.26
C ALA A 32 6.30 -0.65 5.00
N GLY A 33 6.43 -1.40 3.89
CA GLY A 33 6.79 -0.80 2.63
C GLY A 33 5.75 0.18 2.17
N LEU A 34 4.50 -0.25 2.22
CA LEU A 34 3.38 0.59 1.85
C LEU A 34 3.14 1.65 2.90
N GLN A 35 3.48 1.33 4.13
CA GLN A 35 3.35 2.26 5.23
C GLN A 35 4.25 3.48 4.99
N HIS A 36 5.44 3.22 4.44
CA HIS A 36 6.36 4.30 4.06
C HIS A 36 5.76 5.13 2.94
N ALA A 37 5.09 4.43 2.03
CA ALA A 37 4.43 5.08 0.91
C ALA A 37 3.30 5.97 1.41
N ILE A 38 2.54 5.47 2.37
CA ILE A 38 1.45 6.23 2.96
C ILE A 38 2.00 7.52 3.58
N ARG A 39 3.15 7.41 4.22
CA ARG A 39 3.79 8.55 4.84
C ARG A 39 4.15 9.63 3.80
N VAL A 40 4.71 9.21 2.68
CA VAL A 40 5.12 10.18 1.65
C VAL A 40 3.91 10.66 0.84
N LEU A 41 2.92 9.79 0.64
CA LEU A 41 1.70 10.16 -0.08
C LEU A 41 0.90 11.19 0.71
N ARG A 42 1.07 11.15 2.02
CA ARG A 42 0.40 12.07 2.92
C ARG A 42 0.80 13.51 2.60
N TYR A 43 2.09 13.74 2.48
CA TYR A 43 2.62 15.06 2.25
C TYR A 43 2.85 15.28 0.75
N SER B 1 -9.10 -4.28 -10.01
CA SER B 1 -7.97 -5.02 -10.59
C SER B 1 -7.93 -6.44 -10.04
N GLY B 2 -7.28 -7.33 -10.76
CA GLY B 2 -7.19 -8.72 -10.33
C GLY B 2 -5.95 -9.40 -10.86
N SER B 3 -4.95 -9.50 -10.03
CA SER B 3 -3.71 -10.15 -10.40
C SER B 3 -3.07 -10.80 -9.18
N MET B 4 -2.07 -10.15 -8.60
CA MET B 4 -1.43 -10.65 -7.42
C MET B 4 -2.05 -10.03 -6.21
N LYS B 5 -2.96 -10.74 -5.62
CA LYS B 5 -3.66 -10.27 -4.45
C LYS B 5 -2.77 -10.36 -3.24
N LEU B 6 -2.47 -9.22 -2.68
CA LEU B 6 -1.58 -9.11 -1.57
C LEU B 6 -2.36 -8.76 -0.30
N SER B 7 -1.91 -9.29 0.82
CA SER B 7 -2.54 -9.01 2.09
C SER B 7 -1.66 -8.04 2.88
N VAL B 8 -2.19 -6.86 3.11
CA VAL B 8 -1.44 -5.83 3.78
C VAL B 8 -2.06 -5.52 5.13
N SER B 9 -1.23 -5.24 6.10
CA SER B 9 -1.70 -4.86 7.41
C SER B 9 -1.29 -3.42 7.68
N LEU B 10 -2.26 -2.56 7.72
CA LEU B 10 -2.01 -1.16 7.91
C LEU B 10 -2.77 -0.67 9.13
N SER B 11 -2.26 0.37 9.78
CA SER B 11 -2.94 0.92 10.93
C SER B 11 -4.22 1.56 10.49
N ASP B 12 -5.12 1.77 11.43
CA ASP B 12 -6.34 2.47 11.14
C ASP B 12 -5.99 3.83 10.62
N ASP B 13 -4.92 4.39 11.17
CA ASP B 13 -4.41 5.69 10.80
C ASP B 13 -3.83 5.68 9.40
N ASP B 14 -3.04 4.66 9.09
CA ASP B 14 -2.37 4.57 7.79
C ASP B 14 -3.35 4.43 6.66
N VAL B 15 -4.29 3.49 6.79
CA VAL B 15 -5.27 3.29 5.74
C VAL B 15 -6.13 4.54 5.57
N ALA B 16 -6.39 5.24 6.68
CA ALA B 16 -7.15 6.48 6.65
C ALA B 16 -6.41 7.55 5.85
N ILE B 17 -5.09 7.60 6.04
CA ILE B 17 -4.25 8.55 5.30
C ILE B 17 -4.28 8.22 3.81
N LEU B 18 -4.13 6.94 3.50
CA LEU B 18 -4.20 6.48 2.12
C LEU B 18 -5.57 6.77 1.55
N ASP B 19 -6.59 6.50 2.34
CA ASP B 19 -7.97 6.71 1.93
C ASP B 19 -8.19 8.17 1.57
N ALA B 20 -7.57 9.08 2.33
CA ALA B 20 -7.65 10.50 2.03
C ALA B 20 -7.00 10.78 0.69
N TYR B 21 -5.86 10.15 0.45
CA TYR B 21 -5.15 10.28 -0.83
C TYR B 21 -6.02 9.75 -1.96
N VAL B 22 -6.71 8.64 -1.71
CA VAL B 22 -7.62 8.05 -2.67
C VAL B 22 -8.68 9.07 -3.09
N LYS B 23 -9.21 9.80 -2.11
CA LYS B 23 -10.21 10.84 -2.38
C LYS B 23 -9.58 11.99 -3.13
N ARG B 24 -8.36 12.33 -2.72
CA ARG B 24 -7.62 13.45 -3.30
C ARG B 24 -7.38 13.25 -4.78
N ALA B 25 -7.00 12.05 -5.16
CA ALA B 25 -6.70 11.76 -6.56
C ALA B 25 -7.92 11.22 -7.30
N GLY B 26 -8.97 10.90 -6.54
CA GLY B 26 -10.17 10.36 -7.15
C GLY B 26 -9.95 8.96 -7.69
N LEU B 27 -9.22 8.17 -6.94
CA LEU B 27 -8.90 6.80 -7.34
C LEU B 27 -10.06 5.85 -7.03
N PRO B 28 -10.16 4.72 -7.76
CA PRO B 28 -11.24 3.73 -7.58
C PRO B 28 -11.28 3.20 -6.15
N SER B 29 -10.12 3.07 -5.55
CA SER B 29 -10.00 2.60 -4.19
C SER B 29 -8.55 2.74 -3.74
N ARG B 30 -8.28 2.33 -2.52
CA ARG B 30 -6.93 2.44 -1.98
C ARG B 30 -5.95 1.50 -2.69
N SER B 31 -6.45 0.40 -3.25
CA SER B 31 -5.61 -0.54 -4.01
C SER B 31 -4.91 0.19 -5.18
N ALA B 32 -5.64 1.08 -5.84
CA ALA B 32 -5.09 1.87 -6.93
C ALA B 32 -4.02 2.84 -6.40
N GLY B 33 -4.23 3.30 -5.18
CA GLY B 33 -3.28 4.17 -4.54
C GLY B 33 -1.97 3.45 -4.30
N LEU B 34 -2.08 2.18 -3.93
CA LEU B 34 -0.92 1.35 -3.68
C LEU B 34 -0.10 1.12 -4.94
N GLN B 35 -0.74 1.25 -6.10
CA GLN B 35 -0.02 1.14 -7.36
C GLN B 35 0.96 2.29 -7.46
N HIS B 36 0.47 3.50 -7.17
CA HIS B 36 1.31 4.68 -7.17
C HIS B 36 2.33 4.53 -6.08
N ALA B 37 1.90 3.96 -4.96
CA ALA B 37 2.77 3.73 -3.81
C ALA B 37 3.97 2.90 -4.22
N ILE B 38 3.76 1.98 -5.14
CA ILE B 38 4.85 1.15 -5.62
C ILE B 38 5.79 1.95 -6.52
N ARG B 39 5.20 2.78 -7.36
CA ARG B 39 5.94 3.59 -8.30
C ARG B 39 6.64 4.76 -7.61
N VAL B 40 6.06 5.28 -6.53
CA VAL B 40 6.66 6.39 -5.81
C VAL B 40 7.98 5.98 -5.12
N LEU B 41 8.07 4.72 -4.67
CA LEU B 41 9.31 4.24 -4.07
C LEU B 41 10.29 3.82 -5.16
N ARG B 42 9.76 3.51 -6.34
CA ARG B 42 10.59 3.14 -7.47
C ARG B 42 11.08 4.40 -8.18
N TYR B 43 10.44 5.53 -7.83
CA TYR B 43 10.76 6.84 -8.39
C TYR B 43 10.14 7.02 -9.77
N SER A 1 -1.39 5.42 14.13
CA SER A 1 -0.70 6.55 14.78
C SER A 1 -1.31 7.89 14.31
N GLY A 2 -1.52 8.02 13.02
CA GLY A 2 -2.11 9.23 12.48
C GLY A 2 -1.07 10.30 12.24
N SER A 3 -0.59 10.40 11.01
CA SER A 3 0.43 11.39 10.68
C SER A 3 0.31 11.84 9.22
N MET A 4 0.87 11.06 8.30
CA MET A 4 0.85 11.42 6.90
C MET A 4 -0.30 10.72 6.19
N LYS A 5 -1.17 11.51 5.59
CA LYS A 5 -2.33 11.01 4.90
C LYS A 5 -2.08 10.86 3.41
N LEU A 6 -2.18 9.64 2.93
CA LEU A 6 -2.01 9.32 1.52
C LEU A 6 -3.34 8.96 0.89
N SER A 7 -3.60 9.49 -0.27
CA SER A 7 -4.77 9.15 -1.02
C SER A 7 -4.34 8.28 -2.18
N VAL A 8 -4.78 7.04 -2.16
CA VAL A 8 -4.34 6.08 -3.15
C VAL A 8 -5.50 5.31 -3.75
N SER A 9 -5.33 4.93 -5.00
CA SER A 9 -6.32 4.18 -5.71
C SER A 9 -5.95 2.70 -5.74
N LEU A 10 -6.74 1.89 -5.06
CA LEU A 10 -6.52 0.46 -5.01
C LEU A 10 -7.63 -0.26 -5.74
N SER A 11 -7.29 -1.34 -6.41
CA SER A 11 -8.29 -2.10 -7.13
C SER A 11 -9.22 -2.79 -6.13
N ASP A 12 -10.42 -3.15 -6.57
CA ASP A 12 -11.38 -3.78 -5.69
C ASP A 12 -10.85 -5.12 -5.17
N ASP A 13 -10.23 -5.87 -6.06
CA ASP A 13 -9.67 -7.16 -5.68
C ASP A 13 -8.49 -6.99 -4.73
N ASP A 14 -7.63 -6.03 -5.05
CA ASP A 14 -6.43 -5.76 -4.27
C ASP A 14 -6.76 -5.30 -2.86
N VAL A 15 -7.68 -4.35 -2.74
CA VAL A 15 -8.07 -3.84 -1.44
C VAL A 15 -8.66 -4.97 -0.58
N ALA A 16 -9.38 -5.89 -1.22
CA ALA A 16 -9.95 -7.04 -0.52
C ALA A 16 -8.84 -7.94 -0.01
N ILE A 17 -7.78 -8.08 -0.80
CA ILE A 17 -6.63 -8.89 -0.41
C ILE A 17 -5.91 -8.22 0.76
N LEU A 18 -5.75 -6.90 0.67
CA LEU A 18 -5.15 -6.12 1.75
C LEU A 18 -5.96 -6.30 3.02
N ASP A 19 -7.28 -6.21 2.89
CA ASP A 19 -8.20 -6.40 3.99
C ASP A 19 -8.01 -7.77 4.63
N ALA A 20 -7.82 -8.77 3.77
CA ALA A 20 -7.61 -10.14 4.23
C ALA A 20 -6.36 -10.23 5.09
N TYR A 21 -5.30 -9.59 4.64
CA TYR A 21 -4.04 -9.58 5.37
C TYR A 21 -4.20 -8.83 6.69
N VAL A 22 -4.84 -7.66 6.61
CA VAL A 22 -5.05 -6.81 7.78
C VAL A 22 -5.79 -7.56 8.89
N LYS A 23 -6.91 -8.18 8.55
CA LYS A 23 -7.70 -8.91 9.53
C LYS A 23 -6.97 -10.17 10.02
N ARG A 24 -6.28 -10.84 9.11
CA ARG A 24 -5.58 -12.09 9.41
C ARG A 24 -4.35 -11.86 10.29
N ALA A 25 -3.58 -10.83 9.99
CA ALA A 25 -2.36 -10.52 10.73
C ALA A 25 -2.66 -9.83 12.05
N GLY A 26 -3.92 -9.49 12.27
CA GLY A 26 -4.32 -8.84 13.50
C GLY A 26 -3.96 -7.37 13.51
N LEU A 27 -4.16 -6.72 12.40
CA LEU A 27 -3.88 -5.31 12.27
C LEU A 27 -5.18 -4.52 12.45
N PRO A 28 -5.11 -3.35 13.13
CA PRO A 28 -6.28 -2.54 13.43
C PRO A 28 -6.97 -1.94 12.19
N SER A 29 -6.20 -1.61 11.18
CA SER A 29 -6.77 -0.99 9.99
C SER A 29 -5.83 -1.11 8.79
N ARG A 30 -6.27 -0.56 7.66
CA ARG A 30 -5.54 -0.59 6.40
C ARG A 30 -4.21 0.14 6.53
N SER A 31 -4.18 1.14 7.41
CA SER A 31 -2.98 1.92 7.66
C SER A 31 -1.85 1.01 8.13
N ALA A 32 -2.13 0.20 9.14
CA ALA A 32 -1.16 -0.74 9.67
C ALA A 32 -0.78 -1.77 8.62
N GLY A 33 -1.77 -2.14 7.80
CA GLY A 33 -1.53 -3.09 6.73
C GLY A 33 -0.51 -2.56 5.76
N LEU A 34 -0.70 -1.32 5.31
CA LEU A 34 0.21 -0.71 4.36
C LEU A 34 1.58 -0.50 4.96
N GLN A 35 1.64 -0.09 6.23
CA GLN A 35 2.92 0.14 6.90
C GLN A 35 3.73 -1.15 6.94
N HIS A 36 3.09 -2.25 7.33
CA HIS A 36 3.77 -3.55 7.39
C HIS A 36 4.15 -4.02 5.99
N ALA A 37 3.26 -3.78 5.04
CA ALA A 37 3.50 -4.16 3.66
C ALA A 37 4.69 -3.41 3.08
N ILE A 38 4.72 -2.11 3.31
CA ILE A 38 5.81 -1.28 2.86
C ILE A 38 7.15 -1.74 3.47
N ARG A 39 7.12 -2.14 4.73
CA ARG A 39 8.32 -2.62 5.42
C ARG A 39 8.92 -3.83 4.71
N VAL A 40 8.07 -4.75 4.28
CA VAL A 40 8.56 -5.94 3.59
C VAL A 40 8.86 -5.62 2.13
N LEU A 41 8.38 -4.49 1.67
CA LEU A 41 8.60 -4.05 0.29
C LEU A 41 9.84 -3.16 0.22
N ARG A 42 10.43 -2.89 1.40
CA ARG A 42 11.64 -2.08 1.53
C ARG A 42 12.81 -2.79 0.87
N TYR A 43 12.78 -4.09 0.97
CA TYR A 43 13.82 -4.92 0.43
C TYR A 43 13.37 -5.55 -0.88
N SER B 1 -7.57 3.64 -11.75
CA SER B 1 -8.49 3.83 -12.88
C SER B 1 -9.72 2.97 -12.70
N GLY B 2 -10.81 3.57 -12.23
CA GLY B 2 -12.02 2.83 -11.97
C GLY B 2 -11.84 1.92 -10.78
N SER B 3 -11.08 2.39 -9.83
CA SER B 3 -10.76 1.60 -8.66
C SER B 3 -11.31 2.27 -7.40
N MET B 4 -10.92 1.76 -6.26
CA MET B 4 -11.33 2.28 -4.98
C MET B 4 -10.26 3.22 -4.44
N LYS B 5 -10.59 4.49 -4.31
CA LYS B 5 -9.64 5.46 -3.79
C LYS B 5 -9.87 5.65 -2.30
N LEU B 6 -8.89 5.29 -1.52
CA LEU B 6 -8.99 5.41 -0.07
C LEU B 6 -7.93 6.34 0.52
N SER B 7 -8.21 6.83 1.71
CA SER B 7 -7.31 7.70 2.41
C SER B 7 -6.67 6.95 3.58
N VAL B 8 -5.37 6.76 3.51
CA VAL B 8 -4.67 6.01 4.54
C VAL B 8 -3.61 6.87 5.22
N SER B 9 -3.56 6.78 6.53
CA SER B 9 -2.57 7.52 7.29
C SER B 9 -1.47 6.59 7.79
N LEU B 10 -0.25 6.87 7.38
CA LEU B 10 0.90 6.09 7.80
C LEU B 10 2.08 7.01 8.13
N SER B 11 3.05 6.49 8.86
CA SER B 11 4.19 7.27 9.31
C SER B 11 5.07 7.75 8.15
N ASP B 12 5.94 8.73 8.44
CA ASP B 12 6.83 9.33 7.44
C ASP B 12 7.80 8.30 6.86
N ASP B 13 8.24 7.40 7.70
CA ASP B 13 9.18 6.36 7.29
C ASP B 13 8.54 5.42 6.30
N ASP B 14 7.31 5.04 6.57
CA ASP B 14 6.58 4.11 5.72
C ASP B 14 6.39 4.69 4.31
N VAL B 15 5.86 5.90 4.23
CA VAL B 15 5.64 6.54 2.94
C VAL B 15 6.97 6.76 2.20
N ALA B 16 8.03 7.07 2.95
CA ALA B 16 9.35 7.27 2.37
C ALA B 16 9.84 5.99 1.68
N ILE B 17 9.61 4.86 2.33
CA ILE B 17 10.00 3.57 1.76
C ILE B 17 9.18 3.25 0.52
N LEU B 18 7.87 3.50 0.60
CA LEU B 18 6.98 3.27 -0.53
C LEU B 18 7.44 4.10 -1.72
N ASP B 19 7.70 5.37 -1.45
CA ASP B 19 8.16 6.30 -2.48
C ASP B 19 9.47 5.80 -3.10
N ALA B 20 10.31 5.18 -2.29
CA ALA B 20 11.58 4.65 -2.75
C ALA B 20 11.35 3.46 -3.67
N TYR B 21 10.38 2.63 -3.34
CA TYR B 21 10.05 1.46 -4.15
C TYR B 21 9.39 1.89 -5.45
N VAL B 22 8.51 2.89 -5.36
CA VAL B 22 7.80 3.40 -6.52
C VAL B 22 8.78 3.88 -7.59
N LYS B 23 9.74 4.70 -7.18
CA LYS B 23 10.75 5.19 -8.10
C LYS B 23 11.70 4.06 -8.55
N ARG B 24 11.93 3.10 -7.66
CA ARG B 24 12.81 1.96 -7.93
C ARG B 24 12.24 1.06 -9.03
N ALA B 25 10.95 0.79 -8.95
CA ALA B 25 10.30 -0.09 -9.92
C ALA B 25 9.82 0.68 -11.14
N GLY B 26 9.85 2.00 -11.05
CA GLY B 26 9.41 2.82 -12.15
C GLY B 26 7.90 2.88 -12.23
N LEU B 27 7.26 2.99 -11.10
CA LEU B 27 5.82 3.04 -11.04
C LEU B 27 5.33 4.48 -11.18
N PRO B 28 4.22 4.67 -11.92
CA PRO B 28 3.67 6.01 -12.18
C PRO B 28 3.04 6.67 -10.95
N SER B 29 2.65 5.86 -9.97
CA SER B 29 2.00 6.37 -8.78
C SER B 29 2.27 5.46 -7.58
N ARG B 30 2.07 6.00 -6.38
CA ARG B 30 2.27 5.25 -5.15
C ARG B 30 1.22 4.17 -4.99
N SER B 31 0.05 4.41 -5.56
CA SER B 31 -1.03 3.43 -5.54
C SER B 31 -0.58 2.13 -6.19
N ALA B 32 0.12 2.24 -7.31
CA ALA B 32 0.65 1.08 -8.02
C ALA B 32 1.65 0.33 -7.14
N GLY B 33 2.33 1.08 -6.29
CA GLY B 33 3.26 0.48 -5.36
C GLY B 33 2.55 -0.35 -4.33
N LEU B 34 1.39 0.13 -3.91
CA LEU B 34 0.58 -0.57 -2.92
C LEU B 34 0.02 -1.84 -3.52
N GLN B 35 -0.33 -1.80 -4.80
CA GLN B 35 -0.80 -3.01 -5.48
C GLN B 35 0.28 -4.09 -5.43
N HIS B 36 1.54 -3.68 -5.60
CA HIS B 36 2.68 -4.59 -5.50
C HIS B 36 2.84 -5.08 -4.06
N ALA B 37 2.68 -4.16 -3.11
CA ALA B 37 2.78 -4.49 -1.69
C ALA B 37 1.72 -5.51 -1.30
N ILE B 38 0.53 -5.33 -1.81
CA ILE B 38 -0.56 -6.25 -1.59
C ILE B 38 -0.26 -7.60 -2.24
N ARG B 39 0.33 -7.54 -3.43
CA ARG B 39 0.70 -8.74 -4.17
C ARG B 39 1.70 -9.59 -3.41
N VAL B 40 2.72 -8.95 -2.84
CA VAL B 40 3.76 -9.66 -2.11
C VAL B 40 3.24 -10.17 -0.75
N LEU B 41 2.15 -9.58 -0.30
CA LEU B 41 1.51 -9.97 0.96
C LEU B 41 0.71 -11.25 0.77
N ARG B 42 0.18 -11.43 -0.41
CA ARG B 42 -0.62 -12.60 -0.71
C ARG B 42 0.25 -13.69 -1.35
N TYR B 43 0.70 -13.43 -2.56
CA TYR B 43 1.55 -14.35 -3.30
C TYR B 43 2.54 -13.58 -4.15
N SER A 1 12.44 -9.34 11.66
CA SER A 1 12.24 -8.34 10.61
C SER A 1 12.07 -6.96 11.21
N GLY A 2 12.55 -5.94 10.50
CA GLY A 2 12.45 -4.58 11.00
C GLY A 2 11.98 -3.62 9.93
N SER A 3 10.87 -2.95 10.19
CA SER A 3 10.30 -1.98 9.26
C SER A 3 9.43 -0.98 10.01
N MET A 4 8.89 -0.01 9.29
CA MET A 4 8.05 0.99 9.90
C MET A 4 6.58 0.63 9.75
N LYS A 5 5.84 0.71 10.82
CA LYS A 5 4.43 0.40 10.78
C LYS A 5 3.64 1.70 10.77
N LEU A 6 2.93 1.93 9.70
CA LEU A 6 2.16 3.15 9.55
C LEU A 6 0.67 2.88 9.48
N SER A 7 -0.12 3.91 9.62
CA SER A 7 -1.56 3.78 9.57
C SER A 7 -2.09 4.33 8.24
N VAL A 8 -2.74 3.49 7.49
CA VAL A 8 -3.27 3.87 6.20
C VAL A 8 -4.78 3.93 6.24
N SER A 9 -5.34 4.85 5.49
CA SER A 9 -6.77 4.98 5.38
C SER A 9 -7.24 4.31 4.09
N LEU A 10 -7.97 3.23 4.25
CA LEU A 10 -8.46 2.46 3.13
C LEU A 10 -9.96 2.28 3.22
N SER A 11 -10.59 1.95 2.11
CA SER A 11 -12.01 1.69 2.10
C SER A 11 -12.27 0.20 2.09
N ASP A 12 -13.51 -0.20 2.28
CA ASP A 12 -13.89 -1.61 2.30
C ASP A 12 -13.51 -2.27 0.99
N ASP A 13 -13.72 -1.56 -0.11
CA ASP A 13 -13.40 -2.07 -1.44
C ASP A 13 -11.89 -2.20 -1.61
N ASP A 14 -11.15 -1.18 -1.18
CA ASP A 14 -9.70 -1.17 -1.34
C ASP A 14 -9.05 -2.31 -0.59
N VAL A 15 -9.42 -2.47 0.67
CA VAL A 15 -8.85 -3.52 1.50
C VAL A 15 -9.26 -4.91 0.97
N ALA A 16 -10.47 -5.01 0.44
CA ALA A 16 -10.96 -6.28 -0.12
C ALA A 16 -10.15 -6.65 -1.35
N ILE A 17 -9.82 -5.67 -2.19
CA ILE A 17 -9.01 -5.89 -3.37
C ILE A 17 -7.61 -6.32 -2.98
N LEU A 18 -7.04 -5.62 -1.99
CA LEU A 18 -5.72 -5.97 -1.48
C LEU A 18 -5.73 -7.40 -0.97
N ASP A 19 -6.77 -7.72 -0.19
CA ASP A 19 -6.95 -9.07 0.35
C ASP A 19 -6.98 -10.10 -0.76
N ALA A 20 -7.67 -9.76 -1.85
CA ALA A 20 -7.80 -10.64 -3.00
C ALA A 20 -6.44 -10.95 -3.59
N TYR A 21 -5.60 -9.94 -3.73
CA TYR A 21 -4.27 -10.13 -4.26
C TYR A 21 -3.40 -10.91 -3.29
N VAL A 22 -3.48 -10.55 -2.01
CA VAL A 22 -2.69 -11.21 -0.98
C VAL A 22 -2.96 -12.72 -0.95
N LYS A 23 -4.23 -13.09 -0.92
CA LYS A 23 -4.60 -14.49 -0.89
C LYS A 23 -4.28 -15.19 -2.22
N ARG A 24 -4.41 -14.44 -3.31
CA ARG A 24 -4.15 -14.97 -4.66
C ARG A 24 -2.66 -15.23 -4.88
N ALA A 25 -1.83 -14.33 -4.40
CA ALA A 25 -0.39 -14.45 -4.56
C ALA A 25 0.23 -15.31 -3.46
N GLY A 26 -0.59 -15.75 -2.53
CA GLY A 26 -0.10 -16.60 -1.45
C GLY A 26 0.76 -15.83 -0.48
N LEU A 27 0.37 -14.61 -0.21
CA LEU A 27 1.11 -13.76 0.70
C LEU A 27 0.57 -13.91 2.13
N PRO A 28 1.47 -13.98 3.11
CA PRO A 28 1.09 -14.20 4.51
C PRO A 28 0.67 -12.93 5.25
N SER A 29 0.81 -11.79 4.61
CA SER A 29 0.51 -10.53 5.28
C SER A 29 0.16 -9.44 4.28
N ARG A 30 -0.61 -8.45 4.75
CA ARG A 30 -0.94 -7.30 3.95
C ARG A 30 0.31 -6.50 3.66
N SER A 31 1.28 -6.59 4.58
CA SER A 31 2.56 -5.93 4.42
C SER A 31 3.24 -6.41 3.14
N ALA A 32 3.25 -7.72 2.95
CA ALA A 32 3.82 -8.32 1.75
C ALA A 32 3.04 -7.86 0.52
N GLY A 33 1.73 -7.68 0.69
CA GLY A 33 0.89 -7.22 -0.38
C GLY A 33 1.25 -5.80 -0.80
N LEU A 34 1.43 -4.94 0.19
CA LEU A 34 1.78 -3.56 -0.08
C LEU A 34 3.19 -3.46 -0.66
N GLN A 35 4.10 -4.30 -0.17
CA GLN A 35 5.46 -4.33 -0.72
C GLN A 35 5.43 -4.64 -2.21
N HIS A 36 4.55 -5.58 -2.60
CA HIS A 36 4.38 -5.94 -4.01
C HIS A 36 3.77 -4.77 -4.78
N ALA A 37 2.77 -4.15 -4.18
CA ALA A 37 2.10 -3.00 -4.78
C ALA A 37 3.10 -1.87 -5.01
N ILE A 38 3.94 -1.64 -4.02
CA ILE A 38 4.97 -0.62 -4.10
C ILE A 38 5.95 -0.92 -5.24
N ARG A 39 6.30 -2.20 -5.37
CA ARG A 39 7.24 -2.63 -6.40
C ARG A 39 6.72 -2.33 -7.80
N VAL A 40 5.46 -2.64 -8.05
CA VAL A 40 4.87 -2.42 -9.37
C VAL A 40 4.55 -0.95 -9.58
N LEU A 41 4.31 -0.25 -8.48
CA LEU A 41 3.99 1.17 -8.50
C LEU A 41 5.23 1.98 -8.84
N ARG A 42 6.37 1.46 -8.41
CA ARG A 42 7.65 2.08 -8.64
C ARG A 42 7.94 2.17 -10.13
N TYR A 43 7.96 1.02 -10.78
CA TYR A 43 8.29 0.93 -12.20
C TYR A 43 7.50 -0.18 -12.85
N SER B 1 -12.15 7.87 1.98
CA SER B 1 -11.04 8.35 2.80
C SER B 1 -11.51 8.56 4.24
N GLY B 2 -11.04 7.72 5.14
CA GLY B 2 -11.35 7.89 6.55
C GLY B 2 -12.08 6.72 7.17
N SER B 3 -12.72 5.90 6.35
CA SER B 3 -13.52 4.78 6.85
C SER B 3 -12.69 3.77 7.65
N MET B 4 -11.84 3.01 6.97
CA MET B 4 -11.04 2.00 7.63
C MET B 4 -9.60 2.44 7.77
N LYS B 5 -9.06 2.29 8.96
CA LYS B 5 -7.69 2.65 9.24
C LYS B 5 -6.94 1.43 9.74
N LEU B 6 -5.94 0.99 8.99
CA LEU B 6 -5.15 -0.16 9.37
C LEU B 6 -3.67 0.16 9.45
N SER B 7 -2.95 -0.61 10.23
CA SER B 7 -1.53 -0.42 10.39
C SER B 7 -0.74 -1.53 9.71
N VAL B 8 0.02 -1.16 8.69
CA VAL B 8 0.79 -2.13 7.93
C VAL B 8 2.28 -1.84 8.06
N SER B 9 3.09 -2.86 7.90
CA SER B 9 4.52 -2.73 8.03
C SER B 9 5.21 -2.63 6.67
N LEU B 10 5.77 -1.47 6.40
CA LEU B 10 6.49 -1.23 5.17
C LEU B 10 7.97 -1.03 5.47
N SER B 11 8.82 -1.64 4.66
CA SER B 11 10.25 -1.50 4.85
C SER B 11 10.67 -0.06 4.63
N ASP B 12 11.81 0.32 5.17
CA ASP B 12 12.25 1.72 5.11
C ASP B 12 12.50 2.17 3.66
N ASP B 13 13.13 1.33 2.87
CA ASP B 13 13.38 1.65 1.47
C ASP B 13 12.07 1.63 0.67
N ASP B 14 11.19 0.70 1.03
CA ASP B 14 9.92 0.53 0.33
C ASP B 14 8.97 1.69 0.61
N VAL B 15 8.88 2.10 1.88
CA VAL B 15 8.00 3.22 2.24
C VAL B 15 8.42 4.49 1.48
N ALA B 16 9.73 4.64 1.26
CA ALA B 16 10.27 5.77 0.53
C ALA B 16 9.82 5.74 -0.92
N ILE B 17 9.74 4.54 -1.49
CA ILE B 17 9.28 4.37 -2.87
C ILE B 17 7.84 4.86 -3.01
N LEU B 18 7.01 4.47 -2.06
CA LEU B 18 5.61 4.90 -2.03
C LEU B 18 5.55 6.41 -1.91
N ASP B 19 6.33 6.96 -0.99
CA ASP B 19 6.39 8.40 -0.76
C ASP B 19 6.76 9.16 -2.03
N ALA B 20 7.69 8.58 -2.79
CA ALA B 20 8.13 9.17 -4.04
C ALA B 20 6.99 9.23 -5.04
N TYR B 21 6.19 8.16 -5.09
CA TYR B 21 5.05 8.11 -5.98
C TYR B 21 3.97 9.09 -5.53
N VAL B 22 3.79 9.19 -4.22
CA VAL B 22 2.79 10.08 -3.64
C VAL B 22 3.02 11.52 -4.09
N LYS B 23 4.24 12.00 -3.92
CA LYS B 23 4.59 13.36 -4.32
C LYS B 23 4.60 13.50 -5.85
N ARG B 24 4.98 12.43 -6.52
CA ARG B 24 5.06 12.41 -7.99
C ARG B 24 3.67 12.56 -8.62
N ALA B 25 2.70 11.84 -8.09
CA ALA B 25 1.35 11.85 -8.64
C ALA B 25 0.50 12.98 -8.04
N GLY B 26 1.11 13.78 -7.17
CA GLY B 26 0.39 14.88 -6.55
C GLY B 26 -0.68 14.38 -5.61
N LEU B 27 -0.34 13.38 -4.84
CA LEU B 27 -1.26 12.77 -3.90
C LEU B 27 -1.09 13.37 -2.51
N PRO B 28 -2.20 13.55 -1.77
CA PRO B 28 -2.18 14.16 -0.45
C PRO B 28 -1.54 13.28 0.63
N SER B 29 -1.63 11.97 0.47
CA SER B 29 -1.10 11.06 1.46
C SER B 29 -0.74 9.70 0.85
N ARG B 30 0.01 8.89 1.59
CA ARG B 30 0.42 7.56 1.13
C ARG B 30 -0.79 6.66 0.87
N SER B 31 -1.86 6.91 1.60
CA SER B 31 -3.10 6.18 1.43
C SER B 31 -3.60 6.29 -0.01
N ALA B 32 -3.58 7.50 -0.55
CA ALA B 32 -4.00 7.75 -1.92
C ALA B 32 -3.10 7.00 -2.89
N GLY B 33 -1.83 6.88 -2.52
CA GLY B 33 -0.89 6.13 -3.34
C GLY B 33 -1.25 4.67 -3.38
N LEU B 34 -1.62 4.14 -2.22
CA LEU B 34 -2.04 2.76 -2.10
C LEU B 34 -3.37 2.54 -2.80
N GLN B 35 -4.24 3.53 -2.77
CA GLN B 35 -5.52 3.45 -3.46
C GLN B 35 -5.31 3.23 -4.96
N HIS B 36 -4.36 3.97 -5.53
CA HIS B 36 -4.03 3.82 -6.95
C HIS B 36 -3.40 2.45 -7.19
N ALA B 37 -2.46 2.08 -6.34
CA ALA B 37 -1.75 0.81 -6.45
C ALA B 37 -2.72 -0.36 -6.39
N ILE B 38 -3.63 -0.31 -5.43
CA ILE B 38 -4.62 -1.35 -5.26
C ILE B 38 -5.51 -1.47 -6.51
N ARG B 39 -5.85 -0.33 -7.10
CA ARG B 39 -6.69 -0.32 -8.29
C ARG B 39 -6.00 -0.99 -9.48
N VAL B 40 -4.73 -0.66 -9.69
CA VAL B 40 -3.99 -1.20 -10.82
C VAL B 40 -3.57 -2.65 -10.58
N LEU B 41 -3.39 -2.99 -9.31
CA LEU B 41 -3.00 -4.33 -8.91
C LEU B 41 -4.15 -5.31 -9.10
N ARG B 42 -5.36 -4.78 -9.09
CA ARG B 42 -6.57 -5.58 -9.25
C ARG B 42 -6.65 -6.18 -10.65
N TYR B 43 -6.16 -5.46 -11.63
CA TYR B 43 -6.23 -5.90 -13.01
C TYR B 43 -4.85 -6.27 -13.54
N SER A 1 3.86 3.05 13.70
CA SER A 1 2.78 2.62 12.82
C SER A 1 1.75 3.74 12.65
N GLY A 2 1.81 4.42 11.51
CA GLY A 2 0.86 5.48 11.24
C GLY A 2 1.31 6.82 11.78
N SER A 3 1.51 7.76 10.89
CA SER A 3 1.93 9.10 11.26
C SER A 3 1.61 10.07 10.12
N MET A 4 1.99 9.69 8.92
CA MET A 4 1.72 10.48 7.73
C MET A 4 0.49 9.91 7.03
N LYS A 5 -0.58 10.67 7.04
CA LYS A 5 -1.82 10.24 6.42
C LYS A 5 -1.95 10.79 5.02
N LEU A 6 -2.35 9.93 4.09
CA LEU A 6 -2.54 10.33 2.71
C LEU A 6 -3.81 9.69 2.14
N SER A 7 -4.24 10.19 1.00
CA SER A 7 -5.41 9.65 0.34
C SER A 7 -4.98 8.86 -0.88
N VAL A 8 -5.36 7.61 -0.94
CA VAL A 8 -4.95 6.77 -2.03
C VAL A 8 -6.15 6.23 -2.78
N SER A 9 -6.00 6.08 -4.07
CA SER A 9 -7.01 5.51 -4.90
C SER A 9 -6.65 4.05 -5.15
N LEU A 10 -7.44 3.15 -4.61
CA LEU A 10 -7.14 1.74 -4.71
C LEU A 10 -8.23 1.03 -5.51
N SER A 11 -7.86 -0.03 -6.20
CA SER A 11 -8.82 -0.77 -7.00
C SER A 11 -9.75 -1.58 -6.08
N ASP A 12 -10.91 -1.95 -6.61
CA ASP A 12 -11.90 -2.72 -5.84
C ASP A 12 -11.34 -4.10 -5.49
N ASP A 13 -10.61 -4.68 -6.41
CA ASP A 13 -9.97 -5.98 -6.19
C ASP A 13 -8.85 -5.85 -5.18
N ASP A 14 -8.06 -4.80 -5.31
CA ASP A 14 -6.93 -4.55 -4.42
C ASP A 14 -7.37 -4.38 -2.98
N VAL A 15 -8.38 -3.55 -2.76
CA VAL A 15 -8.88 -3.32 -1.41
C VAL A 15 -9.42 -4.61 -0.79
N ALA A 16 -10.02 -5.45 -1.61
CA ALA A 16 -10.56 -6.72 -1.15
C ALA A 16 -9.44 -7.64 -0.68
N ILE A 17 -8.35 -7.70 -1.45
CA ILE A 17 -7.20 -8.52 -1.09
C ILE A 17 -6.52 -7.97 0.16
N LEU A 18 -6.40 -6.64 0.21
CA LEU A 18 -5.80 -5.98 1.36
C LEU A 18 -6.61 -6.26 2.61
N ASP A 19 -7.92 -6.10 2.51
CA ASP A 19 -8.82 -6.33 3.64
C ASP A 19 -8.72 -7.77 4.11
N ALA A 20 -8.58 -8.68 3.15
CA ALA A 20 -8.42 -10.09 3.44
C ALA A 20 -7.12 -10.35 4.18
N TYR A 21 -6.07 -9.64 3.78
CA TYR A 21 -4.76 -9.77 4.43
C TYR A 21 -4.79 -9.14 5.83
N VAL A 22 -5.52 -8.04 5.97
CA VAL A 22 -5.63 -7.35 7.24
C VAL A 22 -6.17 -8.28 8.31
N LYS A 23 -7.29 -8.93 8.02
CA LYS A 23 -7.86 -9.90 8.95
C LYS A 23 -6.99 -11.16 9.04
N ARG A 24 -6.35 -11.49 7.92
CA ARG A 24 -5.49 -12.67 7.80
C ARG A 24 -4.33 -12.62 8.78
N ALA A 25 -3.70 -11.46 8.88
CA ALA A 25 -2.54 -11.29 9.74
C ALA A 25 -2.94 -10.70 11.09
N GLY A 26 -4.23 -10.48 11.28
CA GLY A 26 -4.71 -9.94 12.54
C GLY A 26 -4.23 -8.52 12.78
N LEU A 27 -4.27 -7.71 11.73
CA LEU A 27 -3.82 -6.34 11.79
C LEU A 27 -4.97 -5.42 12.21
N PRO A 28 -4.66 -4.27 12.85
CA PRO A 28 -5.67 -3.33 13.32
C PRO A 28 -6.44 -2.63 12.19
N SER A 29 -5.78 -2.37 11.08
CA SER A 29 -6.41 -1.67 9.97
C SER A 29 -5.68 -1.92 8.66
N ARG A 30 -6.27 -1.43 7.57
CA ARG A 30 -5.70 -1.56 6.24
C ARG A 30 -4.38 -0.81 6.13
N SER A 31 -4.25 0.26 6.91
CA SER A 31 -3.03 1.04 6.96
C SER A 31 -1.85 0.15 7.36
N ALA A 32 -2.07 -0.69 8.38
CA ALA A 32 -1.04 -1.61 8.84
C ALA A 32 -0.74 -2.67 7.79
N GLY A 33 -1.78 -3.04 7.04
CA GLY A 33 -1.63 -4.01 5.97
C GLY A 33 -0.72 -3.49 4.88
N LEU A 34 -0.91 -2.22 4.53
CA LEU A 34 -0.10 -1.58 3.51
C LEU A 34 1.34 -1.42 4.00
N GLN A 35 1.50 -1.15 5.28
CA GLN A 35 2.84 -1.02 5.86
C GLN A 35 3.62 -2.32 5.68
N HIS A 36 2.93 -3.45 5.83
CA HIS A 36 3.53 -4.76 5.60
C HIS A 36 3.85 -4.93 4.12
N ALA A 37 2.88 -4.57 3.28
CA ALA A 37 3.00 -4.69 1.84
C ALA A 37 4.17 -3.86 1.31
N ILE A 38 4.38 -2.69 1.89
CA ILE A 38 5.46 -1.81 1.51
C ILE A 38 6.82 -2.40 1.94
N ARG A 39 6.85 -2.98 3.14
CA ARG A 39 8.07 -3.60 3.66
C ARG A 39 8.59 -4.69 2.72
N VAL A 40 7.68 -5.53 2.23
CA VAL A 40 8.04 -6.62 1.33
C VAL A 40 8.22 -6.10 -0.11
N LEU A 41 7.76 -4.89 -0.34
CA LEU A 41 7.79 -4.29 -1.65
C LEU A 41 9.18 -3.79 -2.00
N ARG A 42 9.92 -3.34 -1.00
CA ARG A 42 11.25 -2.81 -1.24
C ARG A 42 12.30 -3.92 -1.12
N TYR A 43 11.93 -5.10 -1.54
CA TYR A 43 12.82 -6.22 -1.53
C TYR A 43 12.86 -6.85 -2.90
N SER B 1 -6.02 3.38 -11.65
CA SER B 1 -7.10 4.32 -11.33
C SER B 1 -7.47 4.24 -9.86
N GLY B 2 -8.20 3.19 -9.50
CA GLY B 2 -8.59 3.00 -8.13
C GLY B 2 -9.85 3.75 -7.77
N SER B 3 -10.98 3.09 -7.86
CA SER B 3 -12.25 3.71 -7.55
C SER B 3 -12.48 3.75 -6.05
N MET B 4 -11.83 2.84 -5.34
CA MET B 4 -11.97 2.78 -3.89
C MET B 4 -11.08 3.83 -3.26
N LYS B 5 -11.68 4.94 -2.92
CA LYS B 5 -10.97 6.04 -2.33
C LYS B 5 -11.14 6.02 -0.82
N LEU B 6 -10.05 5.82 -0.10
CA LEU B 6 -10.10 5.78 1.35
C LEU B 6 -8.90 6.50 1.97
N SER B 7 -8.91 6.65 3.28
CA SER B 7 -7.84 7.35 3.97
C SER B 7 -6.95 6.36 4.70
N VAL B 8 -5.66 6.41 4.39
CA VAL B 8 -4.68 5.51 4.99
C VAL B 8 -3.77 6.26 5.94
N SER B 9 -3.43 5.62 7.04
CA SER B 9 -2.47 6.17 7.96
C SER B 9 -1.18 5.40 7.80
N LEU B 10 -0.18 6.04 7.27
CA LEU B 10 1.06 5.36 6.99
C LEU B 10 2.18 5.95 7.81
N SER B 11 3.21 5.19 8.04
CA SER B 11 4.32 5.68 8.80
C SER B 11 5.21 6.52 7.89
N ASP B 12 6.01 7.39 8.48
CA ASP B 12 6.90 8.26 7.71
C ASP B 12 7.88 7.43 6.90
N ASP B 13 8.31 6.32 7.49
CA ASP B 13 9.23 5.41 6.82
C ASP B 13 8.57 4.69 5.67
N ASP B 14 7.34 4.21 5.90
CA ASP B 14 6.60 3.45 4.89
C ASP B 14 6.36 4.24 3.63
N VAL B 15 5.88 5.48 3.79
CA VAL B 15 5.61 6.33 2.64
C VAL B 15 6.91 6.62 1.87
N ALA B 16 8.02 6.73 2.58
CA ALA B 16 9.33 6.95 1.97
C ALA B 16 9.78 5.70 1.20
N ILE B 17 9.58 4.54 1.80
CA ILE B 17 9.92 3.27 1.16
C ILE B 17 9.10 3.07 -0.10
N LEU B 18 7.81 3.39 -0.02
CA LEU B 18 6.92 3.31 -1.17
C LEU B 18 7.41 4.22 -2.27
N ASP B 19 7.78 5.45 -1.89
CA ASP B 19 8.31 6.44 -2.83
C ASP B 19 9.52 5.90 -3.57
N ALA B 20 10.36 5.20 -2.83
CA ALA B 20 11.56 4.59 -3.40
C ALA B 20 11.18 3.52 -4.42
N TYR B 21 10.17 2.72 -4.08
CA TYR B 21 9.72 1.67 -4.97
C TYR B 21 9.03 2.25 -6.20
N VAL B 22 8.32 3.35 -6.01
CA VAL B 22 7.62 3.99 -7.11
C VAL B 22 8.59 4.32 -8.25
N LYS B 23 9.69 4.98 -7.92
CA LYS B 23 10.72 5.27 -8.93
C LYS B 23 11.46 3.99 -9.33
N ARG B 24 11.59 3.07 -8.38
CA ARG B 24 12.30 1.79 -8.58
C ARG B 24 11.66 0.98 -9.70
N ALA B 25 10.34 0.91 -9.70
CA ALA B 25 9.61 0.15 -10.70
C ALA B 25 9.15 1.02 -11.85
N GLY B 26 9.43 2.32 -11.76
CA GLY B 26 9.03 3.25 -12.80
C GLY B 26 7.53 3.41 -12.86
N LEU B 27 6.91 3.51 -11.71
CA LEU B 27 5.47 3.65 -11.61
C LEU B 27 5.06 5.12 -11.56
N PRO B 28 3.90 5.45 -12.15
CA PRO B 28 3.43 6.84 -12.23
C PRO B 28 2.91 7.41 -10.89
N SER B 29 2.37 6.55 -10.02
CA SER B 29 1.80 7.02 -8.76
C SER B 29 1.94 6.00 -7.63
N ARG B 30 1.66 6.45 -6.41
CA ARG B 30 1.76 5.62 -5.20
C ARG B 30 0.79 4.43 -5.26
N SER B 31 -0.39 4.66 -5.86
CA SER B 31 -1.39 3.61 -6.02
C SER B 31 -0.80 2.41 -6.77
N ALA B 32 -0.10 2.69 -7.87
CA ALA B 32 0.50 1.66 -8.70
C ALA B 32 1.50 0.85 -7.88
N GLY B 33 2.15 1.50 -6.94
CA GLY B 33 3.09 0.82 -6.08
C GLY B 33 2.37 -0.13 -5.16
N LEU B 34 1.25 0.31 -4.62
CA LEU B 34 0.45 -0.52 -3.73
C LEU B 34 -0.20 -1.66 -4.49
N GLN B 35 -0.49 -1.43 -5.77
CA GLN B 35 -1.05 -2.48 -6.63
C GLN B 35 -0.09 -3.67 -6.66
N HIS B 36 1.19 -3.36 -6.84
CA HIS B 36 2.23 -4.40 -6.84
C HIS B 36 2.37 -5.00 -5.45
N ALA B 37 2.33 -4.14 -4.44
CA ALA B 37 2.48 -4.55 -3.05
C ALA B 37 1.41 -5.54 -2.64
N ILE B 38 0.18 -5.24 -2.99
CA ILE B 38 -0.94 -6.11 -2.70
C ILE B 38 -0.84 -7.39 -3.52
N ARG B 39 -0.41 -7.25 -4.77
CA ARG B 39 -0.23 -8.38 -5.68
C ARG B 39 0.80 -9.37 -5.12
N VAL B 40 1.92 -8.85 -4.63
CA VAL B 40 3.00 -9.70 -4.09
C VAL B 40 2.64 -10.18 -2.69
N LEU B 41 1.69 -9.50 -2.07
CA LEU B 41 1.22 -9.85 -0.74
C LEU B 41 0.35 -11.10 -0.83
N ARG B 42 -0.30 -11.25 -1.96
CA ARG B 42 -1.14 -12.39 -2.22
C ARG B 42 -0.31 -13.46 -2.92
N TYR B 43 0.24 -13.09 -4.07
CA TYR B 43 1.06 -13.99 -4.89
C TYR B 43 2.09 -13.18 -5.66
N SER A 1 14.81 -10.11 7.92
CA SER A 1 15.10 -9.70 6.53
C SER A 1 15.51 -8.23 6.50
N GLY A 2 15.88 -7.73 5.31
CA GLY A 2 16.29 -6.35 5.18
C GLY A 2 15.18 -5.46 4.67
N SER A 3 13.96 -5.94 4.76
CA SER A 3 12.80 -5.19 4.29
C SER A 3 12.18 -4.40 5.45
N MET A 4 11.01 -3.87 5.22
CA MET A 4 10.29 -3.11 6.21
C MET A 4 8.86 -3.64 6.33
N LYS A 5 8.46 -3.97 7.54
CA LYS A 5 7.14 -4.51 7.77
C LYS A 5 6.23 -3.46 8.38
N LEU A 6 5.08 -3.23 7.76
CA LEU A 6 4.14 -2.25 8.25
C LEU A 6 2.71 -2.77 8.21
N SER A 7 1.84 -2.11 8.93
CA SER A 7 0.44 -2.45 8.95
C SER A 7 -0.34 -1.41 8.17
N VAL A 8 -0.92 -1.82 7.08
CA VAL A 8 -1.62 -0.91 6.20
C VAL A 8 -3.11 -1.10 6.31
N SER A 9 -3.85 -0.02 6.17
CA SER A 9 -5.27 -0.10 6.15
C SER A 9 -5.74 -0.02 4.70
N LEU A 10 -6.27 -1.11 4.23
CA LEU A 10 -6.72 -1.22 2.86
C LEU A 10 -8.22 -1.39 2.84
N SER A 11 -8.87 -0.75 1.91
CA SER A 11 -10.30 -0.86 1.81
C SER A 11 -10.69 -2.25 1.34
N ASP A 12 -11.91 -2.66 1.62
CA ASP A 12 -12.39 -3.99 1.27
C ASP A 12 -12.33 -4.20 -0.24
N ASP A 13 -12.76 -3.20 -0.97
CA ASP A 13 -12.74 -3.26 -2.44
C ASP A 13 -11.32 -3.20 -2.97
N ASP A 14 -10.51 -2.33 -2.40
CA ASP A 14 -9.13 -2.12 -2.84
C ASP A 14 -8.26 -3.35 -2.61
N VAL A 15 -8.40 -3.98 -1.46
CA VAL A 15 -7.65 -5.19 -1.17
C VAL A 15 -8.03 -6.30 -2.17
N ALA A 16 -9.31 -6.31 -2.56
CA ALA A 16 -9.80 -7.26 -3.54
C ALA A 16 -9.14 -7.00 -4.90
N ILE A 17 -8.97 -5.73 -5.23
CA ILE A 17 -8.31 -5.33 -6.47
C ILE A 17 -6.86 -5.79 -6.45
N LEU A 18 -6.19 -5.60 -5.31
CA LEU A 18 -4.81 -6.03 -5.16
C LEU A 18 -4.70 -7.52 -5.40
N ASP A 19 -5.60 -8.28 -4.77
CA ASP A 19 -5.62 -9.73 -4.92
C ASP A 19 -5.83 -10.12 -6.38
N ALA A 20 -6.62 -9.32 -7.09
CA ALA A 20 -6.87 -9.56 -8.50
C ALA A 20 -5.59 -9.31 -9.28
N TYR A 21 -4.92 -8.22 -8.97
CA TYR A 21 -3.68 -7.86 -9.65
C TYR A 21 -2.58 -8.88 -9.36
N VAL A 22 -2.54 -9.39 -8.13
CA VAL A 22 -1.53 -10.35 -7.74
C VAL A 22 -1.51 -11.57 -8.68
N LYS A 23 -2.66 -12.20 -8.88
CA LYS A 23 -2.76 -13.32 -9.81
C LYS A 23 -2.63 -12.85 -11.27
N ARG A 24 -3.15 -11.66 -11.53
CA ARG A 24 -3.12 -11.03 -12.85
C ARG A 24 -1.69 -10.84 -13.36
N ALA A 25 -0.82 -10.37 -12.48
CA ALA A 25 0.58 -10.13 -12.84
C ALA A 25 1.44 -11.37 -12.58
N GLY A 26 0.87 -12.36 -11.92
CA GLY A 26 1.60 -13.59 -11.62
C GLY A 26 2.55 -13.40 -10.46
N LEU A 27 2.09 -12.69 -9.45
CA LEU A 27 2.91 -12.41 -8.29
C LEU A 27 2.66 -13.46 -7.21
N PRO A 28 3.69 -13.75 -6.39
CA PRO A 28 3.59 -14.77 -5.34
C PRO A 28 2.74 -14.35 -4.13
N SER A 29 2.74 -13.07 -3.80
CA SER A 29 1.99 -12.59 -2.65
C SER A 29 1.64 -11.10 -2.79
N ARG A 30 0.95 -10.56 -1.78
CA ARG A 30 0.51 -9.16 -1.78
C ARG A 30 1.69 -8.19 -1.73
N SER A 31 2.78 -8.63 -1.11
CA SER A 31 3.98 -7.80 -0.99
C SER A 31 4.46 -7.34 -2.36
N ALA A 32 4.60 -8.29 -3.29
CA ALA A 32 5.02 -7.98 -4.63
C ALA A 32 3.99 -7.09 -5.33
N GLY A 33 2.73 -7.29 -4.96
CA GLY A 33 1.65 -6.48 -5.52
C GLY A 33 1.79 -5.03 -5.12
N LEU A 34 2.07 -4.81 -3.84
CA LEU A 34 2.25 -3.46 -3.32
C LEU A 34 3.50 -2.82 -3.89
N GLN A 35 4.55 -3.62 -4.08
CA GLN A 35 5.77 -3.12 -4.71
C GLN A 35 5.45 -2.58 -6.12
N HIS A 36 4.67 -3.36 -6.87
CA HIS A 36 4.26 -2.94 -8.21
C HIS A 36 3.34 -1.73 -8.15
N ALA A 37 2.47 -1.71 -7.15
CA ALA A 37 1.57 -0.58 -6.94
C ALA A 37 2.38 0.69 -6.68
N ILE A 38 3.39 0.56 -5.86
CA ILE A 38 4.29 1.66 -5.56
C ILE A 38 5.06 2.05 -6.83
N ARG A 39 5.45 1.06 -7.61
CA ARG A 39 6.19 1.27 -8.85
C ARG A 39 5.41 2.13 -9.83
N VAL A 40 4.12 1.83 -10.00
CA VAL A 40 3.28 2.58 -10.93
C VAL A 40 2.93 3.95 -10.35
N LEU A 41 2.98 4.04 -9.03
CA LEU A 41 2.70 5.27 -8.31
C LEU A 41 3.83 6.26 -8.55
N ARG A 42 5.03 5.71 -8.70
CA ARG A 42 6.20 6.49 -8.98
C ARG A 42 6.30 6.76 -10.46
N TYR A 43 6.45 5.69 -11.23
CA TYR A 43 6.61 5.76 -12.68
C TYR A 43 6.32 4.41 -13.31
N SER B 1 -9.36 6.58 7.91
CA SER B 1 -10.28 5.54 7.42
C SER B 1 -9.93 4.20 8.06
N GLY B 2 -10.80 3.73 8.94
CA GLY B 2 -10.57 2.48 9.60
C GLY B 2 -10.99 1.31 8.77
N SER B 3 -10.23 1.03 7.73
CA SER B 3 -10.52 -0.06 6.83
C SER B 3 -9.76 -1.32 7.27
N MET B 4 -9.87 -2.38 6.46
CA MET B 4 -9.20 -3.66 6.72
C MET B 4 -7.69 -3.45 6.90
N LYS B 5 -7.16 -3.95 8.00
CA LYS B 5 -5.75 -3.79 8.28
C LYS B 5 -5.00 -5.09 8.10
N LEU B 6 -3.87 -5.03 7.43
CA LEU B 6 -3.03 -6.18 7.22
C LEU B 6 -1.56 -5.82 7.41
N SER B 7 -0.76 -6.82 7.75
CA SER B 7 0.65 -6.62 7.94
C SER B 7 1.41 -7.22 6.76
N VAL B 8 2.06 -6.38 6.00
CA VAL B 8 2.77 -6.82 4.81
C VAL B 8 4.22 -6.34 4.87
N SER B 9 5.10 -7.07 4.21
CA SER B 9 6.49 -6.73 4.16
C SER B 9 6.80 -6.01 2.85
N LEU B 10 7.24 -4.78 2.96
CA LEU B 10 7.57 -3.98 1.82
C LEU B 10 9.06 -3.76 1.80
N SER B 11 9.62 -3.48 0.65
CA SER B 11 11.03 -3.27 0.58
C SER B 11 11.36 -1.91 1.20
N ASP B 12 12.58 -1.75 1.68
CA ASP B 12 12.98 -0.51 2.33
C ASP B 12 13.01 0.65 1.35
N ASP B 13 13.43 0.35 0.13
CA ASP B 13 13.46 1.35 -0.93
C ASP B 13 12.06 1.73 -1.39
N ASP B 14 11.21 0.73 -1.54
CA ASP B 14 9.84 0.93 -2.02
C ASP B 14 9.01 1.75 -1.05
N VAL B 15 9.15 1.48 0.25
CA VAL B 15 8.45 2.27 1.26
C VAL B 15 8.84 3.74 1.15
N ALA B 16 10.12 3.99 0.88
CA ALA B 16 10.61 5.35 0.71
C ALA B 16 9.94 6.04 -0.48
N ILE B 17 9.70 5.26 -1.53
CA ILE B 17 9.02 5.77 -2.72
C ILE B 17 7.58 6.13 -2.39
N LEU B 18 6.90 5.23 -1.68
CA LEU B 18 5.54 5.46 -1.25
C LEU B 18 5.46 6.68 -0.36
N ASP B 19 6.42 6.78 0.56
CA ASP B 19 6.50 7.89 1.50
C ASP B 19 6.59 9.22 0.77
N ALA B 20 7.35 9.22 -0.33
CA ALA B 20 7.51 10.41 -1.14
C ALA B 20 6.18 10.82 -1.79
N TYR B 21 5.41 9.84 -2.21
CA TYR B 21 4.12 10.11 -2.81
C TYR B 21 3.13 10.60 -1.75
N VAL B 22 3.25 10.03 -0.55
CA VAL B 22 2.39 10.40 0.57
C VAL B 22 2.45 11.91 0.84
N LYS B 23 3.66 12.44 0.96
CA LYS B 23 3.83 13.86 1.20
C LYS B 23 3.41 14.67 -0.03
N ARG B 24 3.70 14.14 -1.23
CA ARG B 24 3.38 14.81 -2.48
C ARG B 24 1.88 15.01 -2.64
N ALA B 25 1.10 13.99 -2.32
CA ALA B 25 -0.33 14.05 -2.46
C ALA B 25 -1.00 14.58 -1.19
N GLY B 26 -0.19 14.88 -0.18
CA GLY B 26 -0.72 15.39 1.06
C GLY B 26 -1.57 14.37 1.78
N LEU B 27 -1.11 13.15 1.78
CA LEU B 27 -1.83 12.05 2.40
C LEU B 27 -1.45 11.90 3.86
N PRO B 28 -2.44 11.63 4.73
CA PRO B 28 -2.21 11.48 6.17
C PRO B 28 -1.63 10.11 6.54
N SER B 29 -1.63 9.19 5.59
CA SER B 29 -1.17 7.84 5.86
C SER B 29 -0.67 7.17 4.59
N ARG B 30 0.25 6.22 4.75
CA ARG B 30 0.75 5.43 3.64
C ARG B 30 -0.35 4.54 3.09
N SER B 31 -1.29 4.19 3.96
CA SER B 31 -2.46 3.41 3.57
C SER B 31 -3.22 4.13 2.46
N ALA B 32 -3.37 5.45 2.60
CA ALA B 32 -4.04 6.25 1.59
C ALA B 32 -3.22 6.27 0.30
N GLY B 33 -1.90 6.16 0.44
CA GLY B 33 -1.03 6.11 -0.71
C GLY B 33 -1.21 4.84 -1.49
N LEU B 34 -1.26 3.72 -0.79
CA LEU B 34 -1.46 2.43 -1.42
C LEU B 34 -2.87 2.33 -1.98
N GLN B 35 -3.82 2.98 -1.33
CA GLN B 35 -5.21 3.04 -1.82
C GLN B 35 -5.21 3.67 -3.21
N HIS B 36 -4.45 4.74 -3.36
CA HIS B 36 -4.32 5.43 -4.66
C HIS B 36 -3.62 4.54 -5.67
N ALA B 37 -2.55 3.89 -5.21
CA ALA B 37 -1.76 3.00 -6.06
C ALA B 37 -2.60 1.85 -6.59
N ILE B 38 -3.38 1.24 -5.71
CA ILE B 38 -4.25 0.15 -6.10
C ILE B 38 -5.35 0.63 -7.05
N ARG B 39 -5.89 1.81 -6.77
CA ARG B 39 -6.93 2.41 -7.59
C ARG B 39 -6.47 2.59 -9.05
N VAL B 40 -5.25 3.07 -9.22
CA VAL B 40 -4.70 3.29 -10.56
C VAL B 40 -4.16 1.97 -11.15
N LEU B 41 -3.94 0.99 -10.29
CA LEU B 41 -3.39 -0.30 -10.70
C LEU B 41 -4.50 -1.23 -11.18
N ARG B 42 -5.74 -0.89 -10.83
CA ARG B 42 -6.89 -1.68 -11.21
C ARG B 42 -7.04 -1.73 -12.73
N TYR B 43 -6.76 -0.62 -13.36
CA TYR B 43 -6.90 -0.50 -14.79
C TYR B 43 -5.55 -0.63 -15.47
N SER A 1 9.74 -3.49 10.54
CA SER A 1 8.31 -3.58 10.24
C SER A 1 7.52 -2.57 11.07
N GLY A 2 7.43 -2.79 12.38
CA GLY A 2 6.73 -1.87 13.25
C GLY A 2 7.57 -0.67 13.61
N SER A 3 7.82 0.17 12.63
CA SER A 3 8.68 1.32 12.82
C SER A 3 7.90 2.63 12.71
N MET A 4 7.37 2.89 11.53
CA MET A 4 6.67 4.13 11.27
C MET A 4 5.19 3.89 11.02
N LYS A 5 4.36 4.46 11.86
CA LYS A 5 2.94 4.34 11.69
C LYS A 5 2.40 5.55 10.96
N LEU A 6 1.83 5.31 9.80
CA LEU A 6 1.26 6.38 9.00
C LEU A 6 -0.21 6.13 8.75
N SER A 7 -0.92 7.18 8.39
CA SER A 7 -2.33 7.07 8.12
C SER A 7 -2.60 7.25 6.63
N VAL A 8 -3.50 6.44 6.10
CA VAL A 8 -3.87 6.49 4.70
C VAL A 8 -5.37 6.38 4.54
N SER A 9 -5.88 6.90 3.44
CA SER A 9 -7.30 6.88 3.18
C SER A 9 -7.61 5.94 2.02
N LEU A 10 -8.32 4.88 2.32
CA LEU A 10 -8.72 3.90 1.33
C LEU A 10 -10.24 3.88 1.23
N SER A 11 -10.75 3.37 0.12
CA SER A 11 -12.19 3.25 -0.04
C SER A 11 -12.63 1.85 0.37
N ASP A 12 -13.94 1.64 0.50
CA ASP A 12 -14.48 0.34 0.90
C ASP A 12 -14.03 -0.75 -0.07
N ASP A 13 -14.10 -0.44 -1.35
CA ASP A 13 -13.68 -1.38 -2.39
C ASP A 13 -12.17 -1.57 -2.39
N ASP A 14 -11.44 -0.48 -2.20
CA ASP A 14 -9.98 -0.51 -2.22
C ASP A 14 -9.42 -1.41 -1.12
N VAL A 15 -9.91 -1.21 0.10
CA VAL A 15 -9.47 -2.03 1.22
C VAL A 15 -9.89 -3.49 1.02
N ALA A 16 -11.06 -3.69 0.41
CA ALA A 16 -11.58 -5.02 0.14
C ALA A 16 -10.62 -5.82 -0.76
N ILE A 17 -10.08 -5.15 -1.79
CA ILE A 17 -9.14 -5.81 -2.69
C ILE A 17 -7.86 -6.18 -1.95
N LEU A 18 -7.41 -5.26 -1.09
CA LEU A 18 -6.23 -5.51 -0.27
C LEU A 18 -6.47 -6.73 0.61
N ASP A 19 -7.65 -6.77 1.22
CA ASP A 19 -8.06 -7.88 2.08
C ASP A 19 -8.02 -9.20 1.32
N ALA A 20 -8.42 -9.15 0.05
CA ALA A 20 -8.41 -10.34 -0.81
C ALA A 20 -6.98 -10.84 -1.00
N TYR A 21 -6.04 -9.92 -1.16
CA TYR A 21 -4.64 -10.28 -1.30
C TYR A 21 -4.09 -10.79 0.02
N VAL A 22 -4.44 -10.10 1.10
CA VAL A 22 -3.99 -10.47 2.43
C VAL A 22 -4.35 -11.92 2.76
N LYS A 23 -5.61 -12.28 2.53
CA LYS A 23 -6.06 -13.64 2.79
C LYS A 23 -5.41 -14.63 1.81
N ARG A 24 -5.16 -14.17 0.59
CA ARG A 24 -4.57 -15.00 -0.47
C ARG A 24 -3.15 -15.45 -0.09
N ALA A 25 -2.37 -14.53 0.44
CA ALA A 25 -1.00 -14.83 0.81
C ALA A 25 -0.91 -15.27 2.27
N GLY A 26 -2.06 -15.35 2.92
CA GLY A 26 -2.12 -15.76 4.32
C GLY A 26 -1.38 -14.80 5.23
N LEU A 27 -1.44 -13.52 4.91
CA LEU A 27 -0.75 -12.51 5.67
C LEU A 27 -1.49 -12.18 6.96
N PRO A 28 -0.74 -12.02 8.06
CA PRO A 28 -1.33 -11.73 9.38
C PRO A 28 -1.81 -10.29 9.53
N SER A 29 -1.42 -9.41 8.62
CA SER A 29 -1.79 -8.02 8.73
C SER A 29 -1.75 -7.32 7.38
N ARG A 30 -2.49 -6.23 7.26
CA ARG A 30 -2.51 -5.42 6.05
C ARG A 30 -1.13 -4.84 5.77
N SER A 31 -0.36 -4.66 6.84
CA SER A 31 0.99 -4.11 6.74
C SER A 31 1.86 -4.95 5.81
N ALA A 32 1.87 -6.26 6.03
CA ALA A 32 2.63 -7.18 5.20
C ALA A 32 2.15 -7.12 3.75
N GLY A 33 0.85 -6.89 3.59
CA GLY A 33 0.27 -6.77 2.28
C GLY A 33 0.74 -5.51 1.58
N LEU A 34 0.71 -4.41 2.31
CA LEU A 34 1.14 -3.12 1.78
C LEU A 34 2.60 -3.15 1.41
N GLN A 35 3.40 -3.84 2.21
CA GLN A 35 4.83 -3.95 1.95
C GLN A 35 5.09 -4.55 0.58
N HIS A 36 4.42 -5.65 0.29
CA HIS A 36 4.57 -6.32 -1.01
C HIS A 36 4.02 -5.44 -2.12
N ALA A 37 2.90 -4.77 -1.84
CA ALA A 37 2.26 -3.87 -2.80
C ALA A 37 3.19 -2.73 -3.16
N ILE A 38 3.85 -2.18 -2.17
CA ILE A 38 4.82 -1.12 -2.37
C ILE A 38 6.06 -1.68 -3.09
N ARG A 39 6.45 -2.89 -2.71
CA ARG A 39 7.61 -3.56 -3.29
C ARG A 39 7.44 -3.70 -4.81
N VAL A 40 6.26 -4.10 -5.25
CA VAL A 40 5.97 -4.26 -6.66
C VAL A 40 5.74 -2.91 -7.33
N LEU A 41 5.29 -1.94 -6.53
CA LEU A 41 5.02 -0.59 -7.01
C LEU A 41 6.33 0.12 -7.35
N ARG A 42 7.37 -0.24 -6.60
CA ARG A 42 8.70 0.32 -6.77
C ARG A 42 9.20 0.13 -8.20
N TYR A 43 8.96 -1.05 -8.71
CA TYR A 43 9.40 -1.41 -10.04
C TYR A 43 8.34 -1.02 -11.07
N SER B 1 -12.40 7.36 -2.13
CA SER B 1 -11.17 8.12 -1.84
C SER B 1 -11.02 8.39 -0.34
N GLY B 2 -11.64 9.47 0.14
CA GLY B 2 -11.57 9.80 1.54
C GLY B 2 -12.67 9.12 2.33
N SER B 3 -12.59 7.81 2.41
CA SER B 3 -13.62 7.04 3.08
C SER B 3 -13.10 6.42 4.37
N MET B 4 -12.24 5.43 4.24
CA MET B 4 -11.71 4.71 5.38
C MET B 4 -10.26 5.07 5.63
N LYS B 5 -10.02 5.80 6.70
CA LYS B 5 -8.67 6.15 7.07
C LYS B 5 -8.15 5.19 8.11
N LEU B 6 -7.07 4.53 7.79
CA LEU B 6 -6.49 3.55 8.69
C LEU B 6 -5.02 3.84 8.95
N SER B 7 -4.55 3.45 10.11
CA SER B 7 -3.17 3.65 10.48
C SER B 7 -2.43 2.32 10.48
N VAL B 8 -1.40 2.24 9.68
CA VAL B 8 -0.63 1.01 9.56
C VAL B 8 0.77 1.23 10.07
N SER B 9 1.39 0.18 10.57
CA SER B 9 2.74 0.24 11.03
C SER B 9 3.61 -0.30 9.90
N LEU B 10 4.38 0.58 9.32
CA LEU B 10 5.19 0.24 8.16
C LEU B 10 6.64 0.57 8.43
N SER B 11 7.53 -0.02 7.68
CA SER B 11 8.95 0.22 7.87
C SER B 11 9.35 1.56 7.26
N ASP B 12 10.46 2.11 7.73
CA ASP B 12 10.95 3.40 7.23
C ASP B 12 11.30 3.30 5.76
N ASP B 13 11.86 2.17 5.39
CA ASP B 13 12.23 1.91 4.01
C ASP B 13 10.99 1.77 3.12
N ASP B 14 9.98 1.07 3.64
CA ASP B 14 8.74 0.82 2.88
C ASP B 14 8.04 2.12 2.53
N VAL B 15 7.86 2.98 3.52
CA VAL B 15 7.20 4.26 3.30
C VAL B 15 8.01 5.14 2.34
N ALA B 16 9.33 5.05 2.43
CA ALA B 16 10.23 5.81 1.55
C ALA B 16 10.02 5.39 0.11
N ILE B 17 9.90 4.08 -0.13
CA ILE B 17 9.65 3.55 -1.45
C ILE B 17 8.32 4.06 -2.00
N LEU B 18 7.31 4.05 -1.14
CA LEU B 18 5.99 4.52 -1.52
C LEU B 18 6.03 6.00 -1.85
N ASP B 19 6.66 6.78 -0.99
CA ASP B 19 6.79 8.23 -1.19
C ASP B 19 7.55 8.52 -2.47
N ALA B 20 8.54 7.69 -2.78
CA ALA B 20 9.31 7.81 -4.00
C ALA B 20 8.41 7.66 -5.22
N TYR B 21 7.51 6.69 -5.17
CA TYR B 21 6.57 6.46 -6.26
C TYR B 21 5.53 7.57 -6.31
N VAL B 22 5.08 8.03 -5.14
CA VAL B 22 4.09 9.09 -5.06
C VAL B 22 4.57 10.33 -5.82
N LYS B 23 5.78 10.79 -5.51
CA LYS B 23 6.35 11.92 -6.23
C LYS B 23 6.72 11.55 -7.68
N ARG B 24 7.11 10.30 -7.90
CA ARG B 24 7.48 9.81 -9.23
C ARG B 24 6.30 9.91 -10.21
N ALA B 25 5.12 9.53 -9.74
CA ALA B 25 3.93 9.55 -10.58
C ALA B 25 3.16 10.86 -10.45
N GLY B 26 3.62 11.72 -9.57
CA GLY B 26 2.95 12.99 -9.37
C GLY B 26 1.63 12.84 -8.65
N LEU B 27 1.57 11.89 -7.73
CA LEU B 27 0.36 11.64 -6.97
C LEU B 27 0.24 12.63 -5.81
N PRO B 28 -0.99 12.92 -5.36
CA PRO B 28 -1.23 13.91 -4.29
C PRO B 28 -0.73 13.44 -2.93
N SER B 29 -0.80 12.14 -2.66
CA SER B 29 -0.40 11.61 -1.37
C SER B 29 -0.23 10.09 -1.43
N ARG B 30 0.20 9.52 -0.30
CA ARG B 30 0.40 8.07 -0.15
C ARG B 30 -0.88 7.30 -0.43
N SER B 31 -2.02 7.93 -0.16
CA SER B 31 -3.31 7.31 -0.38
C SER B 31 -3.45 6.88 -1.85
N ALA B 32 -3.16 7.80 -2.76
CA ALA B 32 -3.22 7.49 -4.18
C ALA B 32 -2.18 6.43 -4.55
N GLY B 33 -1.08 6.43 -3.81
CA GLY B 33 -0.02 5.47 -4.03
C GLY B 33 -0.47 4.07 -3.68
N LEU B 34 -1.13 3.91 -2.53
CA LEU B 34 -1.63 2.62 -2.11
C LEU B 34 -2.71 2.13 -3.04
N GLN B 35 -3.55 3.04 -3.50
CA GLN B 35 -4.60 2.71 -4.44
C GLN B 35 -4.00 2.11 -5.71
N HIS B 36 -2.89 2.71 -6.18
CA HIS B 36 -2.19 2.19 -7.35
C HIS B 36 -1.59 0.82 -7.05
N ALA B 37 -1.00 0.71 -5.86
CA ALA B 37 -0.37 -0.53 -5.42
C ALA B 37 -1.38 -1.66 -5.36
N ILE B 38 -2.54 -1.37 -4.79
CA ILE B 38 -3.61 -2.35 -4.68
C ILE B 38 -4.18 -2.67 -6.07
N ARG B 39 -4.33 -1.64 -6.88
CA ARG B 39 -4.86 -1.78 -8.23
C ARG B 39 -3.98 -2.71 -9.06
N VAL B 40 -2.67 -2.54 -8.99
CA VAL B 40 -1.75 -3.37 -9.75
C VAL B 40 -1.54 -4.72 -9.07
N LEU B 41 -1.82 -4.77 -7.77
CA LEU B 41 -1.66 -5.98 -6.98
C LEU B 41 -2.68 -7.01 -7.41
N ARG B 42 -3.83 -6.53 -7.81
CA ARG B 42 -4.88 -7.40 -8.29
C ARG B 42 -4.71 -7.60 -9.78
N TYR B 43 -4.74 -6.48 -10.51
CA TYR B 43 -4.61 -6.48 -11.96
C TYR B 43 -3.98 -5.18 -12.43
N SER A 1 7.34 -5.80 6.61
CA SER A 1 8.10 -5.93 7.86
C SER A 1 7.64 -4.90 8.87
N GLY A 2 7.39 -5.33 10.10
CA GLY A 2 6.97 -4.43 11.14
C GLY A 2 8.10 -3.50 11.54
N SER A 3 8.00 -2.24 11.18
CA SER A 3 9.03 -1.27 11.51
C SER A 3 8.43 0.12 11.69
N MET A 4 7.68 0.57 10.70
CA MET A 4 7.06 1.88 10.75
C MET A 4 5.55 1.75 10.63
N LYS A 5 4.86 2.14 11.67
CA LYS A 5 3.41 2.06 11.68
C LYS A 5 2.81 3.39 11.28
N LEU A 6 1.93 3.36 10.29
CA LEU A 6 1.27 4.57 9.82
C LEU A 6 -0.23 4.34 9.60
N SER A 7 -0.98 5.43 9.57
CA SER A 7 -2.42 5.35 9.38
C SER A 7 -2.81 5.83 7.98
N VAL A 8 -3.42 4.94 7.23
CA VAL A 8 -3.83 5.23 5.86
C VAL A 8 -5.35 5.28 5.77
N SER A 9 -5.85 6.16 4.92
CA SER A 9 -7.27 6.27 4.71
C SER A 9 -7.61 5.52 3.43
N LEU A 10 -8.34 4.43 3.56
CA LEU A 10 -8.69 3.60 2.43
C LEU A 10 -10.17 3.30 2.46
N SER A 11 -10.82 3.38 1.33
CA SER A 11 -12.25 3.10 1.24
C SER A 11 -12.52 1.61 1.32
N ASP A 12 -13.78 1.25 1.53
CA ASP A 12 -14.21 -0.13 1.63
C ASP A 12 -13.86 -0.91 0.37
N ASP A 13 -14.00 -0.26 -0.76
CA ASP A 13 -13.69 -0.88 -2.04
C ASP A 13 -12.19 -1.12 -2.17
N ASP A 14 -11.40 -0.12 -1.80
CA ASP A 14 -9.94 -0.20 -1.88
C ASP A 14 -9.39 -1.31 -0.99
N VAL A 15 -9.83 -1.33 0.26
CA VAL A 15 -9.36 -2.32 1.21
C VAL A 15 -9.78 -3.74 0.78
N ALA A 16 -10.97 -3.84 0.19
CA ALA A 16 -11.46 -5.12 -0.30
C ALA A 16 -10.59 -5.64 -1.43
N ILE A 17 -10.11 -4.72 -2.28
CA ILE A 17 -9.22 -5.09 -3.37
C ILE A 17 -7.89 -5.58 -2.82
N LEU A 18 -7.37 -4.86 -1.84
CA LEU A 18 -6.12 -5.24 -1.20
C LEU A 18 -6.26 -6.61 -0.55
N ASP A 19 -7.36 -6.79 0.18
CA ASP A 19 -7.65 -8.04 0.86
C ASP A 19 -7.74 -9.19 -0.13
N ALA A 20 -8.36 -8.91 -1.28
CA ALA A 20 -8.51 -9.90 -2.33
C ALA A 20 -7.15 -10.35 -2.84
N TYR A 21 -6.22 -9.41 -2.98
CA TYR A 21 -4.87 -9.74 -3.40
C TYR A 21 -4.13 -10.48 -2.30
N VAL A 22 -4.31 -10.03 -1.07
CA VAL A 22 -3.67 -10.65 0.09
C VAL A 22 -4.01 -12.13 0.17
N LYS A 23 -5.30 -12.45 0.09
CA LYS A 23 -5.74 -13.83 0.12
C LYS A 23 -5.32 -14.56 -1.15
N ARG A 24 -5.30 -13.83 -2.27
CA ARG A 24 -4.96 -14.39 -3.57
C ARG A 24 -3.53 -14.90 -3.60
N ALA A 25 -2.62 -14.12 -3.07
CA ALA A 25 -1.21 -14.47 -3.07
C ALA A 25 -0.83 -15.27 -1.82
N GLY A 26 -1.77 -15.39 -0.89
CA GLY A 26 -1.50 -16.12 0.33
C GLY A 26 -0.61 -15.34 1.27
N LEU A 27 -0.86 -14.05 1.37
CA LEU A 27 -0.08 -13.17 2.21
C LEU A 27 -0.62 -13.14 3.63
N PRO A 28 0.26 -13.05 4.64
CA PRO A 28 -0.12 -13.09 6.05
C PRO A 28 -1.00 -11.91 6.49
N SER A 29 -0.81 -10.73 5.92
CA SER A 29 -1.59 -9.57 6.34
C SER A 29 -1.51 -8.44 5.31
N ARG A 30 -2.18 -7.33 5.62
CA ARG A 30 -2.24 -6.16 4.74
C ARG A 30 -0.85 -5.57 4.53
N SER A 31 0.01 -5.72 5.53
CA SER A 31 1.39 -5.23 5.45
C SER A 31 2.13 -5.90 4.30
N ALA A 32 1.93 -7.20 4.17
CA ALA A 32 2.53 -7.97 3.08
C ALA A 32 1.90 -7.58 1.75
N GLY A 33 0.63 -7.20 1.80
CA GLY A 33 -0.06 -6.76 0.61
C GLY A 33 0.49 -5.45 0.11
N LEU A 34 0.65 -4.50 1.04
CA LEU A 34 1.22 -3.20 0.73
C LEU A 34 2.68 -3.35 0.32
N GLN A 35 3.33 -4.36 0.87
CA GLN A 35 4.71 -4.66 0.55
C GLN A 35 4.85 -4.89 -0.96
N HIS A 36 4.01 -5.76 -1.48
CA HIS A 36 3.99 -6.07 -2.92
C HIS A 36 3.50 -4.86 -3.72
N ALA A 37 2.50 -4.18 -3.18
CA ALA A 37 1.92 -3.00 -3.84
C ALA A 37 2.98 -1.95 -4.13
N ILE A 38 3.79 -1.67 -3.14
CA ILE A 38 4.86 -0.70 -3.28
C ILE A 38 5.96 -1.24 -4.20
N ARG A 39 6.24 -2.53 -4.06
CA ARG A 39 7.25 -3.21 -4.87
C ARG A 39 6.95 -3.04 -6.36
N VAL A 40 5.69 -3.15 -6.73
CA VAL A 40 5.29 -2.99 -8.13
C VAL A 40 5.13 -1.51 -8.49
N LEU A 41 4.74 -0.71 -7.51
CA LEU A 41 4.54 0.72 -7.69
C LEU A 41 5.84 1.44 -8.05
N ARG A 42 6.93 0.89 -7.53
CA ARG A 42 8.26 1.44 -7.76
C ARG A 42 8.58 1.53 -9.25
N TYR A 43 8.20 0.50 -9.97
CA TYR A 43 8.48 0.42 -11.39
C TYR A 43 7.25 0.81 -12.21
N SER B 1 -10.15 5.29 -2.98
CA SER B 1 -10.46 6.48 -2.19
C SER B 1 -10.12 6.24 -0.71
N GLY B 2 -10.44 7.21 0.13
CA GLY B 2 -10.16 7.07 1.54
C GLY B 2 -11.39 7.27 2.39
N SER B 3 -11.73 6.26 3.17
CA SER B 3 -12.89 6.32 4.06
C SER B 3 -12.52 5.71 5.41
N MET B 4 -12.07 4.47 5.37
CA MET B 4 -11.66 3.76 6.57
C MET B 4 -10.19 4.01 6.86
N LYS B 5 -9.90 4.53 8.03
CA LYS B 5 -8.54 4.80 8.41
C LYS B 5 -7.99 3.65 9.23
N LEU B 6 -6.95 3.01 8.72
CA LEU B 6 -6.32 1.89 9.41
C LEU B 6 -4.83 2.13 9.64
N SER B 7 -4.29 1.54 10.69
CA SER B 7 -2.88 1.66 10.99
C SER B 7 -2.15 0.35 10.73
N VAL B 8 -1.25 0.37 9.77
CA VAL B 8 -0.50 -0.82 9.39
C VAL B 8 0.99 -0.59 9.61
N SER B 9 1.73 -1.66 9.82
CA SER B 9 3.15 -1.57 10.03
C SER B 9 3.86 -1.91 8.73
N LEU B 10 4.51 -0.91 8.19
CA LEU B 10 5.20 -1.05 6.93
C LEU B 10 6.70 -0.89 7.15
N SER B 11 7.47 -1.36 6.21
CA SER B 11 8.91 -1.28 6.32
C SER B 11 9.40 0.14 6.00
N ASP B 12 10.58 0.50 6.49
CA ASP B 12 11.14 1.83 6.30
C ASP B 12 11.48 2.11 4.84
N ASP B 13 12.08 1.13 4.19
CA ASP B 13 12.46 1.26 2.80
C ASP B 13 11.23 1.36 1.90
N ASP B 14 10.24 0.54 2.20
CA ASP B 14 9.02 0.48 1.41
C ASP B 14 8.24 1.78 1.47
N VAL B 15 8.03 2.30 2.68
CA VAL B 15 7.30 3.56 2.83
C VAL B 15 8.03 4.71 2.11
N ALA B 16 9.36 4.65 2.13
CA ALA B 16 10.17 5.65 1.44
C ALA B 16 9.94 5.57 -0.07
N ILE B 17 9.79 4.35 -0.57
CA ILE B 17 9.51 4.13 -1.98
C ILE B 17 8.14 4.69 -2.33
N LEU B 18 7.19 4.48 -1.43
CA LEU B 18 5.85 4.99 -1.60
C LEU B 18 5.88 6.51 -1.70
N ASP B 19 6.60 7.15 -0.79
CA ASP B 19 6.72 8.60 -0.78
C ASP B 19 7.36 9.09 -2.07
N ALA B 20 8.32 8.32 -2.58
CA ALA B 20 9.00 8.64 -3.81
C ALA B 20 8.00 8.69 -4.97
N TYR B 21 7.10 7.71 -5.01
CA TYR B 21 6.07 7.68 -6.03
C TYR B 21 5.05 8.78 -5.79
N VAL B 22 4.73 9.00 -4.52
CA VAL B 22 3.79 10.03 -4.12
C VAL B 22 4.26 11.40 -4.63
N LYS B 23 5.50 11.75 -4.35
CA LYS B 23 6.06 13.02 -4.82
C LYS B 23 6.22 13.02 -6.35
N ARG B 24 6.51 11.84 -6.90
CA ARG B 24 6.71 11.68 -8.34
C ARG B 24 5.44 12.03 -9.11
N ALA B 25 4.30 11.54 -8.63
CA ALA B 25 3.03 11.77 -9.28
C ALA B 25 2.34 13.03 -8.77
N GLY B 26 2.93 13.64 -7.76
CA GLY B 26 2.37 14.86 -7.21
C GLY B 26 1.16 14.59 -6.34
N LEU B 27 1.18 13.46 -5.67
CA LEU B 27 0.08 13.06 -4.82
C LEU B 27 0.22 13.72 -3.44
N PRO B 28 -0.89 14.19 -2.87
CA PRO B 28 -0.89 14.89 -1.59
C PRO B 28 -0.76 13.97 -0.36
N SER B 29 -1.31 12.77 -0.44
CA SER B 29 -1.30 11.87 0.70
C SER B 29 -0.83 10.47 0.32
N ARG B 30 -0.39 9.71 1.33
CA ARG B 30 0.06 8.33 1.14
C ARG B 30 -1.07 7.46 0.65
N SER B 31 -2.29 7.80 1.08
CA SER B 31 -3.49 7.09 0.67
C SER B 31 -3.63 7.12 -0.85
N ALA B 32 -3.39 8.29 -1.43
CA ALA B 32 -3.47 8.45 -2.88
C ALA B 32 -2.43 7.59 -3.58
N GLY B 33 -1.28 7.43 -2.93
CA GLY B 33 -0.23 6.60 -3.48
C GLY B 33 -0.64 5.14 -3.48
N LEU B 34 -1.21 4.70 -2.36
CA LEU B 34 -1.68 3.33 -2.22
C LEU B 34 -2.90 3.08 -3.10
N GLN B 35 -3.62 4.15 -3.41
CA GLN B 35 -4.77 4.05 -4.30
C GLN B 35 -4.34 3.48 -5.65
N HIS B 36 -3.27 4.06 -6.19
CA HIS B 36 -2.72 3.61 -7.48
C HIS B 36 -2.15 2.21 -7.36
N ALA B 37 -1.41 1.97 -6.28
CA ALA B 37 -0.77 0.68 -6.05
C ALA B 37 -1.80 -0.44 -6.00
N ILE B 38 -2.86 -0.22 -5.27
CA ILE B 38 -3.93 -1.20 -5.15
C ILE B 38 -4.67 -1.34 -6.49
N ARG B 39 -4.86 -0.22 -7.16
CA ARG B 39 -5.53 -0.20 -8.47
C ARG B 39 -4.82 -1.10 -9.48
N VAL B 40 -3.50 -1.06 -9.49
CA VAL B 40 -2.73 -1.88 -10.41
C VAL B 40 -2.52 -3.29 -9.83
N LEU B 41 -2.60 -3.41 -8.52
CA LEU B 41 -2.38 -4.66 -7.84
C LEU B 41 -3.57 -5.62 -8.03
N ARG B 42 -4.75 -5.04 -8.25
CA ARG B 42 -5.96 -5.84 -8.43
C ARG B 42 -5.84 -6.75 -9.64
N TYR B 43 -5.23 -6.23 -10.68
CA TYR B 43 -5.07 -6.98 -11.90
C TYR B 43 -3.60 -7.13 -12.25
N SER A 1 18.39 -6.52 7.78
CA SER A 1 17.83 -7.71 8.41
C SER A 1 16.37 -7.50 8.82
N GLY A 2 15.89 -6.26 8.70
CA GLY A 2 14.53 -5.96 9.06
C GLY A 2 14.13 -4.56 8.67
N SER A 3 13.03 -4.45 7.96
CA SER A 3 12.53 -3.15 7.53
C SER A 3 11.37 -2.71 8.43
N MET A 4 10.62 -1.71 7.98
CA MET A 4 9.51 -1.19 8.75
C MET A 4 8.22 -1.94 8.41
N LYS A 5 7.68 -2.63 9.39
CA LYS A 5 6.44 -3.35 9.22
C LYS A 5 5.27 -2.55 9.74
N LEU A 6 4.32 -2.27 8.88
CA LEU A 6 3.14 -1.51 9.26
C LEU A 6 1.87 -2.27 8.91
N SER A 7 0.79 -1.94 9.59
CA SER A 7 -0.49 -2.55 9.32
C SER A 7 -1.44 -1.54 8.69
N VAL A 8 -2.02 -1.91 7.57
CA VAL A 8 -2.89 -1.01 6.83
C VAL A 8 -4.26 -1.66 6.62
N SER A 9 -5.29 -0.85 6.56
CA SER A 9 -6.62 -1.33 6.32
C SER A 9 -6.93 -1.10 4.84
N LEU A 10 -7.10 -2.19 4.11
CA LEU A 10 -7.24 -2.13 2.67
C LEU A 10 -8.58 -2.73 2.22
N SER A 11 -8.98 -2.37 1.01
CA SER A 11 -10.23 -2.86 0.46
C SER A 11 -10.03 -4.25 -0.17
N ASP A 12 -11.12 -4.98 -0.34
CA ASP A 12 -11.07 -6.34 -0.88
C ASP A 12 -10.60 -6.37 -2.34
N ASP A 13 -11.10 -5.44 -3.14
CA ASP A 13 -10.72 -5.40 -4.55
C ASP A 13 -9.27 -5.00 -4.71
N ASP A 14 -8.82 -4.09 -3.86
CA ASP A 14 -7.46 -3.60 -3.91
C ASP A 14 -6.46 -4.69 -3.56
N VAL A 15 -6.71 -5.42 -2.46
CA VAL A 15 -5.83 -6.50 -2.06
C VAL A 15 -5.81 -7.60 -3.13
N ALA A 16 -6.96 -7.82 -3.77
CA ALA A 16 -7.08 -8.82 -4.82
C ALA A 16 -6.16 -8.50 -5.99
N ILE A 17 -6.06 -7.22 -6.34
CA ILE A 17 -5.19 -6.80 -7.43
C ILE A 17 -3.73 -6.95 -7.04
N LEU A 18 -3.40 -6.54 -5.82
CA LEU A 18 -2.04 -6.69 -5.32
C LEU A 18 -1.64 -8.14 -5.30
N ASP A 19 -2.52 -8.97 -4.76
CA ASP A 19 -2.29 -10.41 -4.67
C ASP A 19 -2.10 -11.00 -6.06
N ALA A 20 -2.83 -10.46 -7.03
CA ALA A 20 -2.72 -10.91 -8.41
C ALA A 20 -1.35 -10.55 -8.97
N TYR A 21 -0.92 -9.32 -8.70
CA TYR A 21 0.37 -8.85 -9.17
C TYR A 21 1.50 -9.63 -8.52
N VAL A 22 1.32 -9.98 -7.26
CA VAL A 22 2.32 -10.74 -6.52
C VAL A 22 2.61 -12.08 -7.20
N LYS A 23 1.57 -12.85 -7.48
CA LYS A 23 1.72 -14.13 -8.17
C LYS A 23 2.13 -13.93 -9.64
N ARG A 24 1.63 -12.85 -10.23
CA ARG A 24 1.88 -12.52 -11.63
C ARG A 24 3.33 -12.11 -11.88
N ALA A 25 3.87 -11.27 -11.01
CA ALA A 25 5.24 -10.80 -11.17
C ALA A 25 6.23 -11.79 -10.55
N GLY A 26 5.71 -12.78 -9.85
CA GLY A 26 6.56 -13.77 -9.23
C GLY A 26 7.30 -13.22 -8.04
N LEU A 27 6.61 -12.41 -7.25
CA LEU A 27 7.19 -11.79 -6.09
C LEU A 27 7.03 -12.68 -4.86
N PRO A 28 7.90 -12.51 -3.84
CA PRO A 28 7.86 -13.34 -2.64
C PRO A 28 6.66 -13.06 -1.74
N SER A 29 6.24 -11.81 -1.70
CA SER A 29 5.14 -11.43 -0.83
C SER A 29 4.45 -10.17 -1.34
N ARG A 30 3.34 -9.82 -0.68
CA ARG A 30 2.59 -8.62 -1.00
C ARG A 30 3.41 -7.38 -0.69
N SER A 31 4.31 -7.51 0.29
CA SER A 31 5.22 -6.44 0.65
C SER A 31 6.06 -6.02 -0.55
N ALA A 32 6.63 -7.01 -1.25
CA ALA A 32 7.43 -6.74 -2.45
C ALA A 32 6.55 -6.11 -3.53
N GLY A 33 5.28 -6.48 -3.52
CA GLY A 33 4.33 -5.94 -4.48
C GLY A 33 4.12 -4.46 -4.25
N LEU A 34 3.89 -4.09 -3.00
CA LEU A 34 3.71 -2.68 -2.65
C LEU A 34 4.98 -1.90 -2.84
N GLN A 35 6.12 -2.55 -2.63
CA GLN A 35 7.41 -1.91 -2.87
C GLN A 35 7.52 -1.53 -4.35
N HIS A 36 7.04 -2.42 -5.22
CA HIS A 36 6.98 -2.14 -6.66
C HIS A 36 5.96 -1.03 -6.94
N ALA A 37 4.81 -1.13 -6.30
CA ALA A 37 3.71 -0.17 -6.46
C ALA A 37 4.16 1.24 -6.14
N ILE A 38 4.85 1.38 -5.03
CA ILE A 38 5.38 2.67 -4.63
C ILE A 38 6.50 3.12 -5.56
N ARG A 39 7.32 2.17 -5.96
CA ARG A 39 8.42 2.41 -6.90
C ARG A 39 7.90 2.99 -8.21
N VAL A 40 6.82 2.42 -8.73
CA VAL A 40 6.23 2.90 -9.99
C VAL A 40 5.39 4.15 -9.75
N LEU A 41 5.00 4.37 -8.50
CA LEU A 41 4.22 5.54 -8.12
C LEU A 41 5.11 6.76 -8.07
N ARG A 42 6.36 6.54 -7.71
CA ARG A 42 7.33 7.60 -7.64
C ARG A 42 7.88 7.89 -9.03
N TYR A 43 8.43 6.88 -9.68
CA TYR A 43 9.04 7.03 -11.01
C TYR A 43 9.03 5.71 -11.77
N SER B 1 -15.14 1.38 6.35
CA SER B 1 -14.83 0.77 7.65
C SER B 1 -13.48 0.07 7.59
N GLY B 2 -13.23 -0.66 6.52
CA GLY B 2 -11.98 -1.38 6.39
C GLY B 2 -12.16 -2.85 6.64
N SER B 3 -12.09 -3.63 5.59
CA SER B 3 -12.30 -5.04 5.70
C SER B 3 -11.01 -5.80 6.00
N MET B 4 -10.15 -5.93 5.01
CA MET B 4 -8.93 -6.69 5.16
C MET B 4 -7.76 -5.81 5.51
N LYS B 5 -7.15 -6.09 6.64
CA LYS B 5 -5.99 -5.36 7.08
C LYS B 5 -4.73 -6.15 6.77
N LEU B 6 -3.81 -5.53 6.08
CA LEU B 6 -2.58 -6.19 5.68
C LEU B 6 -1.42 -5.78 6.56
N SER B 7 -0.56 -6.73 6.82
CA SER B 7 0.66 -6.49 7.54
C SER B 7 1.80 -6.53 6.54
N VAL B 8 2.43 -5.40 6.33
CA VAL B 8 3.41 -5.28 5.27
C VAL B 8 4.77 -4.85 5.80
N SER B 9 5.81 -5.46 5.27
CA SER B 9 7.16 -5.08 5.59
C SER B 9 7.66 -4.22 4.45
N LEU B 10 7.86 -2.97 4.73
CA LEU B 10 8.24 -2.02 3.72
C LEU B 10 9.56 -1.37 4.06
N SER B 11 10.32 -1.03 3.04
CA SER B 11 11.60 -0.38 3.24
C SER B 11 11.37 1.02 3.77
N ASP B 12 12.40 1.57 4.41
CA ASP B 12 12.31 2.91 4.98
C ASP B 12 12.02 3.94 3.90
N ASP B 13 12.70 3.79 2.77
CA ASP B 13 12.52 4.69 1.65
C ASP B 13 11.13 4.53 1.03
N ASP B 14 10.70 3.29 0.87
CA ASP B 14 9.40 3.00 0.25
C ASP B 14 8.26 3.61 1.03
N VAL B 15 8.24 3.37 2.34
CA VAL B 15 7.19 3.91 3.18
C VAL B 15 7.25 5.45 3.21
N ALA B 16 8.46 6.00 3.17
CA ALA B 16 8.66 7.44 3.14
C ALA B 16 8.11 8.03 1.85
N ILE B 17 8.31 7.31 0.75
CA ILE B 17 7.81 7.73 -0.55
C ILE B 17 6.28 7.65 -0.58
N LEU B 18 5.74 6.60 0.02
CA LEU B 18 4.29 6.47 0.13
C LEU B 18 3.74 7.66 0.87
N ASP B 19 4.37 7.98 1.99
CA ASP B 19 3.98 9.13 2.80
C ASP B 19 4.10 10.42 2.01
N ALA B 20 5.18 10.53 1.23
CA ALA B 20 5.44 11.70 0.40
C ALA B 20 4.35 11.86 -0.66
N TYR B 21 3.91 10.75 -1.24
CA TYR B 21 2.85 10.77 -2.23
C TYR B 21 1.52 11.10 -1.58
N VAL B 22 1.27 10.50 -0.41
CA VAL B 22 0.05 10.70 0.34
C VAL B 22 -0.15 12.20 0.67
N LYS B 23 0.88 12.82 1.23
CA LYS B 23 0.80 14.23 1.58
C LYS B 23 0.71 15.13 0.34
N ARG B 24 1.36 14.70 -0.75
CA ARG B 24 1.36 15.45 -2.00
C ARG B 24 -0.03 15.48 -2.64
N ALA B 25 -0.67 14.32 -2.67
CA ALA B 25 -1.98 14.19 -3.29
C ALA B 25 -3.09 14.63 -2.34
N GLY B 26 -2.73 14.97 -1.11
CA GLY B 26 -3.70 15.40 -0.13
C GLY B 26 -4.57 14.26 0.34
N LEU B 27 -3.98 13.09 0.45
CA LEU B 27 -4.68 11.89 0.87
C LEU B 27 -4.70 11.78 2.39
N PRO B 28 -5.84 11.36 2.96
CA PRO B 28 -6.02 11.28 4.42
C PRO B 28 -5.20 10.16 5.08
N SER B 29 -5.00 9.05 4.38
CA SER B 29 -4.30 7.92 4.96
C SER B 29 -3.43 7.21 3.95
N ARG B 30 -2.61 6.28 4.44
CA ARG B 30 -1.76 5.47 3.59
C ARG B 30 -2.59 4.53 2.73
N SER B 31 -3.76 4.16 3.24
CA SER B 31 -4.69 3.32 2.49
C SER B 31 -5.03 3.98 1.17
N ALA B 32 -5.36 5.26 1.21
CA ALA B 32 -5.68 6.01 0.01
C ALA B 32 -4.49 6.05 -0.93
N GLY B 33 -3.29 6.08 -0.34
CA GLY B 33 -2.08 6.04 -1.13
C GLY B 33 -1.90 4.70 -1.80
N LEU B 34 -2.17 3.64 -1.07
CA LEU B 34 -2.07 2.29 -1.59
C LEU B 34 -3.10 2.07 -2.69
N GLN B 35 -4.26 2.69 -2.55
CA GLN B 35 -5.31 2.62 -3.56
C GLN B 35 -4.76 3.11 -4.89
N HIS B 36 -4.06 4.23 -4.84
CA HIS B 36 -3.43 4.81 -6.03
C HIS B 36 -2.31 3.91 -6.54
N ALA B 37 -1.55 3.34 -5.62
CA ALA B 37 -0.42 2.48 -5.95
C ALA B 37 -0.88 1.18 -6.61
N ILE B 38 -1.89 0.55 -6.02
CA ILE B 38 -2.41 -0.70 -6.54
C ILE B 38 -3.13 -0.47 -7.87
N ARG B 39 -3.86 0.63 -7.96
CA ARG B 39 -4.58 0.99 -9.18
C ARG B 39 -3.63 1.12 -10.39
N VAL B 40 -2.44 1.66 -10.17
CA VAL B 40 -1.47 1.80 -11.25
C VAL B 40 -0.69 0.50 -11.44
N LEU B 41 -0.59 -0.26 -10.37
CA LEU B 41 0.12 -1.53 -10.38
C LEU B 41 -0.68 -2.59 -11.15
N ARG B 42 -1.97 -2.34 -11.26
CA ARG B 42 -2.88 -3.23 -11.98
C ARG B 42 -2.43 -3.35 -13.44
N TYR B 43 -1.95 -2.24 -13.97
CA TYR B 43 -1.48 -2.17 -15.33
C TYR B 43 -0.07 -2.70 -15.44
N SER A 1 7.81 6.57 16.77
CA SER A 1 7.13 7.61 17.54
C SER A 1 6.33 8.52 16.62
N GLY A 2 5.01 8.49 16.78
CA GLY A 2 4.16 9.29 15.94
C GLY A 2 3.89 8.62 14.61
N SER A 3 3.09 9.25 13.78
CA SER A 3 2.77 8.71 12.48
C SER A 3 2.33 9.83 11.53
N MET A 4 2.16 9.49 10.26
CA MET A 4 1.75 10.45 9.26
C MET A 4 0.38 10.04 8.72
N LYS A 5 -0.58 10.93 8.83
CA LYS A 5 -1.91 10.64 8.33
C LYS A 5 -2.11 11.31 6.99
N LEU A 6 -2.31 10.51 5.97
CA LEU A 6 -2.53 11.02 4.63
C LEU A 6 -3.73 10.36 3.97
N SER A 7 -4.15 10.91 2.86
CA SER A 7 -5.28 10.39 2.13
C SER A 7 -4.83 9.68 0.86
N VAL A 8 -5.37 8.50 0.62
CA VAL A 8 -5.01 7.74 -0.55
C VAL A 8 -6.26 7.24 -1.24
N SER A 9 -6.23 7.22 -2.56
CA SER A 9 -7.31 6.67 -3.32
C SER A 9 -6.93 5.26 -3.74
N LEU A 10 -7.63 4.30 -3.19
CA LEU A 10 -7.35 2.91 -3.43
C LEU A 10 -8.53 2.30 -4.15
N SER A 11 -8.28 1.30 -4.98
CA SER A 11 -9.38 0.70 -5.71
C SER A 11 -10.30 -0.04 -4.73
N ASP A 12 -11.56 -0.21 -5.10
CA ASP A 12 -12.54 -0.82 -4.20
C ASP A 12 -12.20 -2.29 -3.96
N ASP A 13 -11.83 -2.97 -5.03
CA ASP A 13 -11.46 -4.38 -4.95
C ASP A 13 -10.18 -4.56 -4.12
N ASP A 14 -9.21 -3.69 -4.38
CA ASP A 14 -7.93 -3.74 -3.67
C ASP A 14 -8.09 -3.42 -2.20
N VAL A 15 -9.01 -2.51 -1.88
CA VAL A 15 -9.32 -2.21 -0.48
C VAL A 15 -9.82 -3.47 0.22
N ALA A 16 -10.62 -4.25 -0.50
CA ALA A 16 -11.15 -5.50 0.03
C ALA A 16 -10.04 -6.52 0.23
N ILE A 17 -9.09 -6.54 -0.71
CA ILE A 17 -7.94 -7.44 -0.63
C ILE A 17 -7.11 -7.12 0.61
N LEU A 18 -6.86 -5.82 0.80
CA LEU A 18 -6.13 -5.36 1.96
C LEU A 18 -6.88 -5.69 3.22
N ASP A 19 -8.18 -5.42 3.20
CA ASP A 19 -9.06 -5.67 4.34
C ASP A 19 -9.01 -7.15 4.74
N ALA A 20 -8.94 -8.02 3.73
CA ALA A 20 -8.85 -9.45 3.94
C ALA A 20 -7.54 -9.82 4.61
N TYR A 21 -6.47 -9.15 4.21
CA TYR A 21 -5.15 -9.38 4.78
C TYR A 21 -5.10 -8.87 6.22
N VAL A 22 -5.69 -7.70 6.44
CA VAL A 22 -5.72 -7.07 7.76
C VAL A 22 -6.35 -8.00 8.80
N LYS A 23 -7.52 -8.52 8.49
CA LYS A 23 -8.23 -9.43 9.39
C LYS A 23 -7.48 -10.76 9.55
N ARG A 24 -6.81 -11.17 8.48
CA ARG A 24 -6.08 -12.44 8.46
C ARG A 24 -4.85 -12.38 9.35
N ALA A 25 -4.11 -11.29 9.24
CA ALA A 25 -2.87 -11.13 10.00
C ALA A 25 -3.12 -10.60 11.40
N GLY A 26 -4.39 -10.34 11.72
CA GLY A 26 -4.75 -9.83 13.02
C GLY A 26 -4.25 -8.42 13.23
N LEU A 27 -4.39 -7.60 12.22
CA LEU A 27 -3.94 -6.23 12.28
C LEU A 27 -5.09 -5.32 12.69
N PRO A 28 -4.81 -4.31 13.53
CA PRO A 28 -5.85 -3.41 14.04
C PRO A 28 -6.45 -2.47 12.99
N SER A 29 -5.63 -2.05 12.03
CA SER A 29 -6.09 -1.10 11.02
C SER A 29 -5.52 -1.45 9.65
N ARG A 30 -6.08 -0.84 8.60
CA ARG A 30 -5.61 -1.08 7.23
C ARG A 30 -4.20 -0.55 7.05
N SER A 31 -3.88 0.49 7.81
CA SER A 31 -2.57 1.08 7.80
C SER A 31 -1.51 0.03 8.14
N ALA A 32 -1.75 -0.73 9.19
CA ALA A 32 -0.82 -1.76 9.62
C ALA A 32 -0.61 -2.80 8.52
N GLY A 33 -1.64 -3.01 7.71
CA GLY A 33 -1.54 -3.92 6.59
C GLY A 33 -0.60 -3.39 5.53
N LEU A 34 -0.65 -2.08 5.34
CA LEU A 34 0.19 -1.42 4.36
C LEU A 34 1.65 -1.41 4.78
N GLN A 35 1.89 -1.32 6.09
CA GLN A 35 3.27 -1.38 6.61
C GLN A 35 3.94 -2.69 6.20
N HIS A 36 3.18 -3.78 6.27
CA HIS A 36 3.67 -5.09 5.84
C HIS A 36 3.89 -5.09 4.34
N ALA A 37 2.94 -4.52 3.62
CA ALA A 37 2.99 -4.46 2.17
C ALA A 37 4.21 -3.67 1.70
N ILE A 38 4.48 -2.56 2.35
CA ILE A 38 5.62 -1.73 2.04
C ILE A 38 6.93 -2.42 2.50
N ARG A 39 6.88 -3.06 3.65
CA ARG A 39 8.03 -3.80 4.18
C ARG A 39 8.49 -4.86 3.19
N VAL A 40 7.55 -5.58 2.60
CA VAL A 40 7.89 -6.59 1.62
C VAL A 40 8.12 -5.94 0.23
N LEU A 41 7.78 -4.67 0.13
CA LEU A 41 7.92 -3.93 -1.12
C LEU A 41 9.31 -3.31 -1.21
N ARG A 42 9.93 -3.07 -0.04
CA ARG A 42 11.29 -2.53 0.04
C ARG A 42 12.25 -3.41 -0.75
N TYR A 43 12.08 -4.69 -0.60
CA TYR A 43 12.93 -5.67 -1.22
C TYR A 43 12.48 -5.96 -2.65
N SER B 1 -16.22 4.64 -11.21
CA SER B 1 -14.95 4.00 -10.86
C SER B 1 -14.98 3.53 -9.41
N GLY B 2 -14.82 2.22 -9.23
CA GLY B 2 -14.83 1.65 -7.90
C GLY B 2 -13.54 1.94 -7.16
N SER B 3 -13.51 3.06 -6.48
CA SER B 3 -12.35 3.47 -5.73
C SER B 3 -12.76 4.11 -4.41
N MET B 4 -11.93 3.97 -3.40
CA MET B 4 -12.20 4.51 -2.09
C MET B 4 -11.13 5.47 -1.67
N LYS B 5 -11.53 6.63 -1.25
CA LYS B 5 -10.61 7.59 -0.71
C LYS B 5 -10.74 7.56 0.79
N LEU B 6 -9.68 7.16 1.45
CA LEU B 6 -9.71 7.04 2.89
C LEU B 6 -8.42 7.56 3.51
N SER B 7 -8.39 7.60 4.83
CA SER B 7 -7.26 8.15 5.52
C SER B 7 -6.42 7.02 6.10
N VAL B 8 -5.13 7.11 5.89
CA VAL B 8 -4.22 6.10 6.35
C VAL B 8 -3.13 6.73 7.21
N SER B 9 -2.86 6.13 8.34
CA SER B 9 -1.80 6.58 9.20
C SER B 9 -0.60 5.68 8.96
N LEU B 10 0.43 6.24 8.37
CA LEU B 10 1.60 5.48 7.99
C LEU B 10 2.78 5.91 8.83
N SER B 11 3.74 5.04 8.98
CA SER B 11 4.92 5.36 9.75
C SER B 11 5.85 6.27 8.95
N ASP B 12 6.72 6.98 9.65
CA ASP B 12 7.62 7.93 9.02
C ASP B 12 8.62 7.21 8.10
N ASP B 13 9.19 6.13 8.60
CA ASP B 13 10.13 5.31 7.82
C ASP B 13 9.41 4.59 6.71
N ASP B 14 8.20 4.15 7.00
CA ASP B 14 7.38 3.38 6.08
C ASP B 14 7.06 4.17 4.82
N VAL B 15 6.55 5.38 4.99
CA VAL B 15 6.21 6.23 3.85
C VAL B 15 7.45 6.52 2.99
N ALA B 16 8.61 6.65 3.64
CA ALA B 16 9.87 6.88 2.94
C ALA B 16 10.16 5.74 1.97
N ILE B 17 9.86 4.52 2.39
CA ILE B 17 10.08 3.35 1.54
C ILE B 17 9.09 3.36 0.39
N LEU B 18 7.86 3.77 0.67
CA LEU B 18 6.84 3.88 -0.36
C LEU B 18 7.28 4.86 -1.42
N ASP B 19 7.76 6.03 -0.98
CA ASP B 19 8.26 7.05 -1.89
C ASP B 19 9.37 6.49 -2.75
N ALA B 20 10.23 5.72 -2.12
CA ALA B 20 11.34 5.09 -2.80
C ALA B 20 10.84 4.15 -3.89
N TYR B 21 9.82 3.37 -3.57
CA TYR B 21 9.25 2.43 -4.52
C TYR B 21 8.51 3.17 -5.63
N VAL B 22 7.83 4.26 -5.28
CA VAL B 22 7.09 5.05 -6.25
C VAL B 22 8.02 5.55 -7.35
N LYS B 23 9.12 6.18 -6.95
CA LYS B 23 10.12 6.65 -7.91
C LYS B 23 10.84 5.47 -8.58
N ARG B 24 10.98 4.39 -7.82
CA ARG B 24 11.67 3.16 -8.25
C ARG B 24 10.99 2.57 -9.49
N ALA B 25 9.67 2.54 -9.49
CA ALA B 25 8.93 2.00 -10.62
C ALA B 25 8.41 3.11 -11.52
N GLY B 26 8.68 4.36 -11.13
CA GLY B 26 8.23 5.50 -11.90
C GLY B 26 6.73 5.67 -11.86
N LEU B 27 6.15 5.42 -10.70
CA LEU B 27 4.70 5.48 -10.53
C LEU B 27 4.24 6.93 -10.37
N PRO B 28 2.96 7.22 -10.72
CA PRO B 28 2.42 8.58 -10.68
C PRO B 28 2.12 9.07 -9.27
N SER B 29 1.72 8.17 -8.39
CA SER B 29 1.35 8.55 -7.04
C SER B 29 1.52 7.38 -6.07
N ARG B 30 1.37 7.67 -4.78
CA ARG B 30 1.47 6.66 -3.72
C ARG B 30 0.41 5.57 -3.90
N SER B 31 -0.70 5.96 -4.51
CA SER B 31 -1.80 5.05 -4.77
C SER B 31 -1.35 3.86 -5.61
N ALA B 32 -0.66 4.14 -6.72
CA ALA B 32 -0.14 3.09 -7.58
C ALA B 32 0.86 2.22 -6.83
N GLY B 33 1.58 2.83 -5.90
CA GLY B 33 2.55 2.09 -5.11
C GLY B 33 1.87 1.09 -4.20
N LEU B 34 0.85 1.55 -3.49
CA LEU B 34 0.11 0.68 -2.59
C LEU B 34 -0.70 -0.34 -3.38
N GLN B 35 -1.13 0.05 -4.58
CA GLN B 35 -1.85 -0.85 -5.47
C GLN B 35 -0.97 -2.08 -5.76
N HIS B 36 0.31 -1.82 -6.06
CA HIS B 36 1.27 -2.89 -6.31
C HIS B 36 1.52 -3.69 -5.05
N ALA B 37 1.66 -2.97 -3.93
CA ALA B 37 1.92 -3.57 -2.63
C ALA B 37 0.83 -4.56 -2.25
N ILE B 38 -0.41 -4.17 -2.46
CA ILE B 38 -1.55 -5.03 -2.18
C ILE B 38 -1.61 -6.18 -3.18
N ARG B 39 -1.32 -5.85 -4.45
CA ARG B 39 -1.32 -6.82 -5.53
C ARG B 39 -0.37 -7.99 -5.22
N VAL B 40 0.83 -7.68 -4.72
CA VAL B 40 1.82 -8.70 -4.41
C VAL B 40 1.45 -9.47 -3.13
N LEU B 41 0.62 -8.86 -2.29
CA LEU B 41 0.17 -9.50 -1.06
C LEU B 41 -0.87 -10.55 -1.38
N ARG B 42 -1.46 -10.45 -2.55
CA ARG B 42 -2.45 -11.40 -2.99
C ARG B 42 -1.87 -12.34 -4.04
N TYR B 43 -1.45 -11.78 -5.17
CA TYR B 43 -0.88 -12.56 -6.25
C TYR B 43 0.38 -11.88 -6.77
N SER A 1 8.50 2.65 15.13
CA SER A 1 7.61 2.13 14.08
C SER A 1 6.20 2.67 14.30
N GLY A 2 5.46 2.85 13.20
CA GLY A 2 4.11 3.38 13.31
C GLY A 2 4.11 4.82 13.77
N SER A 3 5.00 5.60 13.20
CA SER A 3 5.17 6.98 13.57
C SER A 3 4.31 7.90 12.71
N MET A 4 4.50 7.81 11.41
CA MET A 4 3.80 8.66 10.48
C MET A 4 2.42 8.12 10.19
N LYS A 5 1.41 8.89 10.53
CA LYS A 5 0.03 8.50 10.30
C LYS A 5 -0.60 9.42 9.28
N LEU A 6 -0.97 8.87 8.14
CA LEU A 6 -1.57 9.65 7.08
C LEU A 6 -2.91 9.06 6.65
N SER A 7 -3.66 9.82 5.88
CA SER A 7 -4.95 9.39 5.40
C SER A 7 -4.86 9.05 3.92
N VAL A 8 -5.20 7.82 3.60
CA VAL A 8 -5.12 7.33 2.25
C VAL A 8 -6.50 7.19 1.65
N SER A 9 -6.64 7.55 0.39
CA SER A 9 -7.88 7.39 -0.30
C SER A 9 -7.80 6.13 -1.11
N LEU A 10 -8.55 5.15 -0.72
CA LEU A 10 -8.48 3.85 -1.36
C LEU A 10 -9.85 3.44 -1.84
N SER A 11 -9.89 2.78 -2.97
CA SER A 11 -11.13 2.31 -3.52
C SER A 11 -11.67 1.15 -2.70
N ASP A 12 -12.97 0.91 -2.80
CA ASP A 12 -13.65 -0.12 -2.01
C ASP A 12 -13.07 -1.50 -2.25
N ASP A 13 -12.81 -1.83 -3.51
CA ASP A 13 -12.28 -3.14 -3.85
C ASP A 13 -10.85 -3.29 -3.37
N ASP A 14 -10.05 -2.24 -3.55
CA ASP A 14 -8.65 -2.24 -3.15
C ASP A 14 -8.49 -2.49 -1.65
N VAL A 15 -9.23 -1.73 -0.84
CA VAL A 15 -9.16 -1.89 0.61
C VAL A 15 -9.65 -3.29 1.00
N ALA A 16 -10.65 -3.79 0.28
CA ALA A 16 -11.18 -5.13 0.53
C ALA A 16 -10.12 -6.18 0.22
N ILE A 17 -9.31 -5.92 -0.81
CA ILE A 17 -8.20 -6.81 -1.16
C ILE A 17 -7.14 -6.75 -0.08
N LEU A 18 -6.87 -5.54 0.40
CA LEU A 18 -5.93 -5.33 1.49
C LEU A 18 -6.41 -6.14 2.69
N ASP A 19 -7.70 -6.00 2.98
CA ASP A 19 -8.33 -6.72 4.07
C ASP A 19 -8.20 -8.23 3.88
N ALA A 20 -8.46 -8.67 2.66
CA ALA A 20 -8.38 -10.07 2.31
C ALA A 20 -6.97 -10.60 2.53
N TYR A 21 -5.99 -9.84 2.08
CA TYR A 21 -4.60 -10.24 2.23
C TYR A 21 -4.20 -10.23 3.71
N VAL A 22 -4.58 -9.18 4.41
CA VAL A 22 -4.27 -9.04 5.83
C VAL A 22 -4.83 -10.21 6.65
N LYS A 23 -6.10 -10.54 6.46
CA LYS A 23 -6.70 -11.66 7.18
C LYS A 23 -6.11 -12.99 6.71
N ARG A 24 -5.78 -13.06 5.41
CA ARG A 24 -5.22 -14.28 4.81
C ARG A 24 -3.84 -14.59 5.36
N ALA A 25 -3.03 -13.57 5.52
CA ALA A 25 -1.67 -13.74 6.00
C ALA A 25 -1.61 -13.70 7.53
N GLY A 26 -2.77 -13.57 8.16
CA GLY A 26 -2.84 -13.53 9.61
C GLY A 26 -2.16 -12.31 10.18
N LEU A 27 -2.30 -11.19 9.49
CA LEU A 27 -1.68 -9.95 9.90
C LEU A 27 -2.58 -9.21 10.89
N PRO A 28 -1.99 -8.59 11.92
CA PRO A 28 -2.75 -7.91 12.98
C PRO A 28 -3.22 -6.50 12.62
N SER A 29 -2.82 -5.99 11.46
CA SER A 29 -3.20 -4.63 11.10
C SER A 29 -3.03 -4.39 9.59
N ARG A 30 -3.67 -3.33 9.10
CA ARG A 30 -3.56 -2.93 7.71
C ARG A 30 -2.13 -2.50 7.42
N SER A 31 -1.46 -1.95 8.44
CA SER A 31 -0.07 -1.53 8.32
C SER A 31 0.80 -2.71 7.93
N ALA A 32 0.57 -3.85 8.58
CA ALA A 32 1.32 -5.06 8.29
C ALA A 32 1.10 -5.48 6.84
N GLY A 33 -0.12 -5.24 6.35
CA GLY A 33 -0.42 -5.54 4.97
C GLY A 33 0.34 -4.61 4.05
N LEU A 34 0.40 -3.33 4.44
CA LEU A 34 1.14 -2.35 3.68
C LEU A 34 2.62 -2.68 3.68
N GLN A 35 3.11 -3.22 4.78
CA GLN A 35 4.51 -3.65 4.87
C GLN A 35 4.82 -4.68 3.80
N HIS A 36 3.93 -5.64 3.63
CA HIS A 36 4.10 -6.67 2.61
C HIS A 36 4.02 -6.05 1.22
N ALA A 37 3.05 -5.16 1.04
CA ALA A 37 2.86 -4.48 -0.24
C ALA A 37 4.07 -3.61 -0.59
N ILE A 38 4.54 -2.85 0.38
CA ILE A 38 5.70 -1.99 0.21
C ILE A 38 6.94 -2.83 -0.06
N ARG A 39 7.07 -3.95 0.65
CA ARG A 39 8.20 -4.85 0.48
C ARG A 39 8.30 -5.36 -0.97
N VAL A 40 7.17 -5.74 -1.56
CA VAL A 40 7.17 -6.25 -2.93
C VAL A 40 7.23 -5.10 -3.94
N LEU A 41 6.73 -3.95 -3.54
CA LEU A 41 6.71 -2.76 -4.37
C LEU A 41 8.10 -2.12 -4.43
N ARG A 42 8.88 -2.40 -3.40
CA ARG A 42 10.23 -1.87 -3.27
C ARG A 42 11.06 -2.20 -4.51
N TYR A 43 10.91 -3.42 -5.00
CA TYR A 43 11.63 -3.86 -6.17
C TYR A 43 10.88 -3.52 -7.43
N SER B 1 -18.06 8.39 -7.05
CA SER B 1 -16.80 9.12 -7.31
C SER B 1 -15.90 9.12 -6.08
N GLY B 2 -16.50 9.08 -4.90
CA GLY B 2 -15.73 9.06 -3.69
C GLY B 2 -15.35 7.65 -3.30
N SER B 3 -14.18 7.49 -2.74
CA SER B 3 -13.72 6.20 -2.31
C SER B 3 -13.64 6.14 -0.79
N MET B 4 -12.98 5.13 -0.27
CA MET B 4 -12.85 4.97 1.15
C MET B 4 -11.55 5.60 1.66
N LYS B 5 -11.67 6.57 2.54
CA LYS B 5 -10.50 7.24 3.10
C LYS B 5 -10.27 6.80 4.53
N LEU B 6 -9.12 6.19 4.76
CA LEU B 6 -8.76 5.72 6.08
C LEU B 6 -7.37 6.19 6.47
N SER B 7 -7.08 6.19 7.75
CA SER B 7 -5.78 6.61 8.22
C SER B 7 -4.99 5.42 8.72
N VAL B 8 -3.79 5.25 8.20
CA VAL B 8 -2.95 4.14 8.57
C VAL B 8 -1.69 4.65 9.25
N SER B 9 -1.16 3.85 10.16
CA SER B 9 0.06 4.21 10.85
C SER B 9 1.22 3.49 10.19
N LEU B 10 2.14 4.26 9.64
CA LEU B 10 3.26 3.70 8.91
C LEU B 10 4.56 4.23 9.50
N SER B 11 5.65 3.53 9.24
CA SER B 11 6.93 3.95 9.75
C SER B 11 7.65 4.85 8.74
N ASP B 12 8.61 5.62 9.22
CA ASP B 12 9.35 6.57 8.39
C ASP B 12 10.08 5.87 7.26
N ASP B 13 10.63 4.69 7.54
CA ASP B 13 11.35 3.92 6.54
C ASP B 13 10.42 3.38 5.47
N ASP B 14 9.25 2.93 5.88
CA ASP B 14 8.28 2.32 4.96
C ASP B 14 7.70 3.35 4.01
N VAL B 15 7.32 4.50 4.54
CA VAL B 15 6.74 5.56 3.72
C VAL B 15 7.72 6.02 2.65
N ALA B 16 9.01 6.04 3.00
CA ALA B 16 10.06 6.45 2.07
C ALA B 16 10.10 5.53 0.84
N ILE B 17 9.92 4.23 1.06
CA ILE B 17 9.92 3.26 -0.04
C ILE B 17 8.73 3.51 -0.96
N LEU B 18 7.56 3.68 -0.37
CA LEU B 18 6.35 3.97 -1.14
C LEU B 18 6.54 5.26 -1.91
N ASP B 19 7.04 6.27 -1.22
CA ASP B 19 7.28 7.59 -1.79
C ASP B 19 8.22 7.48 -2.99
N ALA B 20 9.16 6.55 -2.92
CA ALA B 20 10.11 6.32 -4.00
C ALA B 20 9.42 5.76 -5.23
N TYR B 21 8.50 4.81 -5.02
CA TYR B 21 7.76 4.22 -6.11
C TYR B 21 6.80 5.23 -6.72
N VAL B 22 6.25 6.09 -5.89
CA VAL B 22 5.31 7.12 -6.34
C VAL B 22 5.95 7.99 -7.42
N LYS B 23 7.14 8.51 -7.14
CA LYS B 23 7.86 9.30 -8.13
C LYS B 23 8.36 8.44 -9.28
N ARG B 24 8.71 7.19 -8.97
CA ARG B 24 9.24 6.25 -9.96
C ARG B 24 8.23 6.00 -11.07
N ALA B 25 6.97 5.79 -10.70
CA ALA B 25 5.94 5.51 -11.68
C ALA B 25 5.24 6.79 -12.14
N GLY B 26 5.50 7.88 -11.45
CA GLY B 26 4.88 9.14 -11.80
C GLY B 26 3.44 9.20 -11.33
N LEU B 27 3.22 8.74 -10.12
CA LEU B 27 1.88 8.72 -9.55
C LEU B 27 1.60 10.03 -8.84
N PRO B 28 0.33 10.50 -8.89
CA PRO B 28 -0.06 11.77 -8.28
C PRO B 28 -0.03 11.75 -6.75
N SER B 29 -0.33 10.60 -6.16
CA SER B 29 -0.36 10.50 -4.71
C SER B 29 0.08 9.12 -4.24
N ARG B 30 0.31 9.00 -2.95
CA ARG B 30 0.76 7.74 -2.35
C ARG B 30 -0.35 6.69 -2.39
N SER B 31 -1.60 7.16 -2.34
CA SER B 31 -2.76 6.28 -2.46
C SER B 31 -2.70 5.52 -3.79
N ALA B 32 -2.27 6.22 -4.84
CA ALA B 32 -2.14 5.61 -6.17
C ALA B 32 -1.02 4.59 -6.16
N GLY B 33 -0.02 4.83 -5.32
CA GLY B 33 1.08 3.90 -5.18
C GLY B 33 0.60 2.63 -4.52
N LEU B 34 -0.24 2.80 -3.50
CA LEU B 34 -0.82 1.67 -2.79
C LEU B 34 -1.79 0.93 -3.69
N GLN B 35 -2.38 1.64 -4.65
CA GLN B 35 -3.27 1.02 -5.62
C GLN B 35 -2.51 -0.07 -6.37
N HIS B 36 -1.34 0.29 -6.88
CA HIS B 36 -0.49 -0.65 -7.58
C HIS B 36 0.03 -1.72 -6.62
N ALA B 37 0.39 -1.29 -5.42
CA ALA B 37 0.93 -2.18 -4.39
C ALA B 37 -0.05 -3.28 -4.02
N ILE B 38 -1.30 -2.91 -3.81
CA ILE B 38 -2.34 -3.86 -3.48
C ILE B 38 -2.64 -4.75 -4.68
N ARG B 39 -2.65 -4.14 -5.85
CA ARG B 39 -2.92 -4.85 -7.09
C ARG B 39 -1.87 -5.93 -7.32
N VAL B 40 -0.60 -5.60 -7.13
CA VAL B 40 0.50 -6.55 -7.33
C VAL B 40 0.58 -7.54 -6.17
N LEU B 41 0.03 -7.16 -5.04
CA LEU B 41 0.02 -8.01 -3.86
C LEU B 41 -0.90 -9.19 -4.10
N ARG B 42 -1.94 -8.95 -4.87
CA ARG B 42 -2.88 -9.97 -5.22
C ARG B 42 -2.47 -10.62 -6.54
N TYR B 43 -2.37 -9.81 -7.57
CA TYR B 43 -2.01 -10.25 -8.92
C TYR B 43 -1.30 -9.15 -9.67
N SER A 1 -1.64 7.33 14.53
CA SER A 1 -1.59 7.49 13.06
C SER A 1 -2.47 8.66 12.65
N GLY A 2 -2.71 8.80 11.35
CA GLY A 2 -3.54 9.88 10.85
C GLY A 2 -2.70 11.03 10.33
N SER A 3 -1.39 10.83 10.37
CA SER A 3 -0.44 11.85 9.94
C SER A 3 -0.65 12.23 8.48
N MET A 4 -0.40 11.29 7.58
CA MET A 4 -0.54 11.55 6.16
C MET A 4 -1.51 10.56 5.53
N LYS A 5 -2.73 11.00 5.31
CA LYS A 5 -3.74 10.16 4.71
C LYS A 5 -3.85 10.46 3.23
N LEU A 6 -3.53 9.47 2.42
CA LEU A 6 -3.57 9.64 0.98
C LEU A 6 -4.52 8.66 0.32
N SER A 7 -4.92 8.97 -0.88
CA SER A 7 -5.85 8.15 -1.62
C SER A 7 -5.14 7.48 -2.79
N VAL A 8 -5.35 6.19 -2.93
CA VAL A 8 -4.72 5.44 -4.00
C VAL A 8 -5.76 4.57 -4.70
N SER A 9 -5.52 4.31 -5.97
CA SER A 9 -6.40 3.48 -6.74
C SER A 9 -5.82 2.08 -6.83
N LEU A 10 -6.55 1.12 -6.32
CA LEU A 10 -6.10 -0.25 -6.26
C LEU A 10 -7.23 -1.16 -6.73
N SER A 11 -6.89 -2.31 -7.30
CA SER A 11 -7.91 -3.21 -7.79
C SER A 11 -8.68 -3.83 -6.61
N ASP A 12 -9.89 -4.30 -6.88
CA ASP A 12 -10.72 -4.89 -5.83
C ASP A 12 -10.10 -6.19 -5.33
N ASP A 13 -9.45 -6.90 -6.25
CA ASP A 13 -8.78 -8.15 -5.92
C ASP A 13 -7.57 -7.90 -5.03
N ASP A 14 -6.84 -6.84 -5.32
CA ASP A 14 -5.64 -6.49 -4.57
C ASP A 14 -5.98 -6.03 -3.17
N VAL A 15 -6.98 -5.15 -3.07
CA VAL A 15 -7.42 -4.65 -1.78
C VAL A 15 -7.92 -5.81 -0.92
N ALA A 16 -8.56 -6.79 -1.57
CA ALA A 16 -9.05 -7.97 -0.88
C ALA A 16 -7.90 -8.75 -0.24
N ILE A 17 -6.76 -8.79 -0.94
CA ILE A 17 -5.56 -9.46 -0.41
C ILE A 17 -5.03 -8.69 0.79
N LEU A 18 -5.00 -7.37 0.67
CA LEU A 18 -4.57 -6.52 1.78
C LEU A 18 -5.49 -6.74 2.96
N ASP A 19 -6.80 -6.73 2.69
CA ASP A 19 -7.80 -6.98 3.72
C ASP A 19 -7.58 -8.33 4.35
N ALA A 20 -7.24 -9.31 3.52
CA ALA A 20 -7.00 -10.67 3.98
C ALA A 20 -5.85 -10.70 4.97
N TYR A 21 -4.82 -9.93 4.71
CA TYR A 21 -3.69 -9.84 5.63
C TYR A 21 -4.05 -9.08 6.88
N VAL A 22 -4.71 -7.95 6.71
CA VAL A 22 -5.18 -7.16 7.84
C VAL A 22 -6.03 -8.06 8.72
N LYS A 23 -6.81 -8.87 8.06
CA LYS A 23 -7.67 -9.85 8.68
C LYS A 23 -6.85 -10.96 9.35
N ARG A 24 -5.85 -11.46 8.65
CA ARG A 24 -5.00 -12.56 9.13
C ARG A 24 -4.20 -12.15 10.36
N ALA A 25 -3.64 -10.95 10.32
CA ALA A 25 -2.82 -10.45 11.41
C ALA A 25 -3.67 -9.87 12.53
N GLY A 26 -4.95 -9.70 12.26
CA GLY A 26 -5.85 -9.13 13.26
C GLY A 26 -5.61 -7.64 13.45
N LEU A 27 -5.35 -6.96 12.35
CA LEU A 27 -5.08 -5.54 12.39
C LEU A 27 -6.39 -4.75 12.33
N PRO A 28 -6.43 -3.58 12.98
CA PRO A 28 -7.65 -2.77 13.06
C PRO A 28 -7.95 -1.98 11.78
N SER A 29 -6.93 -1.73 10.97
CA SER A 29 -7.11 -0.95 9.76
C SER A 29 -6.10 -1.34 8.69
N ARG A 30 -6.37 -0.90 7.47
CA ARG A 30 -5.50 -1.16 6.33
C ARG A 30 -4.18 -0.43 6.48
N SER A 31 -4.23 0.69 7.22
CA SER A 31 -3.06 1.50 7.48
C SER A 31 -1.95 0.68 8.15
N ALA A 32 -2.32 -0.04 9.20
CA ALA A 32 -1.36 -0.88 9.92
C ALA A 32 -0.79 -1.95 9.00
N GLY A 33 -1.60 -2.36 8.03
CA GLY A 33 -1.17 -3.34 7.06
C GLY A 33 -0.11 -2.78 6.14
N LEU A 34 -0.39 -1.62 5.56
CA LEU A 34 0.55 -0.98 4.63
C LEU A 34 1.82 -0.56 5.34
N GLN A 35 1.70 -0.13 6.58
CA GLN A 35 2.87 0.28 7.35
C GLN A 35 3.90 -0.86 7.45
N HIS A 36 3.41 -2.07 7.69
CA HIS A 36 4.30 -3.24 7.76
C HIS A 36 4.90 -3.53 6.39
N ALA A 37 4.05 -3.49 5.37
CA ALA A 37 4.43 -3.79 4.01
C ALA A 37 5.47 -2.81 3.47
N ILE A 38 5.24 -1.53 3.69
CA ILE A 38 6.15 -0.50 3.24
C ILE A 38 7.49 -0.62 3.96
N ARG A 39 7.44 -0.94 5.25
CA ARG A 39 8.64 -1.09 6.06
C ARG A 39 9.54 -2.23 5.53
N VAL A 40 8.92 -3.35 5.15
CA VAL A 40 9.69 -4.47 4.62
C VAL A 40 10.10 -4.21 3.17
N LEU A 41 9.31 -3.42 2.48
CA LEU A 41 9.56 -3.06 1.08
C LEU A 41 10.73 -2.08 1.00
N ARG A 42 10.96 -1.37 2.09
CA ARG A 42 12.05 -0.39 2.20
C ARG A 42 13.39 -1.06 1.94
N TYR A 43 13.53 -2.26 2.45
CA TYR A 43 14.75 -3.02 2.32
C TYR A 43 14.87 -3.64 0.94
N SER B 1 -6.25 3.62 -11.55
CA SER B 1 -7.08 3.67 -12.77
C SER B 1 -8.56 3.54 -12.36
N GLY B 2 -9.39 2.97 -13.23
CA GLY B 2 -10.79 2.77 -12.91
C GLY B 2 -10.97 1.56 -12.00
N SER B 3 -10.37 1.66 -10.83
CA SER B 3 -10.37 0.57 -9.88
C SER B 3 -11.06 1.00 -8.57
N MET B 4 -10.86 0.21 -7.52
CA MET B 4 -11.39 0.53 -6.22
C MET B 4 -10.58 1.66 -5.62
N LYS B 5 -11.22 2.75 -5.32
CA LYS B 5 -10.54 3.92 -4.82
C LYS B 5 -10.76 4.07 -3.32
N LEU B 6 -9.67 4.05 -2.56
CA LEU B 6 -9.73 4.20 -1.12
C LEU B 6 -8.64 5.12 -0.60
N SER B 7 -8.70 5.44 0.68
CA SER B 7 -7.72 6.31 1.31
C SER B 7 -7.14 5.63 2.55
N VAL B 8 -5.83 5.59 2.64
CA VAL B 8 -5.17 4.94 3.75
C VAL B 8 -4.36 5.95 4.57
N SER B 9 -4.14 5.63 5.83
CA SER B 9 -3.39 6.49 6.72
C SER B 9 -1.96 6.00 6.85
N LEU B 10 -1.04 6.79 6.34
CA LEU B 10 0.38 6.48 6.36
C LEU B 10 1.12 7.57 7.10
N SER B 11 2.31 7.28 7.55
CA SER B 11 3.13 8.29 8.18
C SER B 11 3.96 8.98 7.12
N ASP B 12 4.56 10.11 7.47
CA ASP B 12 5.40 10.84 6.54
C ASP B 12 6.55 9.97 6.04
N ASP B 13 7.10 9.19 6.95
CA ASP B 13 8.19 8.28 6.63
C ASP B 13 7.72 7.18 5.70
N ASP B 14 6.56 6.61 6.01
CA ASP B 14 6.00 5.49 5.25
C ASP B 14 5.70 5.88 3.82
N VAL B 15 4.99 6.98 3.64
CA VAL B 15 4.65 7.44 2.30
C VAL B 15 5.92 7.80 1.51
N ALA B 16 6.91 8.34 2.22
CA ALA B 16 8.19 8.69 1.60
C ALA B 16 8.90 7.43 1.13
N ILE B 17 8.87 6.38 1.96
CA ILE B 17 9.49 5.11 1.62
C ILE B 17 8.82 4.53 0.37
N LEU B 18 7.49 4.56 0.35
CA LEU B 18 6.75 4.07 -0.79
C LEU B 18 7.15 4.82 -2.05
N ASP B 19 7.18 6.15 -1.94
CA ASP B 19 7.57 6.99 -3.06
C ASP B 19 8.97 6.64 -3.53
N ALA B 20 9.89 6.54 -2.58
CA ALA B 20 11.27 6.23 -2.87
C ALA B 20 11.40 4.88 -3.56
N TYR B 21 10.61 3.90 -3.13
CA TYR B 21 10.63 2.59 -3.74
C TYR B 21 10.04 2.64 -5.14
N VAL B 22 8.97 3.41 -5.29
CA VAL B 22 8.33 3.60 -6.59
C VAL B 22 9.37 4.11 -7.59
N LYS B 23 10.17 5.08 -7.16
CA LYS B 23 11.23 5.63 -7.98
C LYS B 23 12.36 4.61 -8.18
N ARG B 24 12.67 3.89 -7.10
CA ARG B 24 13.74 2.89 -7.09
C ARG B 24 13.46 1.80 -8.12
N ALA B 25 12.21 1.44 -8.23
CA ALA B 25 11.80 0.37 -9.13
C ALA B 25 11.35 0.91 -10.49
N GLY B 26 11.19 2.23 -10.57
CA GLY B 26 10.75 2.83 -11.81
C GLY B 26 9.28 2.55 -12.09
N LEU B 27 8.49 2.62 -11.05
CA LEU B 27 7.08 2.36 -11.13
C LEU B 27 6.33 3.64 -11.53
N PRO B 28 5.16 3.50 -12.18
CA PRO B 28 4.39 4.66 -12.68
C PRO B 28 3.75 5.49 -11.57
N SER B 29 3.31 4.83 -10.49
CA SER B 29 2.66 5.53 -9.39
C SER B 29 2.68 4.68 -8.11
N ARG B 30 2.09 5.22 -7.05
CA ARG B 30 2.04 4.56 -5.75
C ARG B 30 1.26 3.24 -5.82
N SER B 31 0.32 3.14 -6.75
CA SER B 31 -0.49 1.93 -6.93
C SER B 31 0.41 0.72 -7.19
N ALA B 32 1.35 0.85 -8.13
CA ALA B 32 2.27 -0.24 -8.45
C ALA B 32 3.16 -0.56 -7.25
N GLY B 33 3.46 0.46 -6.46
CA GLY B 33 4.26 0.27 -5.27
C GLY B 33 3.53 -0.55 -4.25
N LEU B 34 2.24 -0.27 -4.09
CA LEU B 34 1.40 -0.99 -3.14
C LEU B 34 1.25 -2.44 -3.54
N GLN B 35 1.29 -2.71 -4.84
CA GLN B 35 1.18 -4.08 -5.33
C GLN B 35 2.32 -4.93 -4.83
N HIS B 36 3.52 -4.40 -4.92
CA HIS B 36 4.70 -5.10 -4.45
C HIS B 36 4.62 -5.27 -2.94
N ALA B 37 4.09 -4.27 -2.28
CA ALA B 37 3.91 -4.29 -0.84
C ALA B 37 2.86 -5.34 -0.44
N ILE B 38 1.80 -5.43 -1.22
CA ILE B 38 0.74 -6.39 -0.96
C ILE B 38 1.18 -7.82 -1.29
N ARG B 39 1.86 -7.95 -2.42
CA ARG B 39 2.34 -9.25 -2.88
C ARG B 39 3.30 -9.89 -1.88
N VAL B 40 4.21 -9.10 -1.31
CA VAL B 40 5.19 -9.62 -0.37
C VAL B 40 4.52 -10.08 0.95
N LEU B 41 3.33 -9.55 1.21
CA LEU B 41 2.56 -9.92 2.40
C LEU B 41 1.84 -11.23 2.18
N ARG B 42 1.68 -11.61 0.92
CA ARG B 42 1.03 -12.84 0.55
C ARG B 42 2.08 -13.91 0.34
N TYR B 43 2.87 -13.75 -0.73
CA TYR B 43 3.93 -14.69 -1.10
C TYR B 43 4.93 -13.99 -2.00
N SER A 1 3.05 6.02 17.43
CA SER A 1 3.98 6.97 16.81
C SER A 1 3.20 8.15 16.24
N GLY A 2 3.88 9.27 16.06
CA GLY A 2 3.25 10.43 15.45
C GLY A 2 3.15 10.24 13.96
N SER A 3 2.27 9.36 13.54
CA SER A 3 2.12 9.01 12.15
C SER A 3 1.32 10.04 11.38
N MET A 4 1.38 9.93 10.08
CA MET A 4 0.68 10.79 9.17
C MET A 4 -0.51 10.04 8.59
N LYS A 5 -1.69 10.58 8.74
CA LYS A 5 -2.87 9.95 8.23
C LYS A 5 -3.28 10.60 6.91
N LEU A 6 -3.26 9.83 5.84
CA LEU A 6 -3.62 10.34 4.53
C LEU A 6 -4.73 9.51 3.90
N SER A 7 -5.26 9.99 2.80
CA SER A 7 -6.31 9.31 2.10
C SER A 7 -5.84 8.97 0.69
N VAL A 8 -5.93 7.70 0.33
CA VAL A 8 -5.51 7.24 -0.97
C VAL A 8 -6.68 6.56 -1.66
N SER A 9 -6.67 6.56 -2.98
CA SER A 9 -7.67 5.89 -3.74
C SER A 9 -7.12 4.54 -4.16
N LEU A 10 -7.71 3.50 -3.61
CA LEU A 10 -7.25 2.16 -3.84
C LEU A 10 -8.31 1.36 -4.55
N SER A 11 -7.90 0.41 -5.37
CA SER A 11 -8.83 -0.39 -6.12
C SER A 11 -9.63 -1.32 -5.18
N ASP A 12 -10.78 -1.77 -5.65
CA ASP A 12 -11.66 -2.63 -4.86
C ASP A 12 -11.03 -3.98 -4.60
N ASP A 13 -10.31 -4.47 -5.59
CA ASP A 13 -9.61 -5.74 -5.46
C ASP A 13 -8.45 -5.60 -4.49
N ASP A 14 -7.74 -4.49 -4.61
CA ASP A 14 -6.58 -4.20 -3.75
C ASP A 14 -6.97 -4.07 -2.29
N VAL A 15 -8.05 -3.33 -2.00
CA VAL A 15 -8.50 -3.14 -0.62
C VAL A 15 -8.81 -4.50 0.03
N ALA A 16 -9.40 -5.41 -0.74
CA ALA A 16 -9.76 -6.72 -0.26
C ALA A 16 -8.52 -7.56 0.03
N ILE A 17 -7.54 -7.48 -0.86
CA ILE A 17 -6.29 -8.23 -0.70
C ILE A 17 -5.53 -7.74 0.52
N LEU A 18 -5.42 -6.41 0.67
CA LEU A 18 -4.75 -5.83 1.82
C LEU A 18 -5.46 -6.27 3.10
N ASP A 19 -6.78 -6.17 3.07
CA ASP A 19 -7.61 -6.54 4.21
C ASP A 19 -7.37 -8.00 4.60
N ALA A 20 -7.16 -8.84 3.58
CA ALA A 20 -6.91 -10.26 3.79
C ALA A 20 -5.57 -10.49 4.50
N TYR A 21 -4.58 -9.67 4.18
CA TYR A 21 -3.28 -9.76 4.82
C TYR A 21 -3.38 -9.28 6.26
N VAL A 22 -4.12 -8.19 6.44
CA VAL A 22 -4.31 -7.58 7.76
C VAL A 22 -4.87 -8.59 8.75
N LYS A 23 -5.94 -9.28 8.36
CA LYS A 23 -6.57 -10.26 9.22
C LYS A 23 -5.67 -11.49 9.44
N ARG A 24 -5.00 -11.96 8.39
CA ARG A 24 -4.17 -13.15 8.47
C ARG A 24 -2.90 -12.91 9.30
N ALA A 25 -2.35 -11.71 9.21
CA ALA A 25 -1.14 -11.38 9.94
C ALA A 25 -1.44 -10.98 11.39
N GLY A 26 -2.72 -10.91 11.73
CA GLY A 26 -3.11 -10.55 13.07
C GLY A 26 -2.87 -9.08 13.34
N LEU A 27 -3.19 -8.26 12.37
CA LEU A 27 -3.00 -6.82 12.48
C LEU A 27 -4.31 -6.16 12.89
N PRO A 28 -4.24 -5.11 13.72
CA PRO A 28 -5.43 -4.43 14.24
C PRO A 28 -6.02 -3.40 13.28
N SER A 29 -5.27 -3.03 12.25
CA SER A 29 -5.73 -2.02 11.31
C SER A 29 -5.08 -2.17 9.94
N ARG A 30 -5.73 -1.64 8.91
CA ARG A 30 -5.21 -1.65 7.55
C ARG A 30 -3.90 -0.88 7.48
N SER A 31 -3.74 0.09 8.37
CA SER A 31 -2.53 0.87 8.45
C SER A 31 -1.33 -0.03 8.67
N ALA A 32 -1.43 -0.93 9.65
CA ALA A 32 -0.35 -1.87 9.96
C ALA A 32 -0.05 -2.76 8.76
N GLY A 33 -1.07 -3.02 7.95
CA GLY A 33 -0.91 -3.80 6.75
C GLY A 33 0.04 -3.13 5.79
N LEU A 34 -0.13 -1.81 5.62
CA LEU A 34 0.73 -1.05 4.74
C LEU A 34 2.12 -0.90 5.31
N GLN A 35 2.24 -0.90 6.65
CA GLN A 35 3.55 -0.84 7.29
C GLN A 35 4.40 -2.03 6.84
N HIS A 36 3.78 -3.20 6.86
CA HIS A 36 4.45 -4.43 6.43
C HIS A 36 4.74 -4.38 4.93
N ALA A 37 3.74 -3.99 4.17
CA ALA A 37 3.84 -3.91 2.71
C ALA A 37 4.96 -2.97 2.28
N ILE A 38 5.02 -1.81 2.89
CA ILE A 38 6.04 -0.83 2.57
C ILE A 38 7.41 -1.29 3.05
N ARG A 39 7.46 -1.91 4.22
CA ARG A 39 8.71 -2.43 4.77
C ARG A 39 9.38 -3.42 3.83
N VAL A 40 8.58 -4.34 3.28
CA VAL A 40 9.11 -5.35 2.36
C VAL A 40 9.35 -4.73 0.97
N LEU A 41 8.57 -3.70 0.67
CA LEU A 41 8.68 -3.02 -0.61
C LEU A 41 9.97 -2.21 -0.70
N ARG A 42 10.52 -1.89 0.47
CA ARG A 42 11.76 -1.10 0.58
C ARG A 42 12.90 -1.81 -0.13
N TYR A 43 12.86 -3.11 -0.12
CA TYR A 43 13.89 -3.90 -0.75
C TYR A 43 13.42 -4.44 -2.08
N SER B 1 -13.39 4.85 -13.76
CA SER B 1 -12.38 5.91 -13.68
C SER B 1 -11.61 5.83 -12.36
N GLY B 2 -12.24 6.25 -11.27
CA GLY B 2 -11.60 6.22 -9.97
C GLY B 2 -11.93 4.98 -9.19
N SER B 3 -11.42 4.90 -7.98
CA SER B 3 -11.66 3.75 -7.12
C SER B 3 -12.08 4.22 -5.73
N MET B 4 -12.13 3.31 -4.76
CA MET B 4 -12.54 3.65 -3.42
C MET B 4 -11.45 4.45 -2.71
N LYS B 5 -11.85 5.26 -1.75
CA LYS B 5 -10.92 6.04 -0.98
C LYS B 5 -10.95 5.61 0.47
N LEU B 6 -9.77 5.46 1.04
CA LEU B 6 -9.66 5.12 2.45
C LEU B 6 -8.60 5.97 3.12
N SER B 7 -8.74 6.12 4.42
CA SER B 7 -7.78 6.89 5.19
C SER B 7 -6.91 5.94 6.01
N VAL B 8 -5.61 6.03 5.81
CA VAL B 8 -4.68 5.13 6.46
C VAL B 8 -3.60 5.93 7.19
N SER B 9 -3.10 5.36 8.27
CA SER B 9 -2.08 6.00 9.06
C SER B 9 -0.71 5.42 8.71
N LEU B 10 0.12 6.24 8.10
CA LEU B 10 1.45 5.84 7.68
C LEU B 10 2.50 6.56 8.48
N SER B 11 3.57 5.88 8.80
CA SER B 11 4.65 6.51 9.53
C SER B 11 5.45 7.39 8.58
N ASP B 12 6.28 8.26 9.13
CA ASP B 12 7.09 9.16 8.32
C ASP B 12 8.02 8.36 7.43
N ASP B 13 8.52 7.26 7.98
CA ASP B 13 9.40 6.37 7.24
C ASP B 13 8.65 5.65 6.13
N ASP B 14 7.42 5.22 6.43
CA ASP B 14 6.62 4.47 5.47
C ASP B 14 6.37 5.25 4.20
N VAL B 15 5.87 6.47 4.34
CA VAL B 15 5.60 7.30 3.19
C VAL B 15 6.88 7.63 2.43
N ALA B 16 7.99 7.81 3.16
CA ALA B 16 9.29 8.08 2.56
C ALA B 16 9.74 6.91 1.69
N ILE B 17 9.54 5.70 2.21
CA ILE B 17 9.91 4.49 1.48
C ILE B 17 9.00 4.32 0.26
N LEU B 18 7.70 4.50 0.48
CA LEU B 18 6.74 4.40 -0.61
C LEU B 18 7.07 5.41 -1.70
N ASP B 19 7.37 6.64 -1.28
CA ASP B 19 7.73 7.71 -2.20
C ASP B 19 8.93 7.32 -3.04
N ALA B 20 9.93 6.76 -2.39
CA ALA B 20 11.14 6.33 -3.07
C ALA B 20 10.86 5.20 -4.05
N TYR B 21 9.94 4.31 -3.69
CA TYR B 21 9.60 3.18 -4.54
C TYR B 21 8.81 3.65 -5.74
N VAL B 22 7.89 4.57 -5.49
CA VAL B 22 7.10 5.17 -6.54
C VAL B 22 8.03 5.75 -7.60
N LYS B 23 9.03 6.45 -7.15
CA LYS B 23 10.05 7.03 -8.02
C LYS B 23 10.92 5.94 -8.66
N ARG B 24 11.24 4.92 -7.87
CA ARG B 24 12.08 3.81 -8.32
C ARG B 24 11.47 3.08 -9.51
N ALA B 25 10.17 2.84 -9.45
CA ALA B 25 9.49 2.10 -10.50
C ALA B 25 8.83 3.03 -11.51
N GLY B 26 9.07 4.33 -11.37
CA GLY B 26 8.50 5.30 -12.29
C GLY B 26 6.98 5.33 -12.24
N LEU B 27 6.45 5.27 -11.05
CA LEU B 27 5.02 5.26 -10.84
C LEU B 27 4.48 6.68 -10.72
N PRO B 28 3.19 6.90 -11.07
CA PRO B 28 2.58 8.23 -11.04
C PRO B 28 2.16 8.72 -9.65
N SER B 29 1.72 7.80 -8.79
CA SER B 29 1.23 8.21 -7.47
C SER B 29 1.39 7.11 -6.43
N ARG B 30 0.96 7.40 -5.20
CA ARG B 30 1.03 6.46 -4.09
C ARG B 30 0.15 5.24 -4.37
N SER B 31 -0.94 5.45 -5.12
CA SER B 31 -1.85 4.36 -5.47
C SER B 31 -1.10 3.27 -6.21
N ALA B 32 -0.36 3.66 -7.25
CA ALA B 32 0.42 2.70 -8.04
C ALA B 32 1.45 2.00 -7.16
N GLY B 33 2.00 2.73 -6.21
CA GLY B 33 2.94 2.16 -5.28
C GLY B 33 2.29 1.11 -4.41
N LEU B 34 1.10 1.43 -3.92
CA LEU B 34 0.34 0.51 -3.08
C LEU B 34 -0.13 -0.69 -3.90
N GLN B 35 -0.42 -0.47 -5.19
CA GLN B 35 -0.82 -1.56 -6.08
C GLN B 35 0.27 -2.63 -6.10
N HIS B 36 1.51 -2.20 -6.30
CA HIS B 36 2.64 -3.12 -6.31
C HIS B 36 2.84 -3.74 -4.93
N ALA B 37 2.74 -2.91 -3.89
CA ALA B 37 2.93 -3.35 -2.52
C ALA B 37 1.94 -4.45 -2.14
N ILE B 38 0.69 -4.24 -2.50
CA ILE B 38 -0.36 -5.20 -2.20
C ILE B 38 -0.20 -6.46 -3.07
N ARG B 39 0.15 -6.26 -4.33
CA ARG B 39 0.34 -7.37 -5.26
C ARG B 39 1.45 -8.30 -4.78
N VAL B 40 2.57 -7.73 -4.34
CA VAL B 40 3.72 -8.52 -3.88
C VAL B 40 3.46 -9.06 -2.47
N LEU B 41 2.51 -8.47 -1.78
CA LEU B 41 2.16 -8.87 -0.44
C LEU B 41 1.32 -10.13 -0.50
N ARG B 42 0.54 -10.24 -1.55
CA ARG B 42 -0.30 -11.40 -1.77
C ARG B 42 0.51 -12.49 -2.45
N TYR B 43 1.04 -12.17 -3.61
CA TYR B 43 1.83 -13.09 -4.41
C TYR B 43 2.82 -12.33 -5.25
N SER A 1 -6.02 8.04 10.93
CA SER A 1 -7.44 8.21 10.61
C SER A 1 -7.66 9.52 9.86
N GLY A 2 -7.50 10.64 10.54
CA GLY A 2 -7.61 11.93 9.89
C GLY A 2 -6.34 12.26 9.16
N SER A 3 -6.17 11.63 8.02
CA SER A 3 -4.96 11.77 7.25
C SER A 3 -5.25 11.73 5.75
N MET A 4 -4.22 11.49 4.95
CA MET A 4 -4.35 11.43 3.50
C MET A 4 -5.27 10.32 3.06
N LYS A 5 -6.36 10.68 2.42
CA LYS A 5 -7.24 9.73 1.84
C LYS A 5 -7.03 9.73 0.35
N LEU A 6 -6.59 8.62 -0.16
CA LEU A 6 -6.29 8.51 -1.56
C LEU A 6 -6.73 7.17 -2.10
N SER A 7 -7.03 7.14 -3.38
CA SER A 7 -7.50 5.93 -4.02
C SER A 7 -6.39 5.35 -4.87
N VAL A 8 -6.21 4.06 -4.77
CA VAL A 8 -5.16 3.37 -5.49
C VAL A 8 -5.74 2.17 -6.24
N SER A 9 -5.18 1.87 -7.41
CA SER A 9 -5.61 0.72 -8.16
C SER A 9 -4.66 -0.41 -7.89
N LEU A 10 -5.13 -1.41 -7.20
CA LEU A 10 -4.30 -2.52 -6.83
C LEU A 10 -4.86 -3.79 -7.44
N SER A 11 -4.01 -4.62 -8.00
CA SER A 11 -4.46 -5.83 -8.64
C SER A 11 -5.11 -6.78 -7.65
N ASP A 12 -5.94 -7.66 -8.15
CA ASP A 12 -6.69 -8.59 -7.30
C ASP A 12 -5.76 -9.48 -6.51
N ASP A 13 -4.73 -9.96 -7.18
CA ASP A 13 -3.74 -10.83 -6.56
C ASP A 13 -3.02 -10.10 -5.41
N ASP A 14 -2.67 -8.84 -5.67
CA ASP A 14 -1.96 -8.02 -4.70
C ASP A 14 -2.83 -7.69 -3.49
N VAL A 15 -4.04 -7.20 -3.74
CA VAL A 15 -4.95 -6.85 -2.65
C VAL A 15 -5.31 -8.09 -1.82
N ALA A 16 -5.40 -9.24 -2.48
CA ALA A 16 -5.67 -10.50 -1.79
C ALA A 16 -4.54 -10.81 -0.80
N ILE A 17 -3.31 -10.45 -1.18
CA ILE A 17 -2.16 -10.64 -0.30
C ILE A 17 -2.22 -9.63 0.84
N LEU A 18 -2.65 -8.41 0.51
CA LEU A 18 -2.81 -7.36 1.51
C LEU A 18 -3.81 -7.79 2.57
N ASP A 19 -4.95 -8.33 2.14
CA ASP A 19 -5.97 -8.81 3.07
C ASP A 19 -5.41 -9.93 3.92
N ALA A 20 -4.61 -10.78 3.28
CA ALA A 20 -3.97 -11.89 3.96
C ALA A 20 -3.06 -11.38 5.06
N TYR A 21 -2.28 -10.35 4.76
CA TYR A 21 -1.37 -9.76 5.74
C TYR A 21 -2.16 -9.06 6.84
N VAL A 22 -3.17 -8.30 6.43
CA VAL A 22 -4.02 -7.57 7.37
C VAL A 22 -4.67 -8.53 8.38
N LYS A 23 -5.27 -9.59 7.87
CA LYS A 23 -5.93 -10.57 8.73
C LYS A 23 -4.90 -11.35 9.56
N ARG A 24 -3.72 -11.56 8.98
CA ARG A 24 -2.65 -12.31 9.62
C ARG A 24 -2.04 -11.52 10.79
N ALA A 25 -1.82 -10.23 10.57
CA ALA A 25 -1.20 -9.37 11.60
C ALA A 25 -2.24 -8.81 12.57
N GLY A 26 -3.51 -9.01 12.26
CA GLY A 26 -4.57 -8.52 13.12
C GLY A 26 -4.77 -7.03 12.98
N LEU A 27 -4.69 -6.55 11.76
CA LEU A 27 -4.85 -5.13 11.48
C LEU A 27 -6.31 -4.79 11.19
N PRO A 28 -6.79 -3.67 11.73
CA PRO A 28 -8.19 -3.25 11.56
C PRO A 28 -8.48 -2.64 10.19
N SER A 29 -7.47 -2.03 9.57
CA SER A 29 -7.67 -1.33 8.33
C SER A 29 -6.62 -1.72 7.30
N ARG A 30 -7.00 -1.65 6.02
CA ARG A 30 -6.06 -1.92 4.93
C ARG A 30 -4.99 -0.84 4.93
N SER A 31 -5.38 0.34 5.38
CA SER A 31 -4.48 1.46 5.50
C SER A 31 -3.30 1.11 6.41
N ALA A 32 -3.61 0.44 7.54
CA ALA A 32 -2.59 0.03 8.50
C ALA A 32 -1.61 -0.94 7.86
N GLY A 33 -2.14 -1.81 7.01
CA GLY A 33 -1.31 -2.78 6.32
C GLY A 33 -0.38 -2.09 5.35
N LEU A 34 -0.90 -1.10 4.65
CA LEU A 34 -0.11 -0.34 3.69
C LEU A 34 0.97 0.47 4.39
N GLN A 35 0.68 0.96 5.58
CA GLN A 35 1.66 1.73 6.35
C GLN A 35 2.90 0.88 6.62
N HIS A 36 2.69 -0.39 6.97
CA HIS A 36 3.79 -1.32 7.20
C HIS A 36 4.53 -1.57 5.89
N ALA A 37 3.75 -1.78 4.84
CA ALA A 37 4.29 -2.06 3.52
C ALA A 37 5.15 -0.91 3.01
N ILE A 38 4.65 0.31 3.13
CA ILE A 38 5.37 1.48 2.70
C ILE A 38 6.68 1.66 3.48
N ARG A 39 6.62 1.44 4.79
CA ARG A 39 7.77 1.60 5.66
C ARG A 39 8.96 0.76 5.19
N VAL A 40 8.69 -0.48 4.85
CA VAL A 40 9.75 -1.40 4.43
C VAL A 40 10.12 -1.16 2.95
N LEU A 41 9.24 -0.48 2.24
CA LEU A 41 9.41 -0.27 0.81
C LEU A 41 10.44 0.81 0.49
N ARG A 42 10.52 1.82 1.34
CA ARG A 42 11.43 2.94 1.08
C ARG A 42 12.86 2.60 1.42
N TYR A 43 13.04 1.50 2.10
CA TYR A 43 14.36 1.06 2.43
C TYR A 43 14.97 0.33 1.24
N SER B 1 -4.57 -2.93 -17.59
CA SER B 1 -4.08 -3.52 -16.33
C SER B 1 -5.15 -4.43 -15.70
N GLY B 2 -6.29 -3.85 -15.32
CA GLY B 2 -7.36 -4.63 -14.70
C GLY B 2 -7.06 -4.94 -13.25
N SER B 3 -7.64 -4.17 -12.34
CA SER B 3 -7.40 -4.35 -10.93
C SER B 3 -8.59 -3.92 -10.08
N MET B 4 -8.35 -3.84 -8.78
CA MET B 4 -9.33 -3.39 -7.81
C MET B 4 -8.88 -2.05 -7.23
N LYS B 5 -9.62 -1.01 -7.52
CA LYS B 5 -9.28 0.30 -7.04
C LYS B 5 -10.00 0.58 -5.73
N LEU B 6 -9.22 0.83 -4.69
CA LEU B 6 -9.75 1.06 -3.35
C LEU B 6 -9.14 2.31 -2.73
N SER B 7 -9.84 2.89 -1.77
CA SER B 7 -9.37 4.08 -1.10
C SER B 7 -8.89 3.76 0.31
N VAL B 8 -7.83 4.42 0.73
CA VAL B 8 -7.24 4.18 2.04
C VAL B 8 -6.84 5.49 2.69
N SER B 9 -6.79 5.49 4.01
CA SER B 9 -6.41 6.67 4.74
C SER B 9 -5.18 6.40 5.61
N LEU B 10 -4.06 7.01 5.25
CA LEU B 10 -2.83 6.84 6.01
C LEU B 10 -2.10 8.16 6.18
N SER B 11 -1.21 8.21 7.16
CA SER B 11 -0.52 9.44 7.54
C SER B 11 0.34 10.03 6.41
N ASP B 12 0.67 11.31 6.58
CA ASP B 12 1.51 12.07 5.64
C ASP B 12 2.87 11.42 5.49
N ASP B 13 3.39 10.88 6.59
CA ASP B 13 4.69 10.21 6.59
C ASP B 13 4.69 9.03 5.66
N ASP B 14 3.65 8.23 5.74
CA ASP B 14 3.56 7.02 4.95
C ASP B 14 3.52 7.32 3.46
N VAL B 15 2.62 8.19 3.05
CA VAL B 15 2.51 8.54 1.63
C VAL B 15 3.82 9.20 1.12
N ALA B 16 4.47 9.98 1.98
CA ALA B 16 5.75 10.61 1.62
C ALA B 16 6.83 9.55 1.41
N ILE B 17 6.85 8.58 2.33
CA ILE B 17 7.79 7.47 2.25
C ILE B 17 7.55 6.66 0.96
N LEU B 18 6.27 6.48 0.63
CA LEU B 18 5.88 5.77 -0.58
C LEU B 18 6.32 6.54 -1.82
N ASP B 19 6.12 7.86 -1.78
CA ASP B 19 6.47 8.74 -2.90
C ASP B 19 7.95 8.60 -3.23
N ALA B 20 8.76 8.48 -2.18
CA ALA B 20 10.20 8.34 -2.33
C ALA B 20 10.57 7.10 -3.13
N TYR B 21 9.89 5.99 -2.85
CA TYR B 21 10.16 4.75 -3.59
C TYR B 21 9.63 4.85 -5.01
N VAL B 22 8.42 5.39 -5.15
CA VAL B 22 7.78 5.53 -6.45
C VAL B 22 8.68 6.29 -7.42
N LYS B 23 9.17 7.44 -6.98
CA LYS B 23 10.06 8.26 -7.80
C LYS B 23 11.42 7.58 -8.00
N ARG B 24 11.85 6.82 -6.99
CA ARG B 24 13.14 6.12 -7.03
C ARG B 24 13.21 5.14 -8.19
N ALA B 25 12.15 4.38 -8.38
CA ALA B 25 12.11 3.37 -9.42
C ALA B 25 11.40 3.89 -10.67
N GLY B 26 10.94 5.14 -10.61
CA GLY B 26 10.24 5.72 -11.74
C GLY B 26 8.94 5.01 -12.04
N LEU B 27 8.22 4.66 -10.99
CA LEU B 27 6.97 3.95 -11.12
C LEU B 27 5.86 4.88 -11.59
N PRO B 28 4.91 4.36 -12.38
CA PRO B 28 3.81 5.16 -12.95
C PRO B 28 2.92 5.81 -11.89
N SER B 29 2.75 5.14 -10.75
CA SER B 29 1.90 5.66 -9.70
C SER B 29 2.12 4.90 -8.40
N ARG B 30 1.37 5.29 -7.37
CA ARG B 30 1.47 4.70 -6.04
C ARG B 30 1.11 3.21 -6.05
N SER B 31 0.25 2.84 -6.99
CA SER B 31 -0.22 1.46 -7.11
C SER B 31 0.94 0.48 -7.30
N ALA B 32 1.81 0.77 -8.25
CA ALA B 32 2.95 -0.09 -8.56
C ALA B 32 3.88 -0.19 -7.35
N GLY B 33 3.96 0.88 -6.58
CA GLY B 33 4.80 0.89 -5.41
C GLY B 33 4.27 -0.05 -4.35
N LEU B 34 2.99 0.06 -4.04
CA LEU B 34 2.35 -0.76 -3.03
C LEU B 34 2.40 -2.24 -3.39
N GLN B 35 2.31 -2.55 -4.67
CA GLN B 35 2.37 -3.93 -5.13
C GLN B 35 3.68 -4.59 -4.70
N HIS B 36 4.78 -3.88 -4.88
CA HIS B 36 6.09 -4.39 -4.50
C HIS B 36 6.19 -4.51 -2.97
N ALA B 37 5.59 -3.56 -2.28
CA ALA B 37 5.61 -3.52 -0.82
C ALA B 37 4.83 -4.68 -0.23
N ILE B 38 3.64 -4.90 -0.75
CA ILE B 38 2.79 -5.99 -0.30
C ILE B 38 3.49 -7.32 -0.55
N ARG B 39 4.16 -7.40 -1.69
CA ARG B 39 4.90 -8.59 -2.07
C ARG B 39 5.94 -8.99 -1.02
N VAL B 40 6.67 -8.02 -0.47
CA VAL B 40 7.70 -8.31 0.52
C VAL B 40 7.09 -8.64 1.90
N LEU B 41 5.82 -8.32 2.07
CA LEU B 41 5.09 -8.64 3.30
C LEU B 41 4.68 -10.10 3.31
N ARG B 42 4.91 -10.75 2.17
CA ARG B 42 4.64 -12.15 2.02
C ARG B 42 5.95 -12.88 1.83
N TYR B 43 6.59 -12.60 0.71
CA TYR B 43 7.89 -13.14 0.36
C TYR B 43 8.63 -12.16 -0.52
N SER A 1 17.07 -8.16 8.10
CA SER A 1 16.95 -6.72 7.92
C SER A 1 15.68 -6.21 8.58
N GLY A 2 15.68 -4.94 8.96
CA GLY A 2 14.52 -4.36 9.59
C GLY A 2 13.55 -3.84 8.57
N SER A 3 12.82 -4.74 7.93
CA SER A 3 11.83 -4.38 6.92
C SER A 3 10.79 -3.43 7.49
N MET A 4 10.47 -2.40 6.73
CA MET A 4 9.51 -1.40 7.19
C MET A 4 8.09 -1.95 7.08
N LYS A 5 7.63 -2.56 8.14
CA LYS A 5 6.29 -3.10 8.19
C LYS A 5 5.37 -2.17 8.97
N LEU A 6 4.38 -1.66 8.30
CA LEU A 6 3.46 -0.72 8.90
C LEU A 6 2.01 -1.17 8.77
N SER A 7 1.13 -0.42 9.40
CA SER A 7 -0.29 -0.68 9.32
C SER A 7 -0.95 0.43 8.53
N VAL A 8 -1.71 0.07 7.53
CA VAL A 8 -2.36 1.04 6.67
C VAL A 8 -3.85 0.82 6.60
N SER A 9 -4.57 1.88 6.28
CA SER A 9 -6.00 1.83 6.17
C SER A 9 -6.41 1.73 4.71
N LEU A 10 -6.96 0.60 4.34
CA LEU A 10 -7.40 0.36 2.99
C LEU A 10 -8.91 0.23 2.96
N SER A 11 -9.54 0.71 1.92
CA SER A 11 -10.97 0.59 1.80
C SER A 11 -11.33 -0.88 1.56
N ASP A 12 -12.56 -1.27 1.86
CA ASP A 12 -12.97 -2.66 1.68
C ASP A 12 -12.92 -3.04 0.20
N ASP A 13 -13.20 -2.07 -0.66
CA ASP A 13 -13.11 -2.28 -2.09
C ASP A 13 -11.65 -2.44 -2.50
N ASP A 14 -10.81 -1.57 -1.96
CA ASP A 14 -9.39 -1.52 -2.33
C ASP A 14 -8.63 -2.78 -1.92
N VAL A 15 -8.77 -3.19 -0.67
CA VAL A 15 -8.08 -4.41 -0.21
C VAL A 15 -8.52 -5.62 -1.04
N ALA A 16 -9.79 -5.64 -1.43
CA ALA A 16 -10.32 -6.72 -2.24
C ALA A 16 -9.75 -6.66 -3.66
N ILE A 17 -9.73 -5.45 -4.22
CA ILE A 17 -9.21 -5.24 -5.57
C ILE A 17 -7.72 -5.59 -5.63
N LEU A 18 -6.97 -5.13 -4.64
CA LEU A 18 -5.54 -5.41 -4.60
C LEU A 18 -5.29 -6.89 -4.49
N ASP A 19 -6.00 -7.55 -3.57
CA ASP A 19 -5.81 -8.98 -3.37
C ASP A 19 -6.15 -9.74 -4.65
N ALA A 20 -7.16 -9.24 -5.37
CA ALA A 20 -7.58 -9.83 -6.63
C ALA A 20 -6.46 -9.70 -7.66
N TYR A 21 -5.78 -8.55 -7.67
CA TYR A 21 -4.66 -8.34 -8.57
C TYR A 21 -3.51 -9.25 -8.19
N VAL A 22 -3.30 -9.40 -6.90
CA VAL A 22 -2.27 -10.27 -6.37
C VAL A 22 -2.47 -11.67 -6.94
N LYS A 23 -3.70 -12.14 -6.88
CA LYS A 23 -4.08 -13.44 -7.41
C LYS A 23 -3.98 -13.45 -8.94
N ARG A 24 -4.39 -12.34 -9.56
CA ARG A 24 -4.35 -12.19 -11.01
C ARG A 24 -2.93 -12.34 -11.51
N ALA A 25 -2.01 -11.75 -10.78
CA ALA A 25 -0.61 -11.78 -11.18
C ALA A 25 0.10 -13.00 -10.62
N GLY A 26 -0.57 -13.72 -9.74
CA GLY A 26 0.02 -14.90 -9.16
C GLY A 26 1.09 -14.56 -8.13
N LEU A 27 0.92 -13.43 -7.48
CA LEU A 27 1.86 -12.96 -6.49
C LEU A 27 1.64 -13.70 -5.17
N PRO A 28 2.73 -13.99 -4.43
CA PRO A 28 2.65 -14.75 -3.18
C PRO A 28 1.88 -14.03 -2.06
N SER A 29 1.99 -12.72 -2.01
CA SER A 29 1.36 -11.96 -0.95
C SER A 29 0.91 -10.59 -1.43
N ARG A 30 0.03 -9.95 -0.66
CA ARG A 30 -0.50 -8.63 -1.00
C ARG A 30 0.61 -7.59 -0.96
N SER A 31 1.62 -7.84 -0.13
CA SER A 31 2.79 -6.98 -0.04
C SER A 31 3.49 -6.88 -1.41
N ALA A 32 3.61 -8.04 -2.08
CA ALA A 32 4.20 -8.10 -3.41
C ALA A 32 3.35 -7.32 -4.41
N GLY A 33 2.05 -7.29 -4.16
CA GLY A 33 1.15 -6.52 -5.00
C GLY A 33 1.45 -5.05 -4.90
N LEU A 34 1.73 -4.59 -3.68
CA LEU A 34 2.07 -3.20 -3.44
C LEU A 34 3.39 -2.85 -4.12
N GLN A 35 4.27 -3.82 -4.19
CA GLN A 35 5.57 -3.63 -4.85
C GLN A 35 5.40 -3.27 -6.32
N HIS A 36 4.53 -4.01 -7.00
CA HIS A 36 4.22 -3.73 -8.40
C HIS A 36 3.52 -2.39 -8.50
N ALA A 37 2.67 -2.12 -7.54
CA ALA A 37 1.92 -0.88 -7.48
C ALA A 37 2.85 0.30 -7.26
N ILE A 38 3.86 0.12 -6.42
CA ILE A 38 4.83 1.16 -6.14
C ILE A 38 5.69 1.42 -7.38
N ARG A 39 6.07 0.34 -8.06
CA ARG A 39 6.86 0.45 -9.26
C ARG A 39 6.09 1.18 -10.37
N VAL A 40 4.81 0.84 -10.56
CA VAL A 40 4.01 1.45 -11.61
C VAL A 40 3.69 2.93 -11.29
N LEU A 41 3.74 3.28 -10.02
CA LEU A 41 3.54 4.65 -9.59
C LEU A 41 4.81 5.47 -9.78
N ARG A 42 5.90 4.76 -9.94
CA ARG A 42 7.20 5.38 -10.13
C ARG A 42 7.57 5.43 -11.61
N TYR A 43 7.70 4.25 -12.22
CA TYR A 43 8.05 4.14 -13.62
C TYR A 43 7.40 2.92 -14.25
N SER B 1 -16.48 6.27 8.88
CA SER B 1 -15.08 6.68 8.89
C SER B 1 -14.23 5.66 9.62
N GLY B 2 -13.50 4.86 8.86
CA GLY B 2 -12.68 3.83 9.43
C GLY B 2 -12.68 2.61 8.55
N SER B 3 -11.76 2.57 7.62
CA SER B 3 -11.68 1.50 6.66
C SER B 3 -10.91 0.31 7.23
N MET B 4 -10.81 -0.74 6.43
CA MET B 4 -10.11 -1.96 6.83
C MET B 4 -8.61 -1.70 6.98
N LYS B 5 -8.13 -1.86 8.19
CA LYS B 5 -6.73 -1.65 8.47
C LYS B 5 -5.98 -2.97 8.48
N LEU B 6 -4.87 -3.01 7.79
CA LEU B 6 -4.06 -4.21 7.73
C LEU B 6 -2.60 -3.90 7.98
N SER B 7 -1.86 -4.92 8.36
CA SER B 7 -0.46 -4.80 8.62
C SER B 7 0.33 -5.44 7.50
N VAL B 8 1.18 -4.65 6.85
CA VAL B 8 1.95 -5.11 5.71
C VAL B 8 3.44 -4.84 5.91
N SER B 9 4.26 -5.79 5.54
CA SER B 9 5.69 -5.64 5.62
C SER B 9 6.22 -5.26 4.24
N LEU B 10 6.73 -4.05 4.14
CA LEU B 10 7.21 -3.54 2.89
C LEU B 10 8.71 -3.29 2.96
N SER B 11 9.36 -3.23 1.81
CA SER B 11 10.78 -3.02 1.77
C SER B 11 11.13 -1.55 1.98
N ASP B 12 12.36 -1.28 2.42
CA ASP B 12 12.80 0.08 2.75
C ASP B 12 12.79 0.99 1.53
N ASP B 13 13.28 0.49 0.42
CA ASP B 13 13.36 1.27 -0.80
C ASP B 13 11.99 1.63 -1.33
N ASP B 14 11.10 0.68 -1.29
CA ASP B 14 9.77 0.86 -1.84
C ASP B 14 8.93 1.80 -0.99
N VAL B 15 9.07 1.71 0.33
CA VAL B 15 8.37 2.61 1.22
C VAL B 15 8.80 4.05 0.96
N ALA B 16 10.10 4.23 0.71
CA ALA B 16 10.65 5.55 0.39
C ALA B 16 10.05 6.07 -0.92
N ILE B 17 9.85 5.17 -1.88
CA ILE B 17 9.24 5.55 -3.16
C ILE B 17 7.77 5.90 -2.95
N LEU B 18 7.08 5.11 -2.13
CA LEU B 18 5.70 5.41 -1.78
C LEU B 18 5.62 6.76 -1.12
N ASP B 19 6.53 7.00 -0.18
CA ASP B 19 6.62 8.28 0.52
C ASP B 19 6.82 9.42 -0.47
N ALA B 20 7.63 9.15 -1.50
CA ALA B 20 7.86 10.12 -2.55
C ALA B 20 6.58 10.41 -3.30
N TYR B 21 5.83 9.35 -3.61
CA TYR B 21 4.56 9.50 -4.30
C TYR B 21 3.55 10.24 -3.43
N VAL B 22 3.58 9.96 -2.14
CA VAL B 22 2.67 10.60 -1.18
C VAL B 22 2.84 12.12 -1.22
N LYS B 23 4.08 12.60 -1.10
CA LYS B 23 4.36 14.03 -1.16
C LYS B 23 4.14 14.58 -2.58
N ARG B 24 4.44 13.74 -3.57
CA ARG B 24 4.31 14.08 -4.98
C ARG B 24 2.85 14.27 -5.40
N ALA B 25 1.98 13.43 -4.88
CA ALA B 25 0.58 13.50 -5.21
C ALA B 25 -0.17 14.43 -4.26
N GLY B 26 0.50 14.83 -3.19
CA GLY B 26 -0.12 15.69 -2.22
C GLY B 26 -1.06 14.94 -1.30
N LEU B 27 -0.63 13.78 -0.85
CA LEU B 27 -1.42 12.95 0.01
C LEU B 27 -0.96 13.08 1.46
N PRO B 28 -1.88 12.88 2.43
CA PRO B 28 -1.57 13.03 3.86
C PRO B 28 -1.00 11.75 4.52
N SER B 29 -1.27 10.60 3.92
CA SER B 29 -0.85 9.33 4.52
C SER B 29 -0.45 8.32 3.44
N ARG B 30 0.31 7.31 3.85
CA ARG B 30 0.72 6.25 2.95
C ARG B 30 -0.50 5.46 2.51
N SER B 31 -1.52 5.42 3.38
CA SER B 31 -2.77 4.73 3.08
C SER B 31 -3.42 5.30 1.82
N ALA B 32 -3.41 6.64 1.71
CA ALA B 32 -3.97 7.31 0.56
C ALA B 32 -3.18 6.96 -0.70
N GLY B 33 -1.88 6.78 -0.53
CA GLY B 33 -1.04 6.41 -1.64
C GLY B 33 -1.35 5.01 -2.12
N LEU B 34 -1.62 4.13 -1.17
CA LEU B 34 -1.96 2.75 -1.49
C LEU B 34 -3.29 2.67 -2.21
N GLN B 35 -4.25 3.51 -1.80
CA GLN B 35 -5.54 3.56 -2.48
C GLN B 35 -5.35 3.91 -3.96
N HIS B 36 -4.45 4.86 -4.23
CA HIS B 36 -4.13 5.22 -5.61
C HIS B 36 -3.44 4.06 -6.32
N ALA B 37 -2.50 3.45 -5.62
CA ALA B 37 -1.73 2.33 -6.14
C ALA B 37 -2.63 1.15 -6.50
N ILE B 38 -3.65 0.95 -5.70
CA ILE B 38 -4.61 -0.13 -5.93
C ILE B 38 -5.50 0.18 -7.14
N ARG B 39 -5.90 1.44 -7.27
CA ARG B 39 -6.75 1.86 -8.39
C ARG B 39 -6.10 1.55 -9.74
N VAL B 40 -4.81 1.82 -9.86
CA VAL B 40 -4.11 1.59 -11.11
C VAL B 40 -3.91 0.08 -11.34
N LEU B 41 -3.98 -0.70 -10.27
CA LEU B 41 -3.85 -2.15 -10.36
C LEU B 41 -5.18 -2.81 -10.66
N ARG B 42 -6.27 -2.08 -10.43
CA ARG B 42 -7.60 -2.58 -10.72
C ARG B 42 -7.73 -2.84 -12.20
N TYR B 43 -7.17 -1.96 -12.99
CA TYR B 43 -7.22 -2.07 -14.43
C TYR B 43 -5.90 -2.61 -14.96
#